data_7GAL
# 
_entry.id   7GAL 
# 
_audit_conform.dict_name       mmcif_pdbx.dic 
_audit_conform.dict_version    5.396 
_audit_conform.dict_location   http://mmcif.pdb.org/dictionaries/ascii/mmcif_pdbx.dic 
# 
loop_
_database_2.database_id 
_database_2.database_code 
_database_2.pdbx_database_accession 
_database_2.pdbx_DOI 
PDB   7GAL         pdb_00007gal 10.2210/pdb7gal/pdb 
WWPDB D_1001405942 ?            ?                   
# 
_pdbx_audit_revision_history.ordinal             1 
_pdbx_audit_revision_history.data_content_type   'Structure model' 
_pdbx_audit_revision_history.major_revision      1 
_pdbx_audit_revision_history.minor_revision      0 
_pdbx_audit_revision_history.revision_date       2024-09-04 
# 
_pdbx_audit_revision_details.ordinal             1 
_pdbx_audit_revision_details.revision_ordinal    1 
_pdbx_audit_revision_details.data_content_type   'Structure model' 
_pdbx_audit_revision_details.provider            repository 
_pdbx_audit_revision_details.type                'Initial release' 
_pdbx_audit_revision_details.description         ? 
_pdbx_audit_revision_details.details             ? 
# 
_pdbx_database_status.entry_id                        7GAL 
_pdbx_database_status.status_code                     REL 
_pdbx_database_status.status_code_sf                  REL 
_pdbx_database_status.status_code_mr                  ? 
_pdbx_database_status.status_code_cs                  ? 
_pdbx_database_status.recvd_initial_deposition_date   2023-08-10 
_pdbx_database_status.status_code_nmr_data            ? 
_pdbx_database_status.deposit_site                    RCSB 
_pdbx_database_status.process_site                    RCSB 
_pdbx_database_status.SG_entry                        ? 
_pdbx_database_status.pdb_format_compatible           Y 
_pdbx_database_status.methods_development_category    ? 
# 
_pdbx_contact_author.id                 1 
_pdbx_contact_author.email              knapp@pharmchem.uni-frankfurt.de 
_pdbx_contact_author.name_first         Stefan 
_pdbx_contact_author.name_last          Knapp 
_pdbx_contact_author.role               'principal investigator/group leader' 
_pdbx_contact_author.identifier_ORCID   0000-0001-5995-6494 
_pdbx_contact_author.name_mi            ? 
# 
loop_
_audit_author.name 
_audit_author.pdbx_ordinal 
_audit_author.identifier_ORCID 
'Kumar, A.'                            1 ? 
'Marples, P.G.'                        2 ? 
'Tomlinson, C.W.E.'                    3 ? 
'Fearon, D.'                           4 ? 
'von-Delft, F.'                        5 ? 
'Knapp, S.'                            6 ? 
'Structural Genomics Consortium (SGC)' 7 ? 
# 
_citation.id                        primary 
_citation.title                     'PanDDA analysis group deposition' 
_citation.journal_abbrev            'To Be Published' 
_citation.journal_volume            ? 
_citation.page_first                ? 
_citation.page_last                 ? 
_citation.year                      ? 
_citation.journal_id_ASTM           ? 
_citation.country                   ? 
_citation.journal_id_ISSN           ? 
_citation.journal_id_CSD            0353 
_citation.book_publisher            ? 
_citation.pdbx_database_id_PubMed   ? 
_citation.pdbx_database_id_DOI      ? 
# 
loop_
_citation_author.citation_id 
_citation_author.name 
_citation_author.identifier_ORCID 
_citation_author.ordinal 
primary 'Kumar, A.'                            ? 1 
primary 'Knapp, S.'                            ? 2 
primary 'Structural Genomics Consortium (SGC)' ? 3 
# 
loop_
_entity.id 
_entity.type 
_entity.src_method 
_entity.pdbx_description 
_entity.formula_weight 
_entity.pdbx_number_of_molecules 
_entity.pdbx_ec 
_entity.pdbx_mutation 
_entity.pdbx_fragment 
_entity.details 
1 polymer     man 'Microtubule-associated proteins 1A/1B light chain 3B' 14237.361 1  ? TruncationafterGly120 ? ? 
2 non-polymer syn '1-[2-(trifluoromethyloxy)phenyl]thiourea'             236.214   1  ? ?                     ? ? 
3 non-polymer syn 1,2-ETHANEDIOL                                         62.068    9  ? ?                     ? ? 
4 non-polymer syn 'CHLORIDE ION'                                         35.453    1  ? ?                     ? ? 
5 water       nat water                                                  18.015    87 ? ?                     ? ? 
# 
_entity_name_com.entity_id   1 
_entity_name_com.name        
;Autophagy-related protein LC3 B,Autophagy-related ubiquitin-like modifier LC3 B,MAP1 light chain 3-like protein 2,MAP1A/MAP1B light chain 3 B,MAP1A/MAP1B LC3 B,Microtubule-associated protein 1 light chain 3 beta
;
# 
_entity_poly.entity_id                      1 
_entity_poly.type                           'polypeptide(L)' 
_entity_poly.nstd_linkage                   no 
_entity_poly.nstd_monomer                   no 
_entity_poly.pdbx_seq_one_letter_code       
;SMPSEKTFKQRRTFEQRVEDVRLIREQHPTKIPVIIERYKGEKQLPVLDKTKFLVPDHVNMSELIKIIRRRLQLNANQAF
FLLVNGHSMVSVSTPISEVYESEKDEDGFLYMVYASQETFG
;
_entity_poly.pdbx_seq_one_letter_code_can   
;SMPSEKTFKQRRTFEQRVEDVRLIREQHPTKIPVIIERYKGEKQLPVLDKTKFLVPDHVNMSELIKIIRRRLQLNANQAF
FLLVNGHSMVSVSTPISEVYESEKDEDGFLYMVYASQETFG
;
_entity_poly.pdbx_strand_id                 A 
_entity_poly.pdbx_target_identifier         ? 
# 
loop_
_pdbx_entity_nonpoly.entity_id 
_pdbx_entity_nonpoly.name 
_pdbx_entity_nonpoly.comp_id 
2 '1-[2-(trifluoromethyloxy)phenyl]thiourea' LV4 
3 1,2-ETHANEDIOL                             EDO 
4 'CHLORIDE ION'                             CL  
5 water                                      HOH 
# 
loop_
_entity_poly_seq.entity_id 
_entity_poly_seq.num 
_entity_poly_seq.mon_id 
_entity_poly_seq.hetero 
1 1   SER n 
1 2   MET n 
1 3   PRO n 
1 4   SER n 
1 5   GLU n 
1 6   LYS n 
1 7   THR n 
1 8   PHE n 
1 9   LYS n 
1 10  GLN n 
1 11  ARG n 
1 12  ARG n 
1 13  THR n 
1 14  PHE n 
1 15  GLU n 
1 16  GLN n 
1 17  ARG n 
1 18  VAL n 
1 19  GLU n 
1 20  ASP n 
1 21  VAL n 
1 22  ARG n 
1 23  LEU n 
1 24  ILE n 
1 25  ARG n 
1 26  GLU n 
1 27  GLN n 
1 28  HIS n 
1 29  PRO n 
1 30  THR n 
1 31  LYS n 
1 32  ILE n 
1 33  PRO n 
1 34  VAL n 
1 35  ILE n 
1 36  ILE n 
1 37  GLU n 
1 38  ARG n 
1 39  TYR n 
1 40  LYS n 
1 41  GLY n 
1 42  GLU n 
1 43  LYS n 
1 44  GLN n 
1 45  LEU n 
1 46  PRO n 
1 47  VAL n 
1 48  LEU n 
1 49  ASP n 
1 50  LYS n 
1 51  THR n 
1 52  LYS n 
1 53  PHE n 
1 54  LEU n 
1 55  VAL n 
1 56  PRO n 
1 57  ASP n 
1 58  HIS n 
1 59  VAL n 
1 60  ASN n 
1 61  MET n 
1 62  SER n 
1 63  GLU n 
1 64  LEU n 
1 65  ILE n 
1 66  LYS n 
1 67  ILE n 
1 68  ILE n 
1 69  ARG n 
1 70  ARG n 
1 71  ARG n 
1 72  LEU n 
1 73  GLN n 
1 74  LEU n 
1 75  ASN n 
1 76  ALA n 
1 77  ASN n 
1 78  GLN n 
1 79  ALA n 
1 80  PHE n 
1 81  PHE n 
1 82  LEU n 
1 83  LEU n 
1 84  VAL n 
1 85  ASN n 
1 86  GLY n 
1 87  HIS n 
1 88  SER n 
1 89  MET n 
1 90  VAL n 
1 91  SER n 
1 92  VAL n 
1 93  SER n 
1 94  THR n 
1 95  PRO n 
1 96  ILE n 
1 97  SER n 
1 98  GLU n 
1 99  VAL n 
1 100 TYR n 
1 101 GLU n 
1 102 SER n 
1 103 GLU n 
1 104 LYS n 
1 105 ASP n 
1 106 GLU n 
1 107 ASP n 
1 108 GLY n 
1 109 PHE n 
1 110 LEU n 
1 111 TYR n 
1 112 MET n 
1 113 VAL n 
1 114 TYR n 
1 115 ALA n 
1 116 SER n 
1 117 GLN n 
1 118 GLU n 
1 119 THR n 
1 120 PHE n 
1 121 GLY n 
# 
_entity_src_gen.entity_id                          1 
_entity_src_gen.pdbx_src_id                        1 
_entity_src_gen.pdbx_alt_source_flag               sample 
_entity_src_gen.pdbx_seq_type                      'Biological sequence' 
_entity_src_gen.pdbx_beg_seq_num                   1 
_entity_src_gen.pdbx_end_seq_num                   121 
_entity_src_gen.gene_src_common_name               human 
_entity_src_gen.gene_src_genus                     ? 
_entity_src_gen.pdbx_gene_src_gene                 'MAP1LC3B, MAP1ALC3' 
_entity_src_gen.gene_src_species                   ? 
_entity_src_gen.gene_src_strain                    ? 
_entity_src_gen.gene_src_tissue                    ? 
_entity_src_gen.gene_src_tissue_fraction           ? 
_entity_src_gen.gene_src_details                   ? 
_entity_src_gen.pdbx_gene_src_fragment             ? 
_entity_src_gen.pdbx_gene_src_scientific_name      'Homo sapiens' 
_entity_src_gen.pdbx_gene_src_ncbi_taxonomy_id     9606 
_entity_src_gen.pdbx_gene_src_variant              ? 
_entity_src_gen.pdbx_gene_src_cell_line            ? 
_entity_src_gen.pdbx_gene_src_atcc                 ? 
_entity_src_gen.pdbx_gene_src_organ                ? 
_entity_src_gen.pdbx_gene_src_organelle            ? 
_entity_src_gen.pdbx_gene_src_cell                 ? 
_entity_src_gen.pdbx_gene_src_cellular_location    ? 
_entity_src_gen.host_org_common_name               ? 
_entity_src_gen.pdbx_host_org_scientific_name      'Escherichia coli' 
_entity_src_gen.pdbx_host_org_ncbi_taxonomy_id     562 
_entity_src_gen.host_org_genus                     ? 
_entity_src_gen.pdbx_host_org_gene                 ? 
_entity_src_gen.pdbx_host_org_organ                ? 
_entity_src_gen.host_org_species                   ? 
_entity_src_gen.pdbx_host_org_tissue               ? 
_entity_src_gen.pdbx_host_org_tissue_fraction      ? 
_entity_src_gen.pdbx_host_org_strain               ? 
_entity_src_gen.pdbx_host_org_variant              ? 
_entity_src_gen.pdbx_host_org_cell_line            ? 
_entity_src_gen.pdbx_host_org_atcc                 ? 
_entity_src_gen.pdbx_host_org_culture_collection   ? 
_entity_src_gen.pdbx_host_org_cell                 ? 
_entity_src_gen.pdbx_host_org_organelle            ? 
_entity_src_gen.pdbx_host_org_cellular_location    ? 
_entity_src_gen.pdbx_host_org_vector_type          ? 
_entity_src_gen.pdbx_host_org_vector               ? 
_entity_src_gen.host_org_details                   ? 
_entity_src_gen.expression_system_id               ? 
_entity_src_gen.plasmid_name                       ? 
_entity_src_gen.plasmid_details                    ? 
_entity_src_gen.pdbx_description                   ? 
# 
loop_
_chem_comp.id 
_chem_comp.type 
_chem_comp.mon_nstd_flag 
_chem_comp.name 
_chem_comp.pdbx_synonyms 
_chem_comp.formula 
_chem_comp.formula_weight 
ALA 'L-peptide linking' y ALANINE                                    ?                 'C3 H7 N O2'      89.093  
ARG 'L-peptide linking' y ARGININE                                   ?                 'C6 H15 N4 O2 1'  175.209 
ASN 'L-peptide linking' y ASPARAGINE                                 ?                 'C4 H8 N2 O3'     132.118 
ASP 'L-peptide linking' y 'ASPARTIC ACID'                            ?                 'C4 H7 N O4'      133.103 
CL  non-polymer         . 'CHLORIDE ION'                             ?                 'Cl -1'           35.453  
EDO non-polymer         . 1,2-ETHANEDIOL                             'ETHYLENE GLYCOL' 'C2 H6 O2'        62.068  
GLN 'L-peptide linking' y GLUTAMINE                                  ?                 'C5 H10 N2 O3'    146.144 
GLU 'L-peptide linking' y 'GLUTAMIC ACID'                            ?                 'C5 H9 N O4'      147.129 
GLY 'peptide linking'   y GLYCINE                                    ?                 'C2 H5 N O2'      75.067  
HIS 'L-peptide linking' y HISTIDINE                                  ?                 'C6 H10 N3 O2 1'  156.162 
HOH non-polymer         . WATER                                      ?                 'H2 O'            18.015  
ILE 'L-peptide linking' y ISOLEUCINE                                 ?                 'C6 H13 N O2'     131.173 
LEU 'L-peptide linking' y LEUCINE                                    ?                 'C6 H13 N O2'     131.173 
LV4 non-polymer         . '1-[2-(trifluoromethyloxy)phenyl]thiourea' ?                 'C8 H7 F3 N2 O S' 236.214 
LYS 'L-peptide linking' y LYSINE                                     ?                 'C6 H15 N2 O2 1'  147.195 
MET 'L-peptide linking' y METHIONINE                                 ?                 'C5 H11 N O2 S'   149.211 
PHE 'L-peptide linking' y PHENYLALANINE                              ?                 'C9 H11 N O2'     165.189 
PRO 'L-peptide linking' y PROLINE                                    ?                 'C5 H9 N O2'      115.130 
SER 'L-peptide linking' y SERINE                                     ?                 'C3 H7 N O3'      105.093 
THR 'L-peptide linking' y THREONINE                                  ?                 'C4 H9 N O3'      119.119 
TYR 'L-peptide linking' y TYROSINE                                   ?                 'C9 H11 N O3'     181.189 
VAL 'L-peptide linking' y VALINE                                     ?                 'C5 H11 N O2'     117.146 
# 
loop_
_pdbx_poly_seq_scheme.asym_id 
_pdbx_poly_seq_scheme.entity_id 
_pdbx_poly_seq_scheme.seq_id 
_pdbx_poly_seq_scheme.mon_id 
_pdbx_poly_seq_scheme.ndb_seq_num 
_pdbx_poly_seq_scheme.pdb_seq_num 
_pdbx_poly_seq_scheme.auth_seq_num 
_pdbx_poly_seq_scheme.pdb_mon_id 
_pdbx_poly_seq_scheme.auth_mon_id 
_pdbx_poly_seq_scheme.pdb_strand_id 
_pdbx_poly_seq_scheme.pdb_ins_code 
_pdbx_poly_seq_scheme.hetero 
A 1 1   SER 1   0   ?   ?   ?   A . n 
A 1 2   MET 2   1   ?   ?   ?   A . n 
A 1 3   PRO 3   2   ?   ?   ?   A . n 
A 1 4   SER 4   3   ?   ?   ?   A . n 
A 1 5   GLU 5   4   ?   ?   ?   A . n 
A 1 6   LYS 6   5   5   LYS LYS A . n 
A 1 7   THR 7   6   6   THR THR A . n 
A 1 8   PHE 8   7   7   PHE PHE A . n 
A 1 9   LYS 9   8   8   LYS LYS A . n 
A 1 10  GLN 10  9   9   GLN GLN A . n 
A 1 11  ARG 11  10  10  ARG ARG A . n 
A 1 12  ARG 12  11  11  ARG ARG A . n 
A 1 13  THR 13  12  12  THR THR A . n 
A 1 14  PHE 14  13  13  PHE PHE A . n 
A 1 15  GLU 15  14  14  GLU GLU A . n 
A 1 16  GLN 16  15  15  GLN GLN A . n 
A 1 17  ARG 17  16  16  ARG ARG A . n 
A 1 18  VAL 18  17  17  VAL VAL A . n 
A 1 19  GLU 19  18  18  GLU GLU A . n 
A 1 20  ASP 20  19  19  ASP ASP A . n 
A 1 21  VAL 21  20  20  VAL VAL A . n 
A 1 22  ARG 22  21  21  ARG ARG A . n 
A 1 23  LEU 23  22  22  LEU LEU A . n 
A 1 24  ILE 24  23  23  ILE ILE A . n 
A 1 25  ARG 25  24  24  ARG ARG A . n 
A 1 26  GLU 26  25  25  GLU GLU A . n 
A 1 27  GLN 27  26  26  GLN GLN A . n 
A 1 28  HIS 28  27  27  HIS HIS A . n 
A 1 29  PRO 29  28  28  PRO PRO A . n 
A 1 30  THR 30  29  29  THR THR A . n 
A 1 31  LYS 31  30  30  LYS LYS A . n 
A 1 32  ILE 32  31  31  ILE ILE A . n 
A 1 33  PRO 33  32  32  PRO PRO A . n 
A 1 34  VAL 34  33  33  VAL VAL A . n 
A 1 35  ILE 35  34  34  ILE ILE A . n 
A 1 36  ILE 36  35  35  ILE ILE A . n 
A 1 37  GLU 37  36  36  GLU GLU A . n 
A 1 38  ARG 38  37  37  ARG ARG A . n 
A 1 39  TYR 39  38  38  TYR TYR A . n 
A 1 40  LYS 40  39  39  LYS LYS A . n 
A 1 41  GLY 41  40  40  GLY GLY A . n 
A 1 42  GLU 42  41  41  GLU GLU A . n 
A 1 43  LYS 43  42  42  LYS LYS A . n 
A 1 44  GLN 44  43  43  GLN GLN A . n 
A 1 45  LEU 45  44  44  LEU LEU A . n 
A 1 46  PRO 46  45  45  PRO PRO A . n 
A 1 47  VAL 47  46  46  VAL VAL A . n 
A 1 48  LEU 48  47  47  LEU LEU A . n 
A 1 49  ASP 49  48  48  ASP ASP A . n 
A 1 50  LYS 50  49  49  LYS LYS A . n 
A 1 51  THR 51  50  50  THR THR A . n 
A 1 52  LYS 52  51  51  LYS LYS A . n 
A 1 53  PHE 53  52  52  PHE PHE A . n 
A 1 54  LEU 54  53  53  LEU LEU A . n 
A 1 55  VAL 55  54  54  VAL VAL A . n 
A 1 56  PRO 56  55  55  PRO PRO A . n 
A 1 57  ASP 57  56  56  ASP ASP A . n 
A 1 58  HIS 58  57  57  HIS HIS A . n 
A 1 59  VAL 59  58  58  VAL VAL A . n 
A 1 60  ASN 60  59  59  ASN ASN A . n 
A 1 61  MET 61  60  60  MET MET A . n 
A 1 62  SER 62  61  61  SER SER A . n 
A 1 63  GLU 63  62  62  GLU GLU A . n 
A 1 64  LEU 64  63  63  LEU LEU A . n 
A 1 65  ILE 65  64  64  ILE ILE A . n 
A 1 66  LYS 66  65  65  LYS LYS A . n 
A 1 67  ILE 67  66  66  ILE ILE A . n 
A 1 68  ILE 68  67  67  ILE ILE A . n 
A 1 69  ARG 69  68  68  ARG ARG A . n 
A 1 70  ARG 70  69  69  ARG ARG A . n 
A 1 71  ARG 71  70  70  ARG ARG A . n 
A 1 72  LEU 72  71  71  LEU LEU A . n 
A 1 73  GLN 73  72  72  GLN GLN A . n 
A 1 74  LEU 74  73  73  LEU LEU A . n 
A 1 75  ASN 75  74  74  ASN ASN A . n 
A 1 76  ALA 76  75  75  ALA ALA A . n 
A 1 77  ASN 77  76  76  ASN ASN A . n 
A 1 78  GLN 78  77  77  GLN GLN A . n 
A 1 79  ALA 79  78  78  ALA ALA A . n 
A 1 80  PHE 80  79  79  PHE PHE A . n 
A 1 81  PHE 81  80  80  PHE PHE A . n 
A 1 82  LEU 82  81  81  LEU LEU A . n 
A 1 83  LEU 83  82  82  LEU LEU A . n 
A 1 84  VAL 84  83  83  VAL VAL A . n 
A 1 85  ASN 85  84  84  ASN ASN A . n 
A 1 86  GLY 86  85  85  GLY GLY A . n 
A 1 87  HIS 87  86  86  HIS HIS A . n 
A 1 88  SER 88  87  87  SER SER A . n 
A 1 89  MET 89  88  88  MET MET A . n 
A 1 90  VAL 90  89  89  VAL VAL A . n 
A 1 91  SER 91  90  90  SER SER A . n 
A 1 92  VAL 92  91  91  VAL VAL A . n 
A 1 93  SER 93  92  92  SER SER A . n 
A 1 94  THR 94  93  93  THR THR A . n 
A 1 95  PRO 95  94  94  PRO PRO A . n 
A 1 96  ILE 96  95  95  ILE ILE A . n 
A 1 97  SER 97  96  96  SER SER A . n 
A 1 98  GLU 98  97  97  GLU GLU A . n 
A 1 99  VAL 99  98  98  VAL VAL A . n 
A 1 100 TYR 100 99  99  TYR TYR A . n 
A 1 101 GLU 101 100 100 GLU GLU A . n 
A 1 102 SER 102 101 101 SER SER A . n 
A 1 103 GLU 103 102 102 GLU GLU A . n 
A 1 104 LYS 104 103 103 LYS LYS A . n 
A 1 105 ASP 105 104 104 ASP ASP A . n 
A 1 106 GLU 106 105 105 GLU GLU A . n 
A 1 107 ASP 107 106 106 ASP ASP A . n 
A 1 108 GLY 108 107 107 GLY GLY A . n 
A 1 109 PHE 109 108 108 PHE PHE A . n 
A 1 110 LEU 110 109 109 LEU LEU A . n 
A 1 111 TYR 111 110 110 TYR TYR A . n 
A 1 112 MET 112 111 111 MET MET A . n 
A 1 113 VAL 113 112 112 VAL VAL A . n 
A 1 114 TYR 114 113 113 TYR TYR A . n 
A 1 115 ALA 115 114 114 ALA ALA A . n 
A 1 116 SER 116 115 115 SER SER A . n 
A 1 117 GLN 117 116 116 GLN GLN A . n 
A 1 118 GLU 118 117 117 GLU GLU A . n 
A 1 119 THR 119 118 118 THR THR A . n 
A 1 120 PHE 120 119 119 PHE PHE A . n 
A 1 121 GLY 121 120 ?   ?   ?   A . n 
# 
_pdbx_entity_instance_feature.ordinal        1 
_pdbx_entity_instance_feature.comp_id        LV4 
_pdbx_entity_instance_feature.asym_id        ? 
_pdbx_entity_instance_feature.seq_num        ? 
_pdbx_entity_instance_feature.auth_comp_id   LV4 
_pdbx_entity_instance_feature.auth_asym_id   ? 
_pdbx_entity_instance_feature.auth_seq_num   ? 
_pdbx_entity_instance_feature.feature_type   'SUBJECT OF INVESTIGATION' 
_pdbx_entity_instance_feature.details        ? 
# 
loop_
_pdbx_nonpoly_scheme.asym_id 
_pdbx_nonpoly_scheme.entity_id 
_pdbx_nonpoly_scheme.mon_id 
_pdbx_nonpoly_scheme.ndb_seq_num 
_pdbx_nonpoly_scheme.pdb_seq_num 
_pdbx_nonpoly_scheme.auth_seq_num 
_pdbx_nonpoly_scheme.pdb_mon_id 
_pdbx_nonpoly_scheme.auth_mon_id 
_pdbx_nonpoly_scheme.pdb_strand_id 
_pdbx_nonpoly_scheme.pdb_ins_code 
B 2 LV4 1  201 201 LV4 LIG A . 
C 3 EDO 1  202 105 EDO EDO A . 
D 3 EDO 1  203 106 EDO EDO A . 
E 3 EDO 1  204 107 EDO EDO A . 
F 3 EDO 1  205 108 EDO EDO A . 
G 3 EDO 1  206 109 EDO EDO A . 
H 3 EDO 1  207 110 EDO EDO A . 
I 3 EDO 1  208 111 EDO EDO A . 
J 3 EDO 1  209 112 EDO EDO A . 
K 3 EDO 1  210 113 EDO EDO A . 
L 4 CL  1  211 114 CL  CL  A . 
M 5 HOH 1  301 56  HOH HOH A . 
M 5 HOH 2  302 62  HOH HOH A . 
M 5 HOH 3  303 34  HOH HOH A . 
M 5 HOH 4  304 51  HOH HOH A . 
M 5 HOH 5  305 47  HOH HOH A . 
M 5 HOH 6  306 43  HOH HOH A . 
M 5 HOH 7  307 48  HOH HOH A . 
M 5 HOH 8  308 45  HOH HOH A . 
M 5 HOH 9  309 33  HOH HOH A . 
M 5 HOH 10 310 59  HOH HOH A . 
M 5 HOH 11 311 42  HOH HOH A . 
M 5 HOH 12 312 64  HOH HOH A . 
M 5 HOH 13 313 40  HOH HOH A . 
M 5 HOH 14 314 19  HOH HOH A . 
M 5 HOH 15 315 21  HOH HOH A . 
M 5 HOH 16 316 84  HOH HOH A . 
M 5 HOH 17 317 55  HOH HOH A . 
M 5 HOH 18 318 27  HOH HOH A . 
M 5 HOH 19 319 4   HOH HOH A . 
M 5 HOH 20 320 10  HOH HOH A . 
M 5 HOH 21 321 82  HOH HOH A . 
M 5 HOH 22 322 41  HOH HOH A . 
M 5 HOH 23 323 17  HOH HOH A . 
M 5 HOH 24 324 91  HOH HOH A . 
M 5 HOH 25 325 49  HOH HOH A . 
M 5 HOH 26 326 86  HOH HOH A . 
M 5 HOH 27 327 9   HOH HOH A . 
M 5 HOH 28 328 16  HOH HOH A . 
M 5 HOH 29 329 71  HOH HOH A . 
M 5 HOH 30 330 20  HOH HOH A . 
M 5 HOH 31 331 8   HOH HOH A . 
M 5 HOH 32 332 2   HOH HOH A . 
M 5 HOH 33 333 75  HOH HOH A . 
M 5 HOH 34 334 1   HOH HOH A . 
M 5 HOH 35 335 54  HOH HOH A . 
M 5 HOH 36 336 7   HOH HOH A . 
M 5 HOH 37 337 35  HOH HOH A . 
M 5 HOH 38 338 32  HOH HOH A . 
M 5 HOH 39 339 73  HOH HOH A . 
M 5 HOH 40 340 77  HOH HOH A . 
M 5 HOH 41 341 12  HOH HOH A . 
M 5 HOH 42 342 89  HOH HOH A . 
M 5 HOH 43 343 13  HOH HOH A . 
M 5 HOH 44 344 3   HOH HOH A . 
M 5 HOH 45 345 15  HOH HOH A . 
M 5 HOH 46 346 25  HOH HOH A . 
M 5 HOH 47 347 24  HOH HOH A . 
M 5 HOH 48 348 66  HOH HOH A . 
M 5 HOH 49 349 31  HOH HOH A . 
M 5 HOH 50 350 72  HOH HOH A . 
M 5 HOH 51 351 14  HOH HOH A . 
M 5 HOH 52 352 52  HOH HOH A . 
M 5 HOH 53 353 93  HOH HOH A . 
M 5 HOH 54 354 6   HOH HOH A . 
M 5 HOH 55 355 11  HOH HOH A . 
M 5 HOH 56 356 74  HOH HOH A . 
M 5 HOH 57 357 92  HOH HOH A . 
M 5 HOH 58 358 44  HOH HOH A . 
M 5 HOH 59 359 57  HOH HOH A . 
M 5 HOH 60 360 85  HOH HOH A . 
M 5 HOH 61 361 69  HOH HOH A . 
M 5 HOH 62 362 83  HOH HOH A . 
M 5 HOH 63 363 80  HOH HOH A . 
M 5 HOH 64 364 37  HOH HOH A . 
M 5 HOH 65 365 63  HOH HOH A . 
M 5 HOH 66 366 5   HOH HOH A . 
M 5 HOH 67 367 68  HOH HOH A . 
M 5 HOH 68 368 23  HOH HOH A . 
M 5 HOH 69 369 60  HOH HOH A . 
M 5 HOH 70 370 76  HOH HOH A . 
M 5 HOH 71 371 36  HOH HOH A . 
M 5 HOH 72 372 79  HOH HOH A . 
M 5 HOH 73 373 67  HOH HOH A . 
M 5 HOH 74 374 78  HOH HOH A . 
M 5 HOH 75 375 87  HOH HOH A . 
M 5 HOH 76 376 90  HOH HOH A . 
M 5 HOH 77 377 46  HOH HOH A . 
M 5 HOH 78 378 28  HOH HOH A . 
M 5 HOH 79 379 30  HOH HOH A . 
M 5 HOH 80 380 94  HOH HOH A . 
M 5 HOH 81 381 26  HOH HOH A . 
M 5 HOH 82 382 58  HOH HOH A . 
M 5 HOH 83 383 39  HOH HOH A . 
M 5 HOH 84 384 29  HOH HOH A . 
M 5 HOH 85 385 50  HOH HOH A . 
M 5 HOH 86 386 65  HOH HOH A . 
M 5 HOH 87 387 88  HOH HOH A . 
# 
loop_
_pdbx_unobs_or_zero_occ_atoms.id 
_pdbx_unobs_or_zero_occ_atoms.PDB_model_num 
_pdbx_unobs_or_zero_occ_atoms.polymer_flag 
_pdbx_unobs_or_zero_occ_atoms.occupancy_flag 
_pdbx_unobs_or_zero_occ_atoms.auth_asym_id 
_pdbx_unobs_or_zero_occ_atoms.auth_comp_id 
_pdbx_unobs_or_zero_occ_atoms.auth_seq_id 
_pdbx_unobs_or_zero_occ_atoms.PDB_ins_code 
_pdbx_unobs_or_zero_occ_atoms.auth_atom_id 
_pdbx_unobs_or_zero_occ_atoms.label_alt_id 
_pdbx_unobs_or_zero_occ_atoms.label_asym_id 
_pdbx_unobs_or_zero_occ_atoms.label_comp_id 
_pdbx_unobs_or_zero_occ_atoms.label_seq_id 
_pdbx_unobs_or_zero_occ_atoms.label_atom_id 
1 1 Y 1 A GLN 116 ? CG  ? A GLN 117 CG  
2 1 Y 1 A GLN 116 ? CD  ? A GLN 117 CD  
3 1 Y 1 A GLN 116 ? OE1 ? A GLN 117 OE1 
4 1 Y 1 A GLN 116 ? NE2 ? A GLN 117 NE2 
5 1 Y 1 A THR 118 ? OG1 ? A THR 119 OG1 
6 1 Y 1 A THR 118 ? CG2 ? A THR 119 CG2 
# 
loop_
_software.pdbx_ordinal 
_software.name 
_software.version 
_software.date 
_software.type 
_software.contact_author 
_software.contact_author_email 
_software.classification 
_software.location 
_software.language 
_software.citation_id 
1 REFMAC      5.8.0267 ?               program 'Garib N. Murshudov' garib@ysbl.york.ac.uk    refinement        
http://www.ccp4.ac.uk/dist/html/refmac5.html        Fortran_77 ? 
2 Aimless     0.7.7    23/04/21        program 'Phil Evans'         ?                        'data scaling'    
http://www.mrc-lmb.cam.ac.uk/harry/pre/aimless.html ?          ? 
3 PDB_EXTRACT 3.23     'SEP. 23, 2016' package PDB                  deposit@deposit.rcsb.org 'data extraction' 
http://sw-tools.pdb.org/apps/PDB_EXTRACT/           C++        ? 
4 XDS         .        ?               program ?                    ?                        'data reduction'  ? ?          ? 
5 REFMAC      .        ?               program ?                    ?                        phasing           ? ?          ? 
# 
_cell.entry_id           7GAL 
_cell.length_a           60.872 
_cell.length_b           60.872 
_cell.length_c           35.413 
_cell.angle_alpha        90.000 
_cell.angle_beta         90.000 
_cell.angle_gamma        90.000 
_cell.Z_PDB              4 
_cell.pdbx_unique_axis   ? 
# 
_symmetry.entry_id                         7GAL 
_symmetry.space_group_name_H-M             'P 43' 
_symmetry.pdbx_full_space_group_name_H-M   ? 
_symmetry.cell_setting                     ? 
_symmetry.Int_Tables_number                78 
# 
_exptl.crystals_number   1 
_exptl.entry_id          7GAL 
_exptl.method            'X-RAY DIFFRACTION' 
# 
_exptl_crystal.id                    1 
_exptl_crystal.pdbx_mosaicity        0.000 
_exptl_crystal.pdbx_mosaicity_esd    ? 
_exptl_crystal.density_Matthews      2.22 
_exptl_crystal.density_diffrn        ? 
_exptl_crystal.density_meas          ? 
_exptl_crystal.density_meas_temp     ? 
_exptl_crystal.density_percent_sol   44.52 
_exptl_crystal.size_max              ? 
_exptl_crystal.size_mid              ? 
_exptl_crystal.size_min              ? 
_exptl_crystal.size_rad              ? 
_exptl_crystal.description           ? 
# 
_exptl_crystal_grow.crystal_id      1 
_exptl_crystal_grow.method          'VAPOR DIFFUSION, SITTING DROP' 
_exptl_crystal_grow.pH              4.7 
_exptl_crystal_grow.temp            293 
_exptl_crystal_grow.pdbx_details    '36% PEG 8000, 0.1M acetate pH 4.7' 
_exptl_crystal_grow.temp_details    ? 
_exptl_crystal_grow.pdbx_pH_range   ? 
# 
_diffrn.id                     1 
_diffrn.ambient_temp           100 
_diffrn.crystal_id             1 
_diffrn.ambient_temp_details   ? 
# 
_diffrn_detector.detector               PIXEL 
_diffrn_detector.type                   'DECTRIS PILATUS 6M' 
_diffrn_detector.pdbx_collection_date   2023-02-09 
_diffrn_detector.diffrn_id              1 
_diffrn_detector.details                ? 
# 
_diffrn_radiation.diffrn_id                        1 
_diffrn_radiation.wavelength_id                    1 
_diffrn_radiation.pdbx_diffrn_protocol             'SINGLE WAVELENGTH' 
_diffrn_radiation.pdbx_monochromatic_or_laue_m_l   ? 
_diffrn_radiation.monochromator                    ? 
_diffrn_radiation.pdbx_scattering_type             x-ray 
# 
_diffrn_radiation_wavelength.id           1 
_diffrn_radiation_wavelength.wavelength   0.92124 
_diffrn_radiation_wavelength.wt           1.0 
# 
_diffrn_source.diffrn_id                   1 
_diffrn_source.source                      SYNCHROTRON 
_diffrn_source.type                        'DIAMOND BEAMLINE I04-1' 
_diffrn_source.pdbx_wavelength_list        0.92124 
_diffrn_source.pdbx_synchrotron_site       Diamond 
_diffrn_source.pdbx_synchrotron_beamline   I04-1 
_diffrn_source.pdbx_wavelength             ? 
# 
_reflns.entry_id                     7GAL 
_reflns.pdbx_diffrn_id               1 
_reflns.pdbx_ordinal                 1 
_reflns.observed_criterion_sigma_I   ? 
_reflns.observed_criterion_sigma_F   ? 
_reflns.d_resolution_low             43.050 
_reflns.d_resolution_high            1.900 
_reflns.number_obs                   10401 
_reflns.number_all                   ? 
_reflns.percent_possible_obs         99.900 
_reflns.pdbx_Rmerge_I_obs            0.118 
_reflns.pdbx_Rsym_value              ? 
_reflns.pdbx_netI_over_sigmaI        9.200 
_reflns.B_iso_Wilson_estimate        ? 
_reflns.pdbx_redundancy              13.600 
_reflns.pdbx_Rrim_I_all              0.123 
_reflns.pdbx_Rpim_I_all              0.033 
_reflns.pdbx_CC_half                 0.999 
_reflns.pdbx_netI_over_av_sigmaI     ? 
_reflns.pdbx_number_measured_all     141587 
_reflns.pdbx_scaling_rejects         0 
_reflns.pdbx_chi_squared             ? 
_reflns.Rmerge_F_all                 ? 
_reflns.Rmerge_F_obs                 ? 
_reflns.observed_criterion_F_max     ? 
_reflns.observed_criterion_F_min     ? 
_reflns.observed_criterion_I_max     ? 
_reflns.observed_criterion_I_min     ? 
_reflns.pdbx_d_res_high_opt          ? 
_reflns.pdbx_d_res_low_opt           ? 
_reflns.details                      ? 
_reflns.pdbx_CC_star                 ? 
# 
loop_
_reflns_shell.pdbx_diffrn_id 
_reflns_shell.pdbx_ordinal 
_reflns_shell.d_res_high 
_reflns_shell.d_res_low 
_reflns_shell.number_measured_obs 
_reflns_shell.number_measured_all 
_reflns_shell.number_unique_obs 
_reflns_shell.pdbx_rejects 
_reflns_shell.Rmerge_I_obs 
_reflns_shell.meanI_over_sigI_obs 
_reflns_shell.pdbx_Rsym_value 
_reflns_shell.pdbx_chi_squared 
_reflns_shell.pdbx_redundancy 
_reflns_shell.percent_possible_obs 
_reflns_shell.pdbx_netI_over_sigmaI_obs 
_reflns_shell.number_possible 
_reflns_shell.number_unique_all 
_reflns_shell.Rmerge_F_all 
_reflns_shell.Rmerge_F_obs 
_reflns_shell.Rmerge_I_all 
_reflns_shell.meanI_over_sigI_all 
_reflns_shell.percent_possible_all 
_reflns_shell.pdbx_Rrim_I_all 
_reflns_shell.pdbx_Rpim_I_all 
_reflns_shell.pdbx_CC_half 
_reflns_shell.pdbx_CC_star 
1 1 1.900 1.940  ? 9231 656 ? 3.840 ? ? ? 14.100 ? 0.300  ? ? ? ? ? ? 99.200 3.985 1.059 0.509 ? 
1 2 9.120 43.050 ? 1145 109 ? 0.099 ? ? ? 10.500 ? 45.400 ? ? ? ? ? ? 99.200 0.104 0.031 0.999 ? 
# 
_refine.entry_id                                 7GAL 
_refine.pdbx_refine_id                           'X-RAY DIFFRACTION' 
_refine.ls_d_res_high                            1.9100 
_refine.ls_d_res_low                             43.0800 
_refine.pdbx_ls_sigma_F                          0.000 
_refine.pdbx_data_cutoff_high_absF               ? 
_refine.pdbx_data_cutoff_low_absF                ? 
_refine.ls_percent_reflns_obs                    98.4100 
_refine.ls_number_reflns_obs                     9695 
_refine.ls_number_reflns_all                     ? 
_refine.pdbx_ls_cross_valid_method               THROUGHOUT 
_refine.ls_matrix_type                           ? 
_refine.pdbx_R_Free_selection_details            RANDOM 
_refine.details                                  
'HYDROGENS HAVE BEEN ADDED IN THE RIDING POSITIONS U VALUES      : REFINED INDIVIDUALLY' 
_refine.ls_R_factor_all                          ? 
_refine.ls_R_factor_obs                          0.1957 
_refine.ls_R_factor_R_work                       0.1934 
_refine.ls_wR_factor_R_work                      ? 
_refine.ls_R_factor_R_free                       0.2510 
_refine.ls_wR_factor_R_free                      ? 
_refine.ls_percent_reflns_R_free                 4.0000 
_refine.ls_number_reflns_R_free                  402 
_refine.ls_number_reflns_R_work                  ? 
_refine.ls_R_factor_R_free_error                 ? 
_refine.B_iso_mean                               52.9130 
_refine.solvent_model_param_bsol                 ? 
_refine.solvent_model_param_ksol                 ? 
_refine.pdbx_isotropic_thermal_model             ? 
_refine.aniso_B[1][1]                            -0.2800 
_refine.aniso_B[2][2]                            -0.2800 
_refine.aniso_B[3][3]                            0.5600 
_refine.aniso_B[1][2]                            0.0000 
_refine.aniso_B[1][3]                            0.0000 
_refine.aniso_B[2][3]                            0.0000 
_refine.correlation_coeff_Fo_to_Fc               0.9690 
_refine.correlation_coeff_Fo_to_Fc_free          0.9460 
_refine.overall_SU_R_Cruickshank_DPI             ? 
_refine.pdbx_overall_SU_R_free_Cruickshank_DPI   ? 
_refine.pdbx_overall_SU_R_Blow_DPI               ? 
_refine.pdbx_overall_SU_R_free_Blow_DPI          ? 
_refine.overall_SU_R_free                        ? 
_refine.pdbx_overall_ESU_R                       0.2140 
_refine.pdbx_overall_ESU_R_Free                  0.1840 
_refine.overall_SU_ML                            0.2730 
_refine.overall_SU_B                             11.5430 
_refine.solvent_model_details                    MASK 
_refine.pdbx_solvent_vdw_probe_radii             1.2000 
_refine.pdbx_solvent_ion_probe_radii             0.8000 
_refine.pdbx_solvent_shrinkage_radii             0.8000 
_refine.ls_number_parameters                     ? 
_refine.ls_number_restraints                     ? 
_refine.pdbx_starting_model                      8Q53 
_refine.pdbx_method_to_determine_struct          'FOURIER SYNTHESIS' 
_refine.pdbx_stereochemistry_target_values       'MAXIMUM LIKELIHOOD' 
_refine.pdbx_stereochem_target_val_spec_case     ? 
_refine.overall_FOM_work_R_set                   ? 
_refine.B_iso_max                                143.330 
_refine.B_iso_min                                29.050 
_refine.pdbx_overall_phase_error                 ? 
_refine.occupancy_max                            ? 
_refine.occupancy_min                            ? 
_refine.pdbx_diffrn_id                           1 
_refine.pdbx_TLS_residual_ADP_flag               ? 
_refine.pdbx_ls_sigma_I                          ? 
_refine.pdbx_data_cutoff_high_rms_absF           ? 
_refine.ls_R_factor_R_free_error_details         ? 
# 
_refine_hist.cycle_id                         final 
_refine_hist.pdbx_refine_id                   'X-RAY DIFFRACTION' 
_refine_hist.d_res_high                       1.9100 
_refine_hist.d_res_low                        43.0800 
_refine_hist.pdbx_number_atoms_ligand         52 
_refine_hist.number_atoms_solvent             87 
_refine_hist.number_atoms_total               1093 
_refine_hist.pdbx_number_residues_total       114 
_refine_hist.pdbx_B_iso_mean_ligand           78.76 
_refine_hist.pdbx_B_iso_mean_solvent          64.95 
_refine_hist.pdbx_number_atoms_protein        954 
_refine_hist.pdbx_number_atoms_nucleic_acid   0 
# 
loop_
_refine_ls_restr.pdbx_refine_id 
_refine_ls_restr.type 
_refine_ls_restr.number 
_refine_ls_restr.dev_ideal 
_refine_ls_restr.dev_ideal_target 
_refine_ls_restr.weight 
_refine_ls_restr.pdbx_restraint_function 
'X-RAY DIFFRACTION' r_bond_refined_d       1470 0.006  0.014  ? ? 
'X-RAY DIFFRACTION' r_bond_other_d         1292 0.001  0.014  ? ? 
'X-RAY DIFFRACTION' r_angle_refined_deg    1737 1.424  1.680  ? ? 
'X-RAY DIFFRACTION' r_angle_other_deg      2965 1.155  1.590  ? ? 
'X-RAY DIFFRACTION' r_dihedral_angle_1_deg 165  6.530  5.000  ? ? 
'X-RAY DIFFRACTION' r_dihedral_angle_2_deg 70   27.559 19.429 ? ? 
'X-RAY DIFFRACTION' r_dihedral_angle_3_deg 248  15.709 15.000 ? ? 
'X-RAY DIFFRACTION' r_dihedral_angle_4_deg 15   24.278 15.000 ? ? 
'X-RAY DIFFRACTION' r_chiral_restr         160  0.063  0.200  ? ? 
'X-RAY DIFFRACTION' r_gen_planes_refined   1492 0.005  0.020  ? ? 
'X-RAY DIFFRACTION' r_gen_planes_other     326  0.001  0.020  ? ? 
'X-RAY DIFFRACTION' r_mcbond_it            676  3.314  5.088  ? ? 
'X-RAY DIFFRACTION' r_mcbond_other         662  3.341  5.098  ? ? 
'X-RAY DIFFRACTION' r_mcangle_it           779  5.197  7.664  ? ? 
# 
_refine_ls_shell.d_res_high                       1.9100 
_refine_ls_shell.d_res_low                        1.9600 
_refine_ls_shell.pdbx_total_number_of_bins_used   20 
_refine_ls_shell.percent_reflns_obs               79.4200 
_refine_ls_shell.number_reflns_R_work             576 
_refine_ls_shell.R_factor_all                     ? 
_refine_ls_shell.R_factor_R_work                  0.4070 
_refine_ls_shell.R_factor_R_free                  0.4250 
_refine_ls_shell.percent_reflns_R_free            ? 
_refine_ls_shell.number_reflns_R_free             30 
_refine_ls_shell.R_factor_R_free_error            ? 
_refine_ls_shell.number_reflns_all                606 
_refine_ls_shell.number_reflns_obs                ? 
_refine_ls_shell.pdbx_refine_id                   'X-RAY DIFFRACTION' 
_refine_ls_shell.R_factor_obs                     ? 
# 
_struct.entry_id                  7GAL 
_struct.title                     'PanDDA analysis group deposition -- Crystal Structure of MAP1LC3B in complex with Z291279160' 
_struct.pdbx_model_details        ? 
_struct.pdbx_CASP_flag            ? 
_struct.pdbx_model_type_details   ? 
# 
_struct_keywords.entry_id        7GAL 
_struct_keywords.text            'SGC - Diamond I04-1 fragment screening, PanDDA, XChemExplorer, STRUCTURAL PROTEIN' 
_struct_keywords.pdbx_keywords   'STRUCTURAL PROTEIN' 
# 
loop_
_struct_asym.id 
_struct_asym.pdbx_blank_PDB_chainid_flag 
_struct_asym.pdbx_modified 
_struct_asym.entity_id 
_struct_asym.details 
A N N 1 ? 
B N N 2 ? 
C N N 3 ? 
D N N 3 ? 
E N N 3 ? 
F N N 3 ? 
G N N 3 ? 
H N N 3 ? 
I N N 3 ? 
J N N 3 ? 
K N N 3 ? 
L N N 4 ? 
M N N 5 ? 
# 
_struct_ref.id                         1 
_struct_ref.db_name                    UNP 
_struct_ref.db_code                    MLP3B_HUMAN 
_struct_ref.pdbx_db_accession          Q9GZQ8 
_struct_ref.pdbx_db_isoform            ? 
_struct_ref.entity_id                  1 
_struct_ref.pdbx_seq_one_letter_code   
;MPSEKTFKQRRTFEQRVEDVRLIREQHPTKIPVIIERYKGEKQLPVLDKTKFLVPDHVNMSELIKIIRRRLQLNANQAFF
LLVNGHSMVSVSTPISEVYESEKDEDGFLYMVYASQETFG
;
_struct_ref.pdbx_align_begin           1 
# 
_struct_ref_seq.align_id                      1 
_struct_ref_seq.ref_id                        1 
_struct_ref_seq.pdbx_PDB_id_code              7GAL 
_struct_ref_seq.pdbx_strand_id                A 
_struct_ref_seq.seq_align_beg                 2 
_struct_ref_seq.pdbx_seq_align_beg_ins_code   ? 
_struct_ref_seq.seq_align_end                 121 
_struct_ref_seq.pdbx_seq_align_end_ins_code   ? 
_struct_ref_seq.pdbx_db_accession             Q9GZQ8 
_struct_ref_seq.db_align_beg                  1 
_struct_ref_seq.pdbx_db_align_beg_ins_code    ? 
_struct_ref_seq.db_align_end                  120 
_struct_ref_seq.pdbx_db_align_end_ins_code    ? 
_struct_ref_seq.pdbx_auth_seq_align_beg       1 
_struct_ref_seq.pdbx_auth_seq_align_end       120 
# 
_struct_ref_seq_dif.align_id                     1 
_struct_ref_seq_dif.pdbx_pdb_id_code             7GAL 
_struct_ref_seq_dif.mon_id                       SER 
_struct_ref_seq_dif.pdbx_pdb_strand_id           A 
_struct_ref_seq_dif.seq_num                      1 
_struct_ref_seq_dif.pdbx_pdb_ins_code            ? 
_struct_ref_seq_dif.pdbx_seq_db_name             UNP 
_struct_ref_seq_dif.pdbx_seq_db_accession_code   Q9GZQ8 
_struct_ref_seq_dif.db_mon_id                    ? 
_struct_ref_seq_dif.pdbx_seq_db_seq_num          ? 
_struct_ref_seq_dif.details                      'expression tag' 
_struct_ref_seq_dif.pdbx_auth_seq_num            0 
_struct_ref_seq_dif.pdbx_ordinal                 1 
# 
_pdbx_struct_assembly.id                   1 
_pdbx_struct_assembly.details              author_and_software_defined_assembly 
_pdbx_struct_assembly.method_details       PISA 
_pdbx_struct_assembly.oligomeric_details   monomeric 
_pdbx_struct_assembly.oligomeric_count     1 
# 
_pdbx_struct_assembly_gen.assembly_id       1 
_pdbx_struct_assembly_gen.oper_expression   1 
_pdbx_struct_assembly_gen.asym_id_list      A,B,C,D,E,F,G,H,I,J,K,L,M 
# 
_pdbx_struct_oper_list.id                   1 
_pdbx_struct_oper_list.type                 'identity operation' 
_pdbx_struct_oper_list.name                 1_555 
_pdbx_struct_oper_list.symmetry_operation   x,y,z 
_pdbx_struct_oper_list.matrix[1][1]         1.0000000000 
_pdbx_struct_oper_list.matrix[1][2]         0.0000000000 
_pdbx_struct_oper_list.matrix[1][3]         0.0000000000 
_pdbx_struct_oper_list.vector[1]            0.0000000000 
_pdbx_struct_oper_list.matrix[2][1]         0.0000000000 
_pdbx_struct_oper_list.matrix[2][2]         1.0000000000 
_pdbx_struct_oper_list.matrix[2][3]         0.0000000000 
_pdbx_struct_oper_list.vector[2]            0.0000000000 
_pdbx_struct_oper_list.matrix[3][1]         0.0000000000 
_pdbx_struct_oper_list.matrix[3][2]         0.0000000000 
_pdbx_struct_oper_list.matrix[3][3]         1.0000000000 
_pdbx_struct_oper_list.vector[3]            0.0000000000 
# 
loop_
_struct_conf.conf_type_id 
_struct_conf.id 
_struct_conf.pdbx_PDB_helix_id 
_struct_conf.beg_label_comp_id 
_struct_conf.beg_label_asym_id 
_struct_conf.beg_label_seq_id 
_struct_conf.pdbx_beg_PDB_ins_code 
_struct_conf.end_label_comp_id 
_struct_conf.end_label_asym_id 
_struct_conf.end_label_seq_id 
_struct_conf.pdbx_end_PDB_ins_code 
_struct_conf.beg_auth_comp_id 
_struct_conf.beg_auth_asym_id 
_struct_conf.beg_auth_seq_id 
_struct_conf.end_auth_comp_id 
_struct_conf.end_auth_asym_id 
_struct_conf.end_auth_seq_id 
_struct_conf.pdbx_PDB_helix_class 
_struct_conf.details 
_struct_conf.pdbx_PDB_helix_length 
HELX_P HELX_P1 AA1 THR A 7  ? ARG A 12  ? THR A 6  ARG A 11  1 ? 6  
HELX_P HELX_P2 AA2 THR A 13 ? HIS A 28  ? THR A 12 HIS A 27  1 ? 16 
HELX_P HELX_P3 AA3 ASN A 60 ? LEU A 72  ? ASN A 59 LEU A 71  1 ? 13 
HELX_P HELX_P4 AA4 PRO A 95 ? LYS A 104 ? PRO A 94 LYS A 103 1 ? 10 
# 
_struct_conf_type.id          HELX_P 
_struct_conf_type.criteria    ? 
_struct_conf_type.reference   ? 
# 
_struct_sheet.id               AA1 
_struct_sheet.type             ? 
_struct_sheet.number_strands   5 
_struct_sheet.details          ? 
# 
loop_
_struct_sheet_order.sheet_id 
_struct_sheet_order.range_id_1 
_struct_sheet_order.range_id_2 
_struct_sheet_order.offset 
_struct_sheet_order.sense 
AA1 1 2 ? anti-parallel 
AA1 2 3 ? parallel      
AA1 3 4 ? anti-parallel 
AA1 4 5 ? anti-parallel 
# 
loop_
_struct_sheet_range.sheet_id 
_struct_sheet_range.id 
_struct_sheet_range.beg_label_comp_id 
_struct_sheet_range.beg_label_asym_id 
_struct_sheet_range.beg_label_seq_id 
_struct_sheet_range.pdbx_beg_PDB_ins_code 
_struct_sheet_range.end_label_comp_id 
_struct_sheet_range.end_label_asym_id 
_struct_sheet_range.end_label_seq_id 
_struct_sheet_range.pdbx_end_PDB_ins_code 
_struct_sheet_range.beg_auth_comp_id 
_struct_sheet_range.beg_auth_asym_id 
_struct_sheet_range.beg_auth_seq_id 
_struct_sheet_range.end_auth_comp_id 
_struct_sheet_range.end_auth_asym_id 
_struct_sheet_range.end_auth_seq_id 
AA1 1 LYS A 52  ? PRO A 56  ? LYS A 51  PRO A 55  
AA1 2 LYS A 31  ? ARG A 38  ? LYS A 30  ARG A 37  
AA1 3 LEU A 110 ? ALA A 115 ? LEU A 109 ALA A 114 
AA1 4 PHE A 81  ? VAL A 84  ? PHE A 80  VAL A 83  
AA1 5 HIS A 87  ? SER A 88  ? HIS A 86  SER A 87  
# 
loop_
_pdbx_struct_sheet_hbond.sheet_id 
_pdbx_struct_sheet_hbond.range_id_1 
_pdbx_struct_sheet_hbond.range_id_2 
_pdbx_struct_sheet_hbond.range_1_label_atom_id 
_pdbx_struct_sheet_hbond.range_1_label_comp_id 
_pdbx_struct_sheet_hbond.range_1_label_asym_id 
_pdbx_struct_sheet_hbond.range_1_label_seq_id 
_pdbx_struct_sheet_hbond.range_1_PDB_ins_code 
_pdbx_struct_sheet_hbond.range_1_auth_atom_id 
_pdbx_struct_sheet_hbond.range_1_auth_comp_id 
_pdbx_struct_sheet_hbond.range_1_auth_asym_id 
_pdbx_struct_sheet_hbond.range_1_auth_seq_id 
_pdbx_struct_sheet_hbond.range_2_label_atom_id 
_pdbx_struct_sheet_hbond.range_2_label_comp_id 
_pdbx_struct_sheet_hbond.range_2_label_asym_id 
_pdbx_struct_sheet_hbond.range_2_label_seq_id 
_pdbx_struct_sheet_hbond.range_2_PDB_ins_code 
_pdbx_struct_sheet_hbond.range_2_auth_atom_id 
_pdbx_struct_sheet_hbond.range_2_auth_comp_id 
_pdbx_struct_sheet_hbond.range_2_auth_asym_id 
_pdbx_struct_sheet_hbond.range_2_auth_seq_id 
AA1 1 2 O VAL A 55  ? O VAL A 54  N ILE A 32  ? N ILE A 31  
AA1 2 3 N ILE A 35  ? N ILE A 34  O LEU A 110 ? O LEU A 109 
AA1 3 4 O VAL A 113 ? O VAL A 112 N LEU A 83  ? N LEU A 82  
AA1 4 5 N VAL A 84  ? N VAL A 83  O HIS A 87  ? O HIS A 86  
# 
_pdbx_entry_details.entry_id                   7GAL 
_pdbx_entry_details.compound_details           ? 
_pdbx_entry_details.source_details             ? 
_pdbx_entry_details.nonpolymer_details         ? 
_pdbx_entry_details.sequence_details           ? 
_pdbx_entry_details.has_ligand_of_interest     Y 
_pdbx_entry_details.has_protein_modification   ? 
# 
loop_
_pdbx_validate_close_contact.id 
_pdbx_validate_close_contact.PDB_model_num 
_pdbx_validate_close_contact.auth_atom_id_1 
_pdbx_validate_close_contact.auth_asym_id_1 
_pdbx_validate_close_contact.auth_comp_id_1 
_pdbx_validate_close_contact.auth_seq_id_1 
_pdbx_validate_close_contact.PDB_ins_code_1 
_pdbx_validate_close_contact.label_alt_id_1 
_pdbx_validate_close_contact.auth_atom_id_2 
_pdbx_validate_close_contact.auth_asym_id_2 
_pdbx_validate_close_contact.auth_comp_id_2 
_pdbx_validate_close_contact.auth_seq_id_2 
_pdbx_validate_close_contact.PDB_ins_code_2 
_pdbx_validate_close_contact.label_alt_id_2 
_pdbx_validate_close_contact.dist 
1 1 O   A HOH 371 ? ? O A HOH 379 ? ? 1.54 
2 1 OG1 A THR 6   ? ? O A HOH 301 ? ? 1.79 
3 1 O   A HOH 329 ? ? O A HOH 361 ? ? 1.82 
4 1 O   A HOH 335 ? ? O A HOH 346 ? ? 2.10 
5 1 O   A HOH 363 ? ? O A HOH 372 ? ? 2.18 
# 
_phasing.method   MR 
# 
loop_
_pdbx_unobs_or_zero_occ_residues.id 
_pdbx_unobs_or_zero_occ_residues.PDB_model_num 
_pdbx_unobs_or_zero_occ_residues.polymer_flag 
_pdbx_unobs_or_zero_occ_residues.occupancy_flag 
_pdbx_unobs_or_zero_occ_residues.auth_asym_id 
_pdbx_unobs_or_zero_occ_residues.auth_comp_id 
_pdbx_unobs_or_zero_occ_residues.auth_seq_id 
_pdbx_unobs_or_zero_occ_residues.PDB_ins_code 
_pdbx_unobs_or_zero_occ_residues.label_asym_id 
_pdbx_unobs_or_zero_occ_residues.label_comp_id 
_pdbx_unobs_or_zero_occ_residues.label_seq_id 
1 1 Y 1 A SER 0   ? A SER 1   
2 1 Y 1 A MET 1   ? A MET 2   
3 1 Y 1 A PRO 2   ? A PRO 3   
4 1 Y 1 A SER 3   ? A SER 4   
5 1 Y 1 A GLU 4   ? A GLU 5   
6 1 Y 1 A GLY 120 ? A GLY 121 
# 
loop_
_chem_comp_atom.comp_id 
_chem_comp_atom.atom_id 
_chem_comp_atom.type_symbol 
_chem_comp_atom.pdbx_aromatic_flag 
_chem_comp_atom.pdbx_stereo_config 
_chem_comp_atom.pdbx_ordinal 
ALA N    N  N N 1   
ALA CA   C  N S 2   
ALA C    C  N N 3   
ALA O    O  N N 4   
ALA CB   C  N N 5   
ALA OXT  O  N N 6   
ALA H    H  N N 7   
ALA H2   H  N N 8   
ALA HA   H  N N 9   
ALA HB1  H  N N 10  
ALA HB2  H  N N 11  
ALA HB3  H  N N 12  
ALA HXT  H  N N 13  
ARG N    N  N N 14  
ARG CA   C  N S 15  
ARG C    C  N N 16  
ARG O    O  N N 17  
ARG CB   C  N N 18  
ARG CG   C  N N 19  
ARG CD   C  N N 20  
ARG NE   N  N N 21  
ARG CZ   C  N N 22  
ARG NH1  N  N N 23  
ARG NH2  N  N N 24  
ARG OXT  O  N N 25  
ARG H    H  N N 26  
ARG H2   H  N N 27  
ARG HA   H  N N 28  
ARG HB2  H  N N 29  
ARG HB3  H  N N 30  
ARG HG2  H  N N 31  
ARG HG3  H  N N 32  
ARG HD2  H  N N 33  
ARG HD3  H  N N 34  
ARG HE   H  N N 35  
ARG HH11 H  N N 36  
ARG HH12 H  N N 37  
ARG HH21 H  N N 38  
ARG HH22 H  N N 39  
ARG HXT  H  N N 40  
ASN N    N  N N 41  
ASN CA   C  N S 42  
ASN C    C  N N 43  
ASN O    O  N N 44  
ASN CB   C  N N 45  
ASN CG   C  N N 46  
ASN OD1  O  N N 47  
ASN ND2  N  N N 48  
ASN OXT  O  N N 49  
ASN H    H  N N 50  
ASN H2   H  N N 51  
ASN HA   H  N N 52  
ASN HB2  H  N N 53  
ASN HB3  H  N N 54  
ASN HD21 H  N N 55  
ASN HD22 H  N N 56  
ASN HXT  H  N N 57  
ASP N    N  N N 58  
ASP CA   C  N S 59  
ASP C    C  N N 60  
ASP O    O  N N 61  
ASP CB   C  N N 62  
ASP CG   C  N N 63  
ASP OD1  O  N N 64  
ASP OD2  O  N N 65  
ASP OXT  O  N N 66  
ASP H    H  N N 67  
ASP H2   H  N N 68  
ASP HA   H  N N 69  
ASP HB2  H  N N 70  
ASP HB3  H  N N 71  
ASP HD2  H  N N 72  
ASP HXT  H  N N 73  
CL  CL   CL N N 74  
EDO C1   C  N N 75  
EDO O1   O  N N 76  
EDO C2   C  N N 77  
EDO O2   O  N N 78  
EDO H11  H  N N 79  
EDO H12  H  N N 80  
EDO HO1  H  N N 81  
EDO H21  H  N N 82  
EDO H22  H  N N 83  
EDO HO2  H  N N 84  
GLN N    N  N N 85  
GLN CA   C  N S 86  
GLN C    C  N N 87  
GLN O    O  N N 88  
GLN CB   C  N N 89  
GLN CG   C  N N 90  
GLN CD   C  N N 91  
GLN OE1  O  N N 92  
GLN NE2  N  N N 93  
GLN OXT  O  N N 94  
GLN H    H  N N 95  
GLN H2   H  N N 96  
GLN HA   H  N N 97  
GLN HB2  H  N N 98  
GLN HB3  H  N N 99  
GLN HG2  H  N N 100 
GLN HG3  H  N N 101 
GLN HE21 H  N N 102 
GLN HE22 H  N N 103 
GLN HXT  H  N N 104 
GLU N    N  N N 105 
GLU CA   C  N S 106 
GLU C    C  N N 107 
GLU O    O  N N 108 
GLU CB   C  N N 109 
GLU CG   C  N N 110 
GLU CD   C  N N 111 
GLU OE1  O  N N 112 
GLU OE2  O  N N 113 
GLU OXT  O  N N 114 
GLU H    H  N N 115 
GLU H2   H  N N 116 
GLU HA   H  N N 117 
GLU HB2  H  N N 118 
GLU HB3  H  N N 119 
GLU HG2  H  N N 120 
GLU HG3  H  N N 121 
GLU HE2  H  N N 122 
GLU HXT  H  N N 123 
GLY N    N  N N 124 
GLY CA   C  N N 125 
GLY C    C  N N 126 
GLY O    O  N N 127 
GLY OXT  O  N N 128 
GLY H    H  N N 129 
GLY H2   H  N N 130 
GLY HA2  H  N N 131 
GLY HA3  H  N N 132 
GLY HXT  H  N N 133 
HIS N    N  N N 134 
HIS CA   C  N S 135 
HIS C    C  N N 136 
HIS O    O  N N 137 
HIS CB   C  N N 138 
HIS CG   C  Y N 139 
HIS ND1  N  Y N 140 
HIS CD2  C  Y N 141 
HIS CE1  C  Y N 142 
HIS NE2  N  Y N 143 
HIS OXT  O  N N 144 
HIS H    H  N N 145 
HIS H2   H  N N 146 
HIS HA   H  N N 147 
HIS HB2  H  N N 148 
HIS HB3  H  N N 149 
HIS HD1  H  N N 150 
HIS HD2  H  N N 151 
HIS HE1  H  N N 152 
HIS HE2  H  N N 153 
HIS HXT  H  N N 154 
HOH O    O  N N 155 
HOH H1   H  N N 156 
HOH H2   H  N N 157 
ILE N    N  N N 158 
ILE CA   C  N S 159 
ILE C    C  N N 160 
ILE O    O  N N 161 
ILE CB   C  N S 162 
ILE CG1  C  N N 163 
ILE CG2  C  N N 164 
ILE CD1  C  N N 165 
ILE OXT  O  N N 166 
ILE H    H  N N 167 
ILE H2   H  N N 168 
ILE HA   H  N N 169 
ILE HB   H  N N 170 
ILE HG12 H  N N 171 
ILE HG13 H  N N 172 
ILE HG21 H  N N 173 
ILE HG22 H  N N 174 
ILE HG23 H  N N 175 
ILE HD11 H  N N 176 
ILE HD12 H  N N 177 
ILE HD13 H  N N 178 
ILE HXT  H  N N 179 
LEU N    N  N N 180 
LEU CA   C  N S 181 
LEU C    C  N N 182 
LEU O    O  N N 183 
LEU CB   C  N N 184 
LEU CG   C  N N 185 
LEU CD1  C  N N 186 
LEU CD2  C  N N 187 
LEU OXT  O  N N 188 
LEU H    H  N N 189 
LEU H2   H  N N 190 
LEU HA   H  N N 191 
LEU HB2  H  N N 192 
LEU HB3  H  N N 193 
LEU HG   H  N N 194 
LEU HD11 H  N N 195 
LEU HD12 H  N N 196 
LEU HD13 H  N N 197 
LEU HD21 H  N N 198 
LEU HD22 H  N N 199 
LEU HD23 H  N N 200 
LEU HXT  H  N N 201 
LV4 N1   N  N N 202 
LV4 C4   C  Y N 203 
LV4 C5   C  Y N 204 
LV4 C6   C  N N 205 
LV4 C7   C  N N 206 
LV4 N    N  N N 207 
LV4 C    C  Y N 208 
LV4 O    O  N N 209 
LV4 C1   C  Y N 210 
LV4 C2   C  Y N 211 
LV4 C3   C  Y N 212 
LV4 F    F  N N 213 
LV4 F1   F  N N 214 
LV4 F2   F  N N 215 
LV4 S    S  N N 216 
LV4 H1   H  N N 217 
LV4 H2   H  N N 218 
LV4 H3   H  N N 219 
LV4 H4   H  N N 220 
LV4 H5   H  N N 221 
LV4 H6   H  N N 222 
LV4 H7   H  N N 223 
LYS N    N  N N 224 
LYS CA   C  N S 225 
LYS C    C  N N 226 
LYS O    O  N N 227 
LYS CB   C  N N 228 
LYS CG   C  N N 229 
LYS CD   C  N N 230 
LYS CE   C  N N 231 
LYS NZ   N  N N 232 
LYS OXT  O  N N 233 
LYS H    H  N N 234 
LYS H2   H  N N 235 
LYS HA   H  N N 236 
LYS HB2  H  N N 237 
LYS HB3  H  N N 238 
LYS HG2  H  N N 239 
LYS HG3  H  N N 240 
LYS HD2  H  N N 241 
LYS HD3  H  N N 242 
LYS HE2  H  N N 243 
LYS HE3  H  N N 244 
LYS HZ1  H  N N 245 
LYS HZ2  H  N N 246 
LYS HZ3  H  N N 247 
LYS HXT  H  N N 248 
MET N    N  N N 249 
MET CA   C  N S 250 
MET C    C  N N 251 
MET O    O  N N 252 
MET CB   C  N N 253 
MET CG   C  N N 254 
MET SD   S  N N 255 
MET CE   C  N N 256 
MET OXT  O  N N 257 
MET H    H  N N 258 
MET H2   H  N N 259 
MET HA   H  N N 260 
MET HB2  H  N N 261 
MET HB3  H  N N 262 
MET HG2  H  N N 263 
MET HG3  H  N N 264 
MET HE1  H  N N 265 
MET HE2  H  N N 266 
MET HE3  H  N N 267 
MET HXT  H  N N 268 
PHE N    N  N N 269 
PHE CA   C  N S 270 
PHE C    C  N N 271 
PHE O    O  N N 272 
PHE CB   C  N N 273 
PHE CG   C  Y N 274 
PHE CD1  C  Y N 275 
PHE CD2  C  Y N 276 
PHE CE1  C  Y N 277 
PHE CE2  C  Y N 278 
PHE CZ   C  Y N 279 
PHE OXT  O  N N 280 
PHE H    H  N N 281 
PHE H2   H  N N 282 
PHE HA   H  N N 283 
PHE HB2  H  N N 284 
PHE HB3  H  N N 285 
PHE HD1  H  N N 286 
PHE HD2  H  N N 287 
PHE HE1  H  N N 288 
PHE HE2  H  N N 289 
PHE HZ   H  N N 290 
PHE HXT  H  N N 291 
PRO N    N  N N 292 
PRO CA   C  N S 293 
PRO C    C  N N 294 
PRO O    O  N N 295 
PRO CB   C  N N 296 
PRO CG   C  N N 297 
PRO CD   C  N N 298 
PRO OXT  O  N N 299 
PRO H    H  N N 300 
PRO HA   H  N N 301 
PRO HB2  H  N N 302 
PRO HB3  H  N N 303 
PRO HG2  H  N N 304 
PRO HG3  H  N N 305 
PRO HD2  H  N N 306 
PRO HD3  H  N N 307 
PRO HXT  H  N N 308 
SER N    N  N N 309 
SER CA   C  N S 310 
SER C    C  N N 311 
SER O    O  N N 312 
SER CB   C  N N 313 
SER OG   O  N N 314 
SER OXT  O  N N 315 
SER H    H  N N 316 
SER H2   H  N N 317 
SER HA   H  N N 318 
SER HB2  H  N N 319 
SER HB3  H  N N 320 
SER HG   H  N N 321 
SER HXT  H  N N 322 
THR N    N  N N 323 
THR CA   C  N S 324 
THR C    C  N N 325 
THR O    O  N N 326 
THR CB   C  N R 327 
THR OG1  O  N N 328 
THR CG2  C  N N 329 
THR OXT  O  N N 330 
THR H    H  N N 331 
THR H2   H  N N 332 
THR HA   H  N N 333 
THR HB   H  N N 334 
THR HG1  H  N N 335 
THR HG21 H  N N 336 
THR HG22 H  N N 337 
THR HG23 H  N N 338 
THR HXT  H  N N 339 
TYR N    N  N N 340 
TYR CA   C  N S 341 
TYR C    C  N N 342 
TYR O    O  N N 343 
TYR CB   C  N N 344 
TYR CG   C  Y N 345 
TYR CD1  C  Y N 346 
TYR CD2  C  Y N 347 
TYR CE1  C  Y N 348 
TYR CE2  C  Y N 349 
TYR CZ   C  Y N 350 
TYR OH   O  N N 351 
TYR OXT  O  N N 352 
TYR H    H  N N 353 
TYR H2   H  N N 354 
TYR HA   H  N N 355 
TYR HB2  H  N N 356 
TYR HB3  H  N N 357 
TYR HD1  H  N N 358 
TYR HD2  H  N N 359 
TYR HE1  H  N N 360 
TYR HE2  H  N N 361 
TYR HH   H  N N 362 
TYR HXT  H  N N 363 
VAL N    N  N N 364 
VAL CA   C  N S 365 
VAL C    C  N N 366 
VAL O    O  N N 367 
VAL CB   C  N N 368 
VAL CG1  C  N N 369 
VAL CG2  C  N N 370 
VAL OXT  O  N N 371 
VAL H    H  N N 372 
VAL H2   H  N N 373 
VAL HA   H  N N 374 
VAL HB   H  N N 375 
VAL HG11 H  N N 376 
VAL HG12 H  N N 377 
VAL HG13 H  N N 378 
VAL HG21 H  N N 379 
VAL HG22 H  N N 380 
VAL HG23 H  N N 381 
VAL HXT  H  N N 382 
# 
loop_
_chem_comp_bond.comp_id 
_chem_comp_bond.atom_id_1 
_chem_comp_bond.atom_id_2 
_chem_comp_bond.value_order 
_chem_comp_bond.pdbx_aromatic_flag 
_chem_comp_bond.pdbx_stereo_config 
_chem_comp_bond.pdbx_ordinal 
ALA N   CA   sing N N 1   
ALA N   H    sing N N 2   
ALA N   H2   sing N N 3   
ALA CA  C    sing N N 4   
ALA CA  CB   sing N N 5   
ALA CA  HA   sing N N 6   
ALA C   O    doub N N 7   
ALA C   OXT  sing N N 8   
ALA CB  HB1  sing N N 9   
ALA CB  HB2  sing N N 10  
ALA CB  HB3  sing N N 11  
ALA OXT HXT  sing N N 12  
ARG N   CA   sing N N 13  
ARG N   H    sing N N 14  
ARG N   H2   sing N N 15  
ARG CA  C    sing N N 16  
ARG CA  CB   sing N N 17  
ARG CA  HA   sing N N 18  
ARG C   O    doub N N 19  
ARG C   OXT  sing N N 20  
ARG CB  CG   sing N N 21  
ARG CB  HB2  sing N N 22  
ARG CB  HB3  sing N N 23  
ARG CG  CD   sing N N 24  
ARG CG  HG2  sing N N 25  
ARG CG  HG3  sing N N 26  
ARG CD  NE   sing N N 27  
ARG CD  HD2  sing N N 28  
ARG CD  HD3  sing N N 29  
ARG NE  CZ   sing N N 30  
ARG NE  HE   sing N N 31  
ARG CZ  NH1  sing N N 32  
ARG CZ  NH2  doub N N 33  
ARG NH1 HH11 sing N N 34  
ARG NH1 HH12 sing N N 35  
ARG NH2 HH21 sing N N 36  
ARG NH2 HH22 sing N N 37  
ARG OXT HXT  sing N N 38  
ASN N   CA   sing N N 39  
ASN N   H    sing N N 40  
ASN N   H2   sing N N 41  
ASN CA  C    sing N N 42  
ASN CA  CB   sing N N 43  
ASN CA  HA   sing N N 44  
ASN C   O    doub N N 45  
ASN C   OXT  sing N N 46  
ASN CB  CG   sing N N 47  
ASN CB  HB2  sing N N 48  
ASN CB  HB3  sing N N 49  
ASN CG  OD1  doub N N 50  
ASN CG  ND2  sing N N 51  
ASN ND2 HD21 sing N N 52  
ASN ND2 HD22 sing N N 53  
ASN OXT HXT  sing N N 54  
ASP N   CA   sing N N 55  
ASP N   H    sing N N 56  
ASP N   H2   sing N N 57  
ASP CA  C    sing N N 58  
ASP CA  CB   sing N N 59  
ASP CA  HA   sing N N 60  
ASP C   O    doub N N 61  
ASP C   OXT  sing N N 62  
ASP CB  CG   sing N N 63  
ASP CB  HB2  sing N N 64  
ASP CB  HB3  sing N N 65  
ASP CG  OD1  doub N N 66  
ASP CG  OD2  sing N N 67  
ASP OD2 HD2  sing N N 68  
ASP OXT HXT  sing N N 69  
EDO C1  O1   sing N N 70  
EDO C1  C2   sing N N 71  
EDO C1  H11  sing N N 72  
EDO C1  H12  sing N N 73  
EDO O1  HO1  sing N N 74  
EDO C2  O2   sing N N 75  
EDO C2  H21  sing N N 76  
EDO C2  H22  sing N N 77  
EDO O2  HO2  sing N N 78  
GLN N   CA   sing N N 79  
GLN N   H    sing N N 80  
GLN N   H2   sing N N 81  
GLN CA  C    sing N N 82  
GLN CA  CB   sing N N 83  
GLN CA  HA   sing N N 84  
GLN C   O    doub N N 85  
GLN C   OXT  sing N N 86  
GLN CB  CG   sing N N 87  
GLN CB  HB2  sing N N 88  
GLN CB  HB3  sing N N 89  
GLN CG  CD   sing N N 90  
GLN CG  HG2  sing N N 91  
GLN CG  HG3  sing N N 92  
GLN CD  OE1  doub N N 93  
GLN CD  NE2  sing N N 94  
GLN NE2 HE21 sing N N 95  
GLN NE2 HE22 sing N N 96  
GLN OXT HXT  sing N N 97  
GLU N   CA   sing N N 98  
GLU N   H    sing N N 99  
GLU N   H2   sing N N 100 
GLU CA  C    sing N N 101 
GLU CA  CB   sing N N 102 
GLU CA  HA   sing N N 103 
GLU C   O    doub N N 104 
GLU C   OXT  sing N N 105 
GLU CB  CG   sing N N 106 
GLU CB  HB2  sing N N 107 
GLU CB  HB3  sing N N 108 
GLU CG  CD   sing N N 109 
GLU CG  HG2  sing N N 110 
GLU CG  HG3  sing N N 111 
GLU CD  OE1  doub N N 112 
GLU CD  OE2  sing N N 113 
GLU OE2 HE2  sing N N 114 
GLU OXT HXT  sing N N 115 
GLY N   CA   sing N N 116 
GLY N   H    sing N N 117 
GLY N   H2   sing N N 118 
GLY CA  C    sing N N 119 
GLY CA  HA2  sing N N 120 
GLY CA  HA3  sing N N 121 
GLY C   O    doub N N 122 
GLY C   OXT  sing N N 123 
GLY OXT HXT  sing N N 124 
HIS N   CA   sing N N 125 
HIS N   H    sing N N 126 
HIS N   H2   sing N N 127 
HIS CA  C    sing N N 128 
HIS CA  CB   sing N N 129 
HIS CA  HA   sing N N 130 
HIS C   O    doub N N 131 
HIS C   OXT  sing N N 132 
HIS CB  CG   sing N N 133 
HIS CB  HB2  sing N N 134 
HIS CB  HB3  sing N N 135 
HIS CG  ND1  sing Y N 136 
HIS CG  CD2  doub Y N 137 
HIS ND1 CE1  doub Y N 138 
HIS ND1 HD1  sing N N 139 
HIS CD2 NE2  sing Y N 140 
HIS CD2 HD2  sing N N 141 
HIS CE1 NE2  sing Y N 142 
HIS CE1 HE1  sing N N 143 
HIS NE2 HE2  sing N N 144 
HIS OXT HXT  sing N N 145 
HOH O   H1   sing N N 146 
HOH O   H2   sing N N 147 
ILE N   CA   sing N N 148 
ILE N   H    sing N N 149 
ILE N   H2   sing N N 150 
ILE CA  C    sing N N 151 
ILE CA  CB   sing N N 152 
ILE CA  HA   sing N N 153 
ILE C   O    doub N N 154 
ILE C   OXT  sing N N 155 
ILE CB  CG1  sing N N 156 
ILE CB  CG2  sing N N 157 
ILE CB  HB   sing N N 158 
ILE CG1 CD1  sing N N 159 
ILE CG1 HG12 sing N N 160 
ILE CG1 HG13 sing N N 161 
ILE CG2 HG21 sing N N 162 
ILE CG2 HG22 sing N N 163 
ILE CG2 HG23 sing N N 164 
ILE CD1 HD11 sing N N 165 
ILE CD1 HD12 sing N N 166 
ILE CD1 HD13 sing N N 167 
ILE OXT HXT  sing N N 168 
LEU N   CA   sing N N 169 
LEU N   H    sing N N 170 
LEU N   H2   sing N N 171 
LEU CA  C    sing N N 172 
LEU CA  CB   sing N N 173 
LEU CA  HA   sing N N 174 
LEU C   O    doub N N 175 
LEU C   OXT  sing N N 176 
LEU CB  CG   sing N N 177 
LEU CB  HB2  sing N N 178 
LEU CB  HB3  sing N N 179 
LEU CG  CD1  sing N N 180 
LEU CG  CD2  sing N N 181 
LEU CG  HG   sing N N 182 
LEU CD1 HD11 sing N N 183 
LEU CD1 HD12 sing N N 184 
LEU CD1 HD13 sing N N 185 
LEU CD2 HD21 sing N N 186 
LEU CD2 HD22 sing N N 187 
LEU CD2 HD23 sing N N 188 
LEU OXT HXT  sing N N 189 
LV4 N1  C6   sing N N 190 
LV4 F2  C7   sing N N 191 
LV4 N   C6   sing N N 192 
LV4 N   C4   sing N N 193 
LV4 C6  S    doub N N 194 
LV4 C4  C5   doub Y N 195 
LV4 C4  C3   sing Y N 196 
LV4 C7  F    sing N N 197 
LV4 C7  O    sing N N 198 
LV4 C7  F1   sing N N 199 
LV4 C5  C    sing Y N 200 
LV4 O   C3   sing N N 201 
LV4 C3  C2   doub Y N 202 
LV4 C   C1   doub Y N 203 
LV4 C2  C1   sing Y N 204 
LV4 N1  H1   sing N N 205 
LV4 N1  H2   sing N N 206 
LV4 C5  H3   sing N N 207 
LV4 N   H4   sing N N 208 
LV4 C   H5   sing N N 209 
LV4 C1  H6   sing N N 210 
LV4 C2  H7   sing N N 211 
LYS N   CA   sing N N 212 
LYS N   H    sing N N 213 
LYS N   H2   sing N N 214 
LYS CA  C    sing N N 215 
LYS CA  CB   sing N N 216 
LYS CA  HA   sing N N 217 
LYS C   O    doub N N 218 
LYS C   OXT  sing N N 219 
LYS CB  CG   sing N N 220 
LYS CB  HB2  sing N N 221 
LYS CB  HB3  sing N N 222 
LYS CG  CD   sing N N 223 
LYS CG  HG2  sing N N 224 
LYS CG  HG3  sing N N 225 
LYS CD  CE   sing N N 226 
LYS CD  HD2  sing N N 227 
LYS CD  HD3  sing N N 228 
LYS CE  NZ   sing N N 229 
LYS CE  HE2  sing N N 230 
LYS CE  HE3  sing N N 231 
LYS NZ  HZ1  sing N N 232 
LYS NZ  HZ2  sing N N 233 
LYS NZ  HZ3  sing N N 234 
LYS OXT HXT  sing N N 235 
MET N   CA   sing N N 236 
MET N   H    sing N N 237 
MET N   H2   sing N N 238 
MET CA  C    sing N N 239 
MET CA  CB   sing N N 240 
MET CA  HA   sing N N 241 
MET C   O    doub N N 242 
MET C   OXT  sing N N 243 
MET CB  CG   sing N N 244 
MET CB  HB2  sing N N 245 
MET CB  HB3  sing N N 246 
MET CG  SD   sing N N 247 
MET CG  HG2  sing N N 248 
MET CG  HG3  sing N N 249 
MET SD  CE   sing N N 250 
MET CE  HE1  sing N N 251 
MET CE  HE2  sing N N 252 
MET CE  HE3  sing N N 253 
MET OXT HXT  sing N N 254 
PHE N   CA   sing N N 255 
PHE N   H    sing N N 256 
PHE N   H2   sing N N 257 
PHE CA  C    sing N N 258 
PHE CA  CB   sing N N 259 
PHE CA  HA   sing N N 260 
PHE C   O    doub N N 261 
PHE C   OXT  sing N N 262 
PHE CB  CG   sing N N 263 
PHE CB  HB2  sing N N 264 
PHE CB  HB3  sing N N 265 
PHE CG  CD1  doub Y N 266 
PHE CG  CD2  sing Y N 267 
PHE CD1 CE1  sing Y N 268 
PHE CD1 HD1  sing N N 269 
PHE CD2 CE2  doub Y N 270 
PHE CD2 HD2  sing N N 271 
PHE CE1 CZ   doub Y N 272 
PHE CE1 HE1  sing N N 273 
PHE CE2 CZ   sing Y N 274 
PHE CE2 HE2  sing N N 275 
PHE CZ  HZ   sing N N 276 
PHE OXT HXT  sing N N 277 
PRO N   CA   sing N N 278 
PRO N   CD   sing N N 279 
PRO N   H    sing N N 280 
PRO CA  C    sing N N 281 
PRO CA  CB   sing N N 282 
PRO CA  HA   sing N N 283 
PRO C   O    doub N N 284 
PRO C   OXT  sing N N 285 
PRO CB  CG   sing N N 286 
PRO CB  HB2  sing N N 287 
PRO CB  HB3  sing N N 288 
PRO CG  CD   sing N N 289 
PRO CG  HG2  sing N N 290 
PRO CG  HG3  sing N N 291 
PRO CD  HD2  sing N N 292 
PRO CD  HD3  sing N N 293 
PRO OXT HXT  sing N N 294 
SER N   CA   sing N N 295 
SER N   H    sing N N 296 
SER N   H2   sing N N 297 
SER CA  C    sing N N 298 
SER CA  CB   sing N N 299 
SER CA  HA   sing N N 300 
SER C   O    doub N N 301 
SER C   OXT  sing N N 302 
SER CB  OG   sing N N 303 
SER CB  HB2  sing N N 304 
SER CB  HB3  sing N N 305 
SER OG  HG   sing N N 306 
SER OXT HXT  sing N N 307 
THR N   CA   sing N N 308 
THR N   H    sing N N 309 
THR N   H2   sing N N 310 
THR CA  C    sing N N 311 
THR CA  CB   sing N N 312 
THR CA  HA   sing N N 313 
THR C   O    doub N N 314 
THR C   OXT  sing N N 315 
THR CB  OG1  sing N N 316 
THR CB  CG2  sing N N 317 
THR CB  HB   sing N N 318 
THR OG1 HG1  sing N N 319 
THR CG2 HG21 sing N N 320 
THR CG2 HG22 sing N N 321 
THR CG2 HG23 sing N N 322 
THR OXT HXT  sing N N 323 
TYR N   CA   sing N N 324 
TYR N   H    sing N N 325 
TYR N   H2   sing N N 326 
TYR CA  C    sing N N 327 
TYR CA  CB   sing N N 328 
TYR CA  HA   sing N N 329 
TYR C   O    doub N N 330 
TYR C   OXT  sing N N 331 
TYR CB  CG   sing N N 332 
TYR CB  HB2  sing N N 333 
TYR CB  HB3  sing N N 334 
TYR CG  CD1  doub Y N 335 
TYR CG  CD2  sing Y N 336 
TYR CD1 CE1  sing Y N 337 
TYR CD1 HD1  sing N N 338 
TYR CD2 CE2  doub Y N 339 
TYR CD2 HD2  sing N N 340 
TYR CE1 CZ   doub Y N 341 
TYR CE1 HE1  sing N N 342 
TYR CE2 CZ   sing Y N 343 
TYR CE2 HE2  sing N N 344 
TYR CZ  OH   sing N N 345 
TYR OH  HH   sing N N 346 
TYR OXT HXT  sing N N 347 
VAL N   CA   sing N N 348 
VAL N   H    sing N N 349 
VAL N   H2   sing N N 350 
VAL CA  C    sing N N 351 
VAL CA  CB   sing N N 352 
VAL CA  HA   sing N N 353 
VAL C   O    doub N N 354 
VAL C   OXT  sing N N 355 
VAL CB  CG1  sing N N 356 
VAL CB  CG2  sing N N 357 
VAL CB  HB   sing N N 358 
VAL CG1 HG11 sing N N 359 
VAL CG1 HG12 sing N N 360 
VAL CG1 HG13 sing N N 361 
VAL CG2 HG21 sing N N 362 
VAL CG2 HG22 sing N N 363 
VAL CG2 HG23 sing N N 364 
VAL OXT HXT  sing N N 365 
# 
_pdbx_audit_support.ordinal                1 
_pdbx_audit_support.funding_organization   'European Union (EU)' 
_pdbx_audit_support.grant_number           875510 
_pdbx_audit_support.country                'European Union' 
# 
_pdbx_deposit_group.group_id            G_1002273 
_pdbx_deposit_group.group_description   
;MAP1LC3B screened against the DSi-poised Fragment Library by X-ray Crystallography at the XChem facility of Diamond Light Source beamline I04-1
;
_pdbx_deposit_group.group_title         'PanDDA analysis group deposition' 
_pdbx_deposit_group.group_type          'changed state' 
# 
_atom_sites.entry_id                    7GAL 
_atom_sites.fract_transf_matrix[1][1]   0.01626791 
_atom_sites.fract_transf_matrix[1][2]   0.00010052 
_atom_sites.fract_transf_matrix[1][3]   0.00228566 
_atom_sites.fract_transf_matrix[2][1]   -0.00022547 
_atom_sites.fract_transf_matrix[2][2]   -0.01626180 
_atom_sites.fract_transf_matrix[2][3]   0.00231993 
_atom_sites.fract_transf_matrix[3][1]   0.00391346 
_atom_sites.fract_transf_matrix[3][2]   -0.00400277 
_atom_sites.fract_transf_matrix[3][3]   -0.02767756 
_atom_sites.fract_transf_vector[1]      0.185714 
_atom_sites.fract_transf_vector[2]      -0.379588 
_atom_sites.fract_transf_vector[3]      0.022133 
# 
loop_
_atom_type.symbol 
C  
CL 
F  
N  
O  
S  
# 
loop_
_atom_site.group_PDB 
_atom_site.id 
_atom_site.type_symbol 
_atom_site.label_atom_id 
_atom_site.label_alt_id 
_atom_site.label_comp_id 
_atom_site.label_asym_id 
_atom_site.label_entity_id 
_atom_site.label_seq_id 
_atom_site.pdbx_PDB_ins_code 
_atom_site.Cartn_x 
_atom_site.Cartn_y 
_atom_site.Cartn_z 
_atom_site.occupancy 
_atom_site.B_iso_or_equiv 
_atom_site.pdbx_formal_charge 
_atom_site.auth_seq_id 
_atom_site.auth_comp_id 
_atom_site.auth_asym_id 
_atom_site.auth_atom_id 
_atom_site.pdbx_PDB_model_num 
ATOM   1    N  N   . LYS A 1 6   ? -11.733 -6.354  10.786  1.00 92.61  ? 5   LYS A N   1 
ATOM   2    C  CA  . LYS A 1 6   ? -10.757 -7.153  9.979   1.00 96.09  ? 5   LYS A CA  1 
ATOM   3    C  C   . LYS A 1 6   ? -9.831  -6.219  9.186   1.00 91.30  ? 5   LYS A C   1 
ATOM   4    O  O   . LYS A 1 6   ? -8.609  -6.308  9.396   1.00 93.16  ? 5   LYS A O   1 
ATOM   5    C  CB  . LYS A 1 6   ? -11.484 -8.130  9.049   1.00 98.61  ? 5   LYS A CB  1 
ATOM   6    C  CG  . LYS A 1 6   ? -11.475 -9.572  9.524   1.00 99.13  ? 5   LYS A CG  1 
ATOM   7    C  CD  . LYS A 1 6   ? -10.081 -10.145 9.662   1.00 99.86  ? 5   LYS A CD  1 
ATOM   8    C  CE  . LYS A 1 6   ? -10.062 -11.651 9.529   1.00 105.97 ? 5   LYS A CE  1 
ATOM   9    N  NZ  . LYS A 1 6   ? -11.095 -12.289 10.381  1.00 106.18 ? 5   LYS A NZ  1 
ATOM   10   N  N   . THR A 1 7   ? -10.383 -5.374  8.304   1.00 86.18  ? 6   THR A N   1 
ATOM   11   C  CA  . THR A 1 7   ? -9.619  -4.380  7.496   1.00 80.48  ? 6   THR A CA  1 
ATOM   12   C  C   . THR A 1 7   ? -9.252  -3.185  8.379   1.00 75.83  ? 6   THR A C   1 
ATOM   13   O  O   . THR A 1 7   ? -9.950  -2.962  9.394   1.00 71.64  ? 6   THR A O   1 
ATOM   14   C  CB  . THR A 1 7   ? -10.363 -3.838  6.263   1.00 83.24  ? 6   THR A CB  1 
ATOM   15   O  OG1 . THR A 1 7   ? -11.248 -2.818  6.728   1.00 66.59  ? 6   THR A OG1 1 
ATOM   16   C  CG2 . THR A 1 7   ? -11.093 -4.890  5.449   1.00 86.03  ? 6   THR A CG2 1 
ATOM   17   N  N   . PHE A 1 8   ? -8.216  -2.442  7.971   1.00 67.79  ? 7   PHE A N   1 
ATOM   18   C  CA  . PHE A 1 8   ? -7.591  -1.308  8.704   1.00 60.49  ? 7   PHE A CA  1 
ATOM   19   C  C   . PHE A 1 8   ? -8.606  -0.208  9.037   1.00 60.12  ? 7   PHE A C   1 
ATOM   20   O  O   . PHE A 1 8   ? -8.670  0.241   10.214  1.00 63.90  ? 7   PHE A O   1 
ATOM   21   C  CB  . PHE A 1 8   ? -6.466  -0.676  7.879   1.00 58.11  ? 7   PHE A CB  1 
ATOM   22   C  CG  . PHE A 1 8   ? -5.685  0.375   8.626   1.00 53.99  ? 7   PHE A CG  1 
ATOM   23   C  CD1 . PHE A 1 8   ? -4.848  0.018   9.674   1.00 53.67  ? 7   PHE A CD1 1 
ATOM   24   C  CD2 . PHE A 1 8   ? -5.806  1.718   8.303   1.00 49.97  ? 7   PHE A CD2 1 
ATOM   25   C  CE1 . PHE A 1 8   ? -4.127  0.982   10.360  1.00 52.53  ? 7   PHE A CE1 1 
ATOM   26   C  CE2 . PHE A 1 8   ? -5.080  2.679   8.988   1.00 49.69  ? 7   PHE A CE2 1 
ATOM   27   C  CZ  . PHE A 1 8   ? -4.242  2.311   10.015  1.00 47.84  ? 7   PHE A CZ  1 
ATOM   28   N  N   . LYS A 1 9   ? -9.339  0.271   8.030   1.00 57.50  ? 8   LYS A N   1 
ATOM   29   C  CA  . LYS A 1 9   ? -10.331 1.357   8.221   1.00 59.29  ? 8   LYS A CA  1 
ATOM   30   C  C   . LYS A 1 9   ? -11.356 0.925   9.284   1.00 63.23  ? 8   LYS A C   1 
ATOM   31   O  O   . LYS A 1 9   ? -11.824 1.800   10.053  1.00 61.52  ? 8   LYS A O   1 
ATOM   32   C  CB  . LYS A 1 9   ? -11.007 1.716   6.893   1.00 57.61  ? 8   LYS A CB  1 
ATOM   33   C  CG  . LYS A 1 9   ? -10.186 2.587   5.956   1.00 57.22  ? 8   LYS A CG  1 
ATOM   34   C  CD  . LYS A 1 9   ? -11.012 3.325   4.929   1.00 56.11  ? 8   LYS A CD  1 
ATOM   35   C  CE  . LYS A 1 9   ? -10.191 4.313   4.129   1.00 61.24  ? 8   LYS A CE  1 
ATOM   36   N  NZ  . LYS A 1 9   ? -10.842 4.688   2.852   1.00 65.72  ? 8   LYS A NZ  1 
ATOM   37   N  N   . GLN A 1 10  ? -11.683 -0.375  9.311   1.00 64.54  ? 9   GLN A N   1 
ATOM   38   C  CA  . GLN A 1 10  ? -12.611 -1.023  10.279  1.00 68.38  ? 9   GLN A CA  1 
ATOM   39   C  C   . GLN A 1 10  ? -12.056 -0.946  11.711  1.00 65.92  ? 9   GLN A C   1 
ATOM   40   O  O   . GLN A 1 10  ? -12.827 -0.642  12.631  1.00 66.99  ? 9   GLN A O   1 
ATOM   41   C  CB  . GLN A 1 10  ? -12.883 -2.476  9.871   1.00 66.42  ? 9   GLN A CB  1 
ATOM   42   C  CG  . GLN A 1 10  ? -13.796 -2.610  8.654   1.00 69.48  ? 9   GLN A CG  1 
ATOM   43   C  CD  . GLN A 1 10  ? -13.913 -4.039  8.170   1.00 73.93  ? 9   GLN A CD  1 
ATOM   44   O  OE1 . GLN A 1 10  ? -13.194 -4.939  8.612   1.00 76.48  ? 9   GLN A OE1 1 
ATOM   45   N  NE2 . GLN A 1 10  ? -14.838 -4.268  7.254   1.00 72.59  ? 9   GLN A NE2 1 
ATOM   46   N  N   A ARG A 1 11  ? -10.756 -1.217  11.877  0.28 63.74  ? 10  ARG A N   1 
ATOM   47   N  N   B ARG A 1 11  ? -10.752 -1.195  11.877  0.34 64.39  ? 10  ARG A N   1 
ATOM   48   C  CA  A ARG A 1 11  ? -10.070 -1.321  13.195  0.28 61.21  ? 10  ARG A CA  1 
ATOM   49   C  CA  B ARG A 1 11  ? -10.073 -1.328  13.195  0.34 62.12  ? 10  ARG A CA  1 
ATOM   50   C  C   A ARG A 1 11  ? -9.887  0.065   13.827  0.28 61.24  ? 10  ARG A C   1 
ATOM   51   C  C   B ARG A 1 11  ? -9.822  0.048   13.827  0.34 61.69  ? 10  ARG A C   1 
ATOM   52   O  O   A ARG A 1 11  ? -9.978  0.151   15.067  0.28 59.88  ? 10  ARG A O   1 
ATOM   53   O  O   B ARG A 1 11  ? -9.787  0.108   15.070  0.34 59.40  ? 10  ARG A O   1 
ATOM   54   C  CB  A ARG A 1 11  ? -8.697  -1.982  13.048  0.28 62.73  ? 10  ARG A CB  1 
ATOM   55   C  CB  B ARG A 1 11  ? -8.745  -2.075  13.044  0.34 65.07  ? 10  ARG A CB  1 
ATOM   56   C  CG  A ARG A 1 11  ? -8.746  -3.460  12.695  0.28 65.13  ? 10  ARG A CG  1 
ATOM   57   C  CG  B ARG A 1 11  ? -8.897  -3.554  12.721  0.34 69.35  ? 10  ARG A CG  1 
ATOM   58   C  CD  A ARG A 1 11  ? -7.359  -4.072  12.729  0.28 67.31  ? 10  ARG A CD  1 
ATOM   59   C  CD  B ARG A 1 11  ? -7.558  -4.206  12.429  0.34 73.09  ? 10  ARG A CD  1 
ATOM   60   N  NE  A ARG A 1 11  ? -6.745  -4.109  11.406  0.28 68.08  ? 10  ARG A NE  1 
ATOM   61   N  NE  B ARG A 1 11  ? -7.287  -4.322  11.000  0.34 74.55  ? 10  ARG A NE  1 
ATOM   62   C  CZ  A ARG A 1 11  ? -5.462  -3.881  11.140  0.28 67.93  ? 10  ARG A CZ  1 
ATOM   63   C  CZ  B ARG A 1 11  ? -6.084  -4.502  10.458  0.34 74.97  ? 10  ARG A CZ  1 
ATOM   64   N  NH1 A ARG A 1 11  ? -4.611  -3.563  12.103  0.28 69.30  ? 10  ARG A NH1 1 
ATOM   65   N  NH1 B ARG A 1 11  ? -5.003  -4.573  11.219  0.34 77.70  ? 10  ARG A NH1 1 
ATOM   66   N  NH2 A ARG A 1 11  ? -5.037  -3.959  9.892   0.28 68.06  ? 10  ARG A NH2 1 
ATOM   67   N  NH2 B ARG A 1 11  ? -5.965  -4.600  9.146   0.34 77.53  ? 10  ARG A NH2 1 
ATOM   68   N  N   . ARG A 1 12  ? -9.617  1.097   13.020  1.00 59.50  ? 11  ARG A N   1 
ATOM   69   C  CA  . ARG A 1 12  ? -9.248  2.450   13.546  1.00 61.57  ? 11  ARG A CA  1 
ATOM   70   C  C   . ARG A 1 12  ? -10.242 3.523   13.085  1.00 56.83  ? 11  ARG A C   1 
ATOM   71   O  O   . ARG A 1 12  ? -10.554 3.560   11.871  1.00 50.12  ? 11  ARG A O   1 
ATOM   72   C  CB  . ARG A 1 12  ? -7.823  2.836   13.117  1.00 62.08  ? 11  ARG A CB  1 
ATOM   73   C  CG  . ARG A 1 12  ? -6.747  1.794   13.410  1.00 62.55  ? 11  ARG A CG  1 
ATOM   74   C  CD  . ARG A 1 12  ? -6.199  1.845   14.824  1.00 66.55  ? 11  ARG A CD  1 
ATOM   75   N  NE  . ARG A 1 12  ? -5.541  3.108   15.142  1.00 72.56  ? 11  ARG A NE  1 
ATOM   76   C  CZ  . ARG A 1 12  ? -5.126  3.473   16.356  1.00 80.59  ? 11  ARG A CZ  1 
ATOM   77   N  NH1 . ARG A 1 12  ? -5.294  2.679   17.402  1.00 80.20  ? 11  ARG A NH1 1 
ATOM   78   N  NH2 . ARG A 1 12  ? -4.541  4.647   16.523  1.00 90.79  ? 11  ARG A NH2 1 
ATOM   79   N  N   . THR A 1 13  ? -10.646 4.401   14.014  1.00 50.40  ? 12  THR A N   1 
ATOM   80   C  CA  . THR A 1 13  ? -11.563 5.543   13.750  1.00 51.46  ? 12  THR A CA  1 
ATOM   81   C  C   . THR A 1 13  ? -10.893 6.506   12.749  1.00 52.82  ? 12  THR A C   1 
ATOM   82   O  O   . THR A 1 13  ? -9.665  6.633   12.757  1.00 49.99  ? 12  THR A O   1 
ATOM   83   C  CB  . THR A 1 13  ? -11.994 6.264   15.038  1.00 49.70  ? 12  THR A CB  1 
ATOM   84   O  OG1 . THR A 1 13  ? -10.962 7.112   15.544  1.00 55.20  ? 12  THR A OG1 1 
ATOM   85   C  CG2 . THR A 1 13  ? -12.392 5.329   16.158  1.00 54.42  ? 12  THR A CG2 1 
ATOM   86   N  N   . PHE A 1 14  ? -11.666 7.189   11.915  1.00 48.18  ? 13  PHE A N   1 
ATOM   87   C  CA  . PHE A 1 14  ? -11.130 8.259   11.044  1.00 53.75  ? 13  PHE A CA  1 
ATOM   88   C  C   . PHE A 1 14  ? -10.219 9.170   11.877  1.00 56.42  ? 13  PHE A C   1 
ATOM   89   O  O   . PHE A 1 14  ? -9.201  9.627   11.336  1.00 50.62  ? 13  PHE A O   1 
ATOM   90   C  CB  . PHE A 1 14  ? -12.253 9.052   10.376  1.00 50.35  ? 13  PHE A CB  1 
ATOM   91   C  CG  . PHE A 1 14  ? -11.756 10.118  9.434   1.00 45.95  ? 13  PHE A CG  1 
ATOM   92   C  CD1 . PHE A 1 14  ? -11.514 9.816   8.109   1.00 45.78  ? 13  PHE A CD1 1 
ATOM   93   C  CD2 . PHE A 1 14  ? -11.523 11.409  9.878   1.00 45.05  ? 13  PHE A CD2 1 
ATOM   94   C  CE1 . PHE A 1 14  ? -11.040 10.780  7.235   1.00 47.77  ? 13  PHE A CE1 1 
ATOM   95   C  CE2 . PHE A 1 14  ? -11.057 12.382  9.002   1.00 48.17  ? 13  PHE A CE2 1 
ATOM   96   C  CZ  . PHE A 1 14  ? -10.815 12.063  7.682   1.00 47.35  ? 13  PHE A CZ  1 
ATOM   97   N  N   . GLU A 1 15  ? -10.590 9.441   13.133  1.00 50.74  ? 14  GLU A N   1 
ATOM   98   C  CA  . GLU A 1 15  ? -9.853  10.353  14.042  1.00 54.94  ? 14  GLU A CA  1 
ATOM   99   C  C   . GLU A 1 15  ? -8.462  9.765   14.324  1.00 51.97  ? 14  GLU A C   1 
ATOM   100  O  O   . GLU A 1 15  ? -7.480  10.527  14.365  1.00 49.17  ? 14  GLU A O   1 
ATOM   101  C  CB  . GLU A 1 15  ? -10.647 10.535  15.341  1.00 62.95  ? 14  GLU A CB  1 
ATOM   102  C  CG  . GLU A 1 15  ? -10.047 11.564  16.294  1.00 71.18  ? 14  GLU A CG  1 
ATOM   103  C  CD  . GLU A 1 15  ? -10.903 11.964  17.492  1.00 77.71  ? 14  GLU A CD  1 
ATOM   104  O  OE1 . GLU A 1 15  ? -12.135 11.727  17.482  1.00 81.01  ? 14  GLU A OE1 1 
ATOM   105  O  OE2 . GLU A 1 15  ? -10.331 12.532  18.437  1.00 83.46  ? 14  GLU A OE2 1 
ATOM   106  N  N   . GLN A 1 16  ? -8.405  8.451   14.542  1.00 47.10  ? 15  GLN A N   1 
ATOM   107  C  CA  . GLN A 1 16  ? -7.184  7.704   14.925  1.00 51.53  ? 15  GLN A CA  1 
ATOM   108  C  C   . GLN A 1 16  ? -6.234  7.606   13.726  1.00 50.76  ? 15  GLN A C   1 
ATOM   109  O  O   . GLN A 1 16  ? -5.020  7.804   13.891  1.00 49.77  ? 15  GLN A O   1 
ATOM   110  C  CB  . GLN A 1 16  ? -7.566  6.318   15.442  1.00 52.12  ? 15  GLN A CB  1 
ATOM   111  C  CG  . GLN A 1 16  ? -8.024  6.342   16.896  1.00 53.68  ? 15  GLN A CG  1 
ATOM   112  C  CD  . GLN A 1 16  ? -8.487  4.987   17.352  1.00 49.22  ? 15  GLN A CD  1 
ATOM   113  O  OE1 . GLN A 1 16  ? -8.854  4.137   16.544  1.00 46.65  ? 15  GLN A OE1 1 
ATOM   114  N  NE2 . GLN A 1 16  ? -8.471  4.783   18.658  1.00 55.86  ? 15  GLN A NE2 1 
ATOM   115  N  N   A ARG A 1 17  ? -6.785  7.298   12.548  0.15 50.66  ? 16  ARG A N   1 
ATOM   116  N  N   B ARG A 1 17  ? -6.781  7.300   12.549  0.35 50.02  ? 16  ARG A N   1 
ATOM   117  C  CA  A ARG A 1 17  ? -6.035  7.193   11.267  0.15 51.39  ? 16  ARG A CA  1 
ATOM   118  C  CA  B ARG A 1 17  ? -6.016  7.194   11.279  0.35 51.52  ? 16  ARG A CA  1 
ATOM   119  C  C   A ARG A 1 17  ? -5.408  8.552   10.937  0.15 49.90  ? 16  ARG A C   1 
ATOM   120  C  C   B ARG A 1 17  ? -5.397  8.559   10.960  0.35 50.23  ? 16  ARG A C   1 
ATOM   121  O  O   A ARG A 1 17  ? -4.238  8.571   10.505  0.15 51.37  ? 16  ARG A O   1 
ATOM   122  O  O   B ARG A 1 17  ? -4.206  8.595   10.588  0.35 53.25  ? 16  ARG A O   1 
ATOM   123  C  CB  A ARG A 1 17  ? -6.958  6.707   10.145  0.15 52.55  ? 16  ARG A CB  1 
ATOM   124  C  CB  B ARG A 1 17  ? -6.926  6.663   10.168  0.35 51.75  ? 16  ARG A CB  1 
ATOM   125  C  CG  A ARG A 1 17  ? -7.617  5.364   10.429  0.15 53.53  ? 16  ARG A CG  1 
ATOM   126  C  CG  B ARG A 1 17  ? -7.349  5.216   10.378  0.35 51.83  ? 16  ARG A CG  1 
ATOM   127  C  CD  A ARG A 1 17  ? -8.185  4.686   9.195   0.15 55.16  ? 16  ARG A CD  1 
ATOM   128  C  CD  B ARG A 1 17  ? -8.209  4.642   9.266   0.35 53.47  ? 16  ARG A CD  1 
ATOM   129  N  NE  A ARG A 1 17  ? -9.048  5.546   8.394   0.15 57.54  ? 16  ARG A NE  1 
ATOM   130  N  NE  B ARG A 1 17  ? -9.637  4.711   9.554   0.35 55.35  ? 16  ARG A NE  1 
ATOM   131  C  CZ  A ARG A 1 17  ? -10.364 5.401   8.276   0.15 57.69  ? 16  ARG A CZ  1 
ATOM   132  C  CZ  B ARG A 1 17  ? -10.503 5.491   8.914   0.35 57.86  ? 16  ARG A CZ  1 
ATOM   133  N  NH1 A ARG A 1 17  ? -10.988 4.424   8.912   0.15 57.37  ? 16  ARG A NH1 1 
ATOM   134  N  NH1 B ARG A 1 17  ? -10.092 6.279   7.934   0.35 59.10  ? 16  ARG A NH1 1 
ATOM   135  N  NH2 A ARG A 1 17  ? -11.054 6.234   7.516   0.15 58.44  ? 16  ARG A NH2 1 
ATOM   136  N  NH2 B ARG A 1 17  ? -11.779 5.485   9.256   0.35 58.52  ? 16  ARG A NH2 1 
ATOM   137  N  N   . VAL A 1 18  ? -6.153  9.642   11.148  1.00 47.09  ? 17  VAL A N   1 
ATOM   138  C  CA  . VAL A 1 18  ? -5.659  11.024  10.873  1.00 45.99  ? 17  VAL A CA  1 
ATOM   139  C  C   . VAL A 1 18  ? -4.467  11.352  11.786  1.00 55.02  ? 17  VAL A C   1 
ATOM   140  O  O   . VAL A 1 18  ? -3.459  11.952  11.289  1.00 48.63  ? 17  VAL A O   1 
ATOM   141  C  CB  . VAL A 1 18  ? -6.791  12.047  11.005  1.00 46.30  ? 17  VAL A CB  1 
ATOM   142  C  CG1 . VAL A 1 18  ? -6.280  13.436  11.334  1.00 47.37  ? 17  VAL A CG1 1 
ATOM   143  C  CG2 . VAL A 1 18  ? -7.643  12.059  9.749   1.00 50.66  ? 17  VAL A CG2 1 
ATOM   144  N  N   . GLU A 1 19  ? -4.571  10.989  13.067  1.00 55.33  ? 18  GLU A N   1 
ATOM   145  C  CA  . GLU A 1 19  ? -3.554  11.328  14.087  1.00 57.15  ? 18  GLU A CA  1 
ATOM   146  C  C   . GLU A 1 19  ? -2.296  10.485  13.858  1.00 48.20  ? 18  GLU A C   1 
ATOM   147  O  O   . GLU A 1 19  ? -1.215  10.997  14.105  1.00 52.27  ? 18  GLU A O   1 
ATOM   148  C  CB  . GLU A 1 19  ? -4.108  11.149  15.500  1.00 67.01  ? 18  GLU A CB  1 
ATOM   149  C  CG  . GLU A 1 19  ? -4.536  12.468  16.102  1.00 79.15  ? 18  GLU A CG  1 
ATOM   150  C  CD  . GLU A 1 19  ? -3.377  13.403  16.394  1.00 87.34  ? 18  GLU A CD  1 
ATOM   151  O  OE1 . GLU A 1 19  ? -2.458  12.981  17.129  1.00 96.27  ? 18  GLU A OE1 1 
ATOM   152  O  OE2 . GLU A 1 19  ? -3.389  14.542  15.880  1.00 97.56  ? 18  GLU A OE2 1 
ATOM   153  N  N   . ASP A 1 20  ? -2.427  9.233   13.443  1.00 46.67  ? 19  ASP A N   1 
ATOM   154  C  CA  . ASP A 1 20  ? -1.246  8.404   13.119  1.00 52.94  ? 19  ASP A CA  1 
ATOM   155  C  C   . ASP A 1 20  ? -0.505  9.001   11.923  1.00 49.72  ? 19  ASP A C   1 
ATOM   156  O  O   . ASP A 1 20  ? 0.729   8.998   11.956  1.00 45.37  ? 19  ASP A O   1 
ATOM   157  C  CB  . ASP A 1 20  ? -1.580  6.941   12.866  1.00 59.51  ? 19  ASP A CB  1 
ATOM   158  C  CG  . ASP A 1 20  ? -0.339  6.051   12.951  1.00 77.96  ? 19  ASP A CG  1 
ATOM   159  O  OD1 . ASP A 1 20  ? -0.424  4.915   12.465  1.00 94.78  ? 19  ASP A OD1 1 
ATOM   160  O  OD2 . ASP A 1 20  ? 0.720   6.497   13.510  1.00 80.46  ? 19  ASP A OD2 1 
ATOM   161  N  N   . VAL A 1 21  ? -1.224  9.478   10.906  1.00 48.51  ? 20  VAL A N   1 
ATOM   162  C  CA  . VAL A 1 21  ? -0.594  10.093  9.710   1.00 46.78  ? 20  VAL A CA  1 
ATOM   163  C  C   . VAL A 1 21  ? 0.161   11.326  10.194  1.00 49.43  ? 20  VAL A C   1 
ATOM   164  O  O   . VAL A 1 21  ? 1.267   11.547  9.680   1.00 43.18  ? 20  VAL A O   1 
ATOM   165  C  CB  . VAL A 1 21  ? -1.601  10.406  8.586   1.00 43.83  ? 20  VAL A CB  1 
ATOM   166  C  CG1 . VAL A 1 21  ? -1.091  11.450  7.599   1.00 44.14  ? 20  VAL A CG1 1 
ATOM   167  C  CG2 . VAL A 1 21  ? -1.983  9.147   7.851   1.00 41.74  ? 20  VAL A CG2 1 
ATOM   168  N  N   . ARG A 1 22  ? -0.401  12.059  11.161  1.00 52.30  ? 21  ARG A N   1 
ATOM   169  C  CA  . ARG A 1 22  ? 0.184   13.328  11.663  1.00 52.92  ? 21  ARG A CA  1 
ATOM   170  C  C   . ARG A 1 22  ? 1.475   13.033  12.432  1.00 51.24  ? 21  ARG A C   1 
ATOM   171  O  O   . ARG A 1 22  ? 2.380   13.888  12.376  1.00 49.30  ? 21  ARG A O   1 
ATOM   172  C  CB  . ARG A 1 22  ? -0.803  14.091  12.547  1.00 60.15  ? 21  ARG A CB  1 
ATOM   173  C  CG  . ARG A 1 22  ? -1.873  14.849  11.776  1.00 70.46  ? 21  ARG A CG  1 
ATOM   174  C  CD  . ARG A 1 22  ? -2.872  15.391  12.775  1.00 78.72  ? 21  ARG A CD  1 
ATOM   175  N  NE  . ARG A 1 22  ? -3.918  16.218  12.197  1.00 84.59  ? 21  ARG A NE  1 
ATOM   176  C  CZ  . ARG A 1 22  ? -5.050  16.543  12.821  1.00 87.98  ? 21  ARG A CZ  1 
ATOM   177  N  NH1 . ARG A 1 22  ? -5.297  16.088  14.041  1.00 85.90  ? 21  ARG A NH1 1 
ATOM   178  N  NH2 . ARG A 1 22  ? -5.937  17.313  12.211  1.00 87.98  ? 21  ARG A NH2 1 
ATOM   179  N  N   . LEU A 1 23  ? 1.539   11.890  13.120  1.00 44.72  ? 22  LEU A N   1 
ATOM   180  C  CA  . LEU A 1 23  ? 2.729   11.409  13.879  1.00 50.71  ? 22  LEU A CA  1 
ATOM   181  C  C   . LEU A 1 23  ? 3.851   10.972  12.915  1.00 46.01  ? 22  LEU A C   1 
ATOM   182  O  O   . LEU A 1 23  ? 5.016   11.290  13.184  1.00 43.41  ? 22  LEU A O   1 
ATOM   183  C  CB  . LEU A 1 23  ? 2.305   10.232  14.770  1.00 50.83  ? 22  LEU A CB  1 
ATOM   184  C  CG  . LEU A 1 23  ? 3.420   9.612   15.612  1.00 57.04  ? 22  LEU A CG  1 
ATOM   185  C  CD1 . LEU A 1 23  ? 3.863   10.575  16.709  1.00 56.83  ? 22  LEU A CD1 1 
ATOM   186  C  CD2 . LEU A 1 23  ? 2.998   8.273   16.201  1.00 59.25  ? 22  LEU A CD2 1 
ATOM   187  N  N   . ILE A 1 24  ? 3.518   10.229  11.855  1.00 43.66  ? 23  ILE A N   1 
ATOM   188  C  CA  . ILE A 1 24  ? 4.466   9.801   10.777  1.00 41.56  ? 23  ILE A CA  1 
ATOM   189  C  C   . ILE A 1 24  ? 5.072   11.060  10.138  1.00 38.36  ? 23  ILE A C   1 
ATOM   190  O  O   . ILE A 1 24  ? 6.272   11.070  9.908   1.00 38.17  ? 23  ILE A O   1 
ATOM   191  C  CB  . ILE A 1 24  ? 3.746   8.883   9.777   1.00 42.45  ? 23  ILE A CB  1 
ATOM   192  C  CG1 . ILE A 1 24  ? 3.203   7.648   10.501  1.00 43.03  ? 23  ILE A CG1 1 
ATOM   193  C  CG2 . ILE A 1 24  ? 4.645   8.504   8.603   1.00 46.37  ? 23  ILE A CG2 1 
ATOM   194  C  CD1 . ILE A 1 24  ? 2.341   6.753   9.639   1.00 44.36  ? 23  ILE A CD1 1 
ATOM   195  N  N   . ARG A 1 25  ? 4.286   12.115  9.941   1.00 37.45  ? 24  ARG A N   1 
ATOM   196  C  CA  . ARG A 1 25  ? 4.770   13.425  9.427   1.00 43.15  ? 24  ARG A CA  1 
ATOM   197  C  C   . ARG A 1 25  ? 5.819   14.008  10.367  1.00 45.07  ? 24  ARG A C   1 
ATOM   198  O  O   . ARG A 1 25  ? 6.715   14.719  9.883   1.00 43.69  ? 24  ARG A O   1 
ATOM   199  C  CB  . ARG A 1 25  ? 3.663   14.474  9.329   1.00 41.85  ? 24  ARG A CB  1 
ATOM   200  C  CG  . ARG A 1 25  ? 2.850   14.362  8.054   1.00 51.68  ? 24  ARG A CG  1 
ATOM   201  C  CD  . ARG A 1 25  ? 2.105   15.636  7.710   1.00 55.86  ? 24  ARG A CD  1 
ATOM   202  N  NE  . ARG A 1 25  ? 0.968   15.241  6.896   1.00 69.68  ? 24  ARG A NE  1 
ATOM   203  C  CZ  . ARG A 1 25  ? -0.293  15.577  7.134   1.00 69.27  ? 24  ARG A CZ  1 
ATOM   204  N  NH1 . ARG A 1 25  ? -0.603  16.381  8.137   1.00 70.74  ? 24  ARG A NH1 1 
ATOM   205  N  NH2 . ARG A 1 25  ? -1.242  15.121  6.341   1.00 71.50  ? 24  ARG A NH2 1 
ATOM   206  N  N   . GLU A 1 26  ? 5.623   13.800  11.667  1.00 44.18  ? 25  GLU A N   1 
ATOM   207  C  CA  . GLU A 1 26  ? 6.421   14.440  12.740  1.00 46.81  ? 25  GLU A CA  1 
ATOM   208  C  C   . GLU A 1 26  ? 7.726   13.651  12.904  1.00 36.75  ? 25  GLU A C   1 
ATOM   209  O  O   . GLU A 1 26  ? 8.769   14.273  13.039  1.00 41.71  ? 25  GLU A O   1 
ATOM   210  C  CB  . GLU A 1 26  ? 5.581   14.470  14.024  1.00 54.74  ? 25  GLU A CB  1 
ATOM   211  C  CG  . GLU A 1 26  ? 5.654   15.776  14.796  1.00 65.91  ? 25  GLU A CG  1 
ATOM   212  C  CD  . GLU A 1 26  ? 5.301   17.030  14.007  1.00 68.29  ? 25  GLU A CD  1 
ATOM   213  O  OE1 . GLU A 1 26  ? 4.603   16.917  12.992  1.00 70.84  ? 25  GLU A OE1 1 
ATOM   214  O  OE2 . GLU A 1 26  ? 5.748   18.115  14.406  1.00 76.94  ? 25  GLU A OE2 1 
ATOM   215  N  N   . GLN A 1 27  ? 7.635   12.324  12.896  1.00 34.62  ? 26  GLN A N   1 
ATOM   216  C  CA  . GLN A 1 27  ? 8.727   11.382  13.208  1.00 37.39  ? 26  GLN A CA  1 
ATOM   217  C  C   . GLN A 1 27  ? 9.402   10.884  11.931  1.00 39.29  ? 26  GLN A C   1 
ATOM   218  O  O   . GLN A 1 27  ? 10.557  10.497  12.031  1.00 32.04  ? 26  GLN A O   1 
ATOM   219  C  CB  . GLN A 1 27  ? 8.187   10.158  13.935  1.00 41.01  ? 26  GLN A CB  1 
ATOM   220  C  CG  . GLN A 1 27  ? 7.591   10.494  15.291  1.00 49.87  ? 26  GLN A CG  1 
ATOM   221  C  CD  . GLN A 1 27  ? 7.097   9.266   16.025  1.00 61.33  ? 26  GLN A CD  1 
ATOM   222  O  OE1 . GLN A 1 27  ? 6.864   8.199   15.441  1.00 63.64  ? 26  GLN A OE1 1 
ATOM   223  N  NE2 . GLN A 1 27  ? 6.926   9.419   17.332  1.00 69.56  ? 26  GLN A NE2 1 
ATOM   224  N  N   . HIS A 1 28  ? 8.689   10.802  10.804  1.00 33.81  ? 27  HIS A N   1 
ATOM   225  C  CA  . HIS A 1 28  ? 9.262   10.280  9.541   1.00 36.40  ? 27  HIS A CA  1 
ATOM   226  C  C   . HIS A 1 28  ? 8.826   11.172  8.402   1.00 31.79  ? 27  HIS A C   1 
ATOM   227  O  O   . HIS A 1 28  ? 8.092   10.749  7.534   1.00 33.75  ? 27  HIS A O   1 
ATOM   228  C  CB  . HIS A 1 28  ? 8.872   8.818   9.339   1.00 40.96  ? 27  HIS A CB  1 
ATOM   229  C  CG  . HIS A 1 28  ? 9.299   7.957   10.475  1.00 45.52  ? 27  HIS A CG  1 
ATOM   230  N  ND1 . HIS A 1 28  ? 10.593  7.464   10.577  1.00 42.79  ? 27  HIS A ND1 1 
ATOM   231  C  CD2 . HIS A 1 28  ? 8.621   7.533   11.569  1.00 44.96  ? 27  HIS A CD2 1 
ATOM   232  C  CE1 . HIS A 1 28  ? 10.683  6.757   11.695  1.00 48.78  ? 27  HIS A CE1 1 
ATOM   233  N  NE2 . HIS A 1 28  ? 9.491   6.792   12.323  1.00 45.07  ? 27  HIS A NE2 1 
ATOM   234  N  N   . PRO A 1 29  ? 9.249   12.444  8.420   1.00 34.63  ? 28  PRO A N   1 
ATOM   235  C  CA  . PRO A 1 29  ? 8.773   13.431  7.455   1.00 34.91  ? 28  PRO A CA  1 
ATOM   236  C  C   . PRO A 1 29  ? 9.049   13.031  5.998   1.00 35.36  ? 28  PRO A C   1 
ATOM   237  O  O   . PRO A 1 29  ? 8.268   13.401  5.132   1.00 35.65  ? 28  PRO A O   1 
ATOM   238  C  CB  . PRO A 1 29  ? 9.519   14.714  7.859   1.00 37.24  ? 28  PRO A CB  1 
ATOM   239  C  CG  . PRO A 1 29  ? 10.749  14.193  8.626   1.00 39.50  ? 28  PRO A CG  1 
ATOM   240  C  CD  . PRO A 1 29  ? 10.197  13.012  9.394   1.00 38.85  ? 28  PRO A CD  1 
ATOM   241  N  N   . THR A 1 30  ? 10.104  12.261  5.731   1.00 32.95  ? 29  THR A N   1 
ATOM   242  C  CA  . THR A 1 30  ? 10.458  11.892  4.329   1.00 31.63  ? 29  THR A CA  1 
ATOM   243  C  C   . THR A 1 30  ? 9.771   10.610  3.817   1.00 32.65  ? 29  THR A C   1 
ATOM   244  O  O   . THR A 1 30  ? 10.058  10.207  2.654   1.00 35.55  ? 29  THR A O   1 
ATOM   245  C  CB  . THR A 1 30  ? 11.982  11.752  4.116   1.00 30.32  ? 29  THR A CB  1 
ATOM   246  O  OG1 . THR A 1 30  ? 12.408  10.534  4.717   1.00 30.23  ? 29  THR A OG1 1 
ATOM   247  C  CG2 . THR A 1 30  ? 12.794  12.919  4.636   1.00 29.05  ? 29  THR A CG2 1 
ATOM   248  N  N   . LYS A 1 31  ? 8.901   9.979   4.620   0.62 34.85  ? 30  LYS A N   1 
ATOM   249  C  CA  . LYS A 1 31  ? 8.268   8.677   4.269   0.62 34.93  ? 30  LYS A CA  1 
ATOM   250  C  C   . LYS A 1 31  ? 6.784   8.891   3.926   0.62 34.89  ? 30  LYS A C   1 
ATOM   251  O  O   . LYS A 1 31  ? 6.120   9.750   4.558   0.62 33.77  ? 30  LYS A O   1 
ATOM   252  C  CB  . LYS A 1 31  ? 8.445   7.648   5.394   0.62 37.50  ? 30  LYS A CB  1 
ATOM   253  C  CG  . LYS A 1 31  ? 9.795   7.646   6.111   0.62 40.06  ? 30  LYS A CG  1 
ATOM   254  C  CD  . LYS A 1 31  ? 10.877  6.777   5.494   0.62 42.46  ? 30  LYS A CD  1 
ATOM   255  C  CE  . LYS A 1 31  ? 12.289  7.222   5.846   0.62 43.31  ? 30  LYS A CE  1 
ATOM   256  N  NZ  . LYS A 1 31  ? 12.442  7.592   7.277   0.62 46.07  ? 30  LYS A NZ  1 
ATOM   257  N  N   . ILE A 1 32  ? 6.284   8.119   2.955   1.00 33.95  ? 31  ILE A N   1 
ATOM   258  C  CA  . ILE A 1 32  ? 4.845   8.083   2.576   1.00 33.90  ? 31  ILE A CA  1 
ATOM   259  C  C   . ILE A 1 32  ? 4.158   7.043   3.484   1.00 34.52  ? 31  ILE A C   1 
ATOM   260  O  O   . ILE A 1 32  ? 4.577   5.886   3.610   1.00 34.24  ? 31  ILE A O   1 
ATOM   261  C  CB  . ILE A 1 32  ? 4.706   7.790   1.066   1.00 33.25  ? 31  ILE A CB  1 
ATOM   262  C  CG1 . ILE A 1 32  ? 5.391   8.844   0.189   1.00 33.29  ? 31  ILE A CG1 1 
ATOM   263  C  CG2 . ILE A 1 32  ? 3.244   7.631   0.676   1.00 35.60  ? 31  ILE A CG2 1 
ATOM   264  C  CD1 . ILE A 1 32  ? 5.093   10.284  0.553   1.00 33.53  ? 31  ILE A CD1 1 
ATOM   265  N  N   . PRO A 1 33  ? 3.070   7.404   4.179   1.00 34.50  ? 32  PRO A N   1 
ATOM   266  C  CA  . PRO A 1 33  ? 2.321   6.429   4.969   1.00 35.48  ? 32  PRO A CA  1 
ATOM   267  C  C   . PRO A 1 33  ? 1.407   5.585   4.078   1.00 36.10  ? 32  PRO A C   1 
ATOM   268  O  O   . PRO A 1 33  ? 0.508   6.125   3.451   1.00 37.50  ? 32  PRO A O   1 
ATOM   269  C  CB  . PRO A 1 33  ? 1.539   7.315   5.925   1.00 33.67  ? 32  PRO A CB  1 
ATOM   270  C  CG  . PRO A 1 33  ? 1.272   8.558   5.132   1.00 34.99  ? 32  PRO A CG  1 
ATOM   271  C  CD  . PRO A 1 33  ? 2.512   8.759   4.283   1.00 38.06  ? 32  PRO A CD  1 
ATOM   272  N  N   . VAL A 1 34  ? 1.687   4.288   4.011   1.00 36.70  ? 33  VAL A N   1 
ATOM   273  C  CA  . VAL A 1 34  ? 1.000   3.364   3.072   1.00 38.27  ? 33  VAL A CA  1 
ATOM   274  C  C   . VAL A 1 34  ? 0.306   2.260   3.880   1.00 41.37  ? 33  VAL A C   1 
ATOM   275  O  O   . VAL A 1 34  ? 0.947   1.666   4.785   1.00 38.43  ? 33  VAL A O   1 
ATOM   276  C  CB  . VAL A 1 34  ? 1.984   2.797   2.037   1.00 38.55  ? 33  VAL A CB  1 
ATOM   277  C  CG1 . VAL A 1 34  ? 1.286   1.846   1.093   1.00 42.37  ? 33  VAL A CG1 1 
ATOM   278  C  CG2 . VAL A 1 34  ? 2.698   3.898   1.273   1.00 37.66  ? 33  VAL A CG2 1 
ATOM   279  N  N   . ILE A 1 35  ? -0.964  2.004   3.550   1.00 42.23  ? 34  ILE A N   1 
ATOM   280  C  CA  . ILE A 1 35  ? -1.706  0.790   3.986   1.00 43.14  ? 34  ILE A CA  1 
ATOM   281  C  C   . ILE A 1 35  ? -1.682  -0.216  2.839   1.00 37.23  ? 34  ILE A C   1 
ATOM   282  O  O   . ILE A 1 35  ? -2.122  0.137   1.746   1.00 39.24  ? 34  ILE A O   1 
ATOM   283  C  CB  . ILE A 1 35  ? -3.151  1.119   4.393   1.00 46.38  ? 34  ILE A CB  1 
ATOM   284  C  CG1 . ILE A 1 35  ? -3.242  2.237   5.434   1.00 44.25  ? 34  ILE A CG1 1 
ATOM   285  C  CG2 . ILE A 1 35  ? -3.829  -0.159  4.861   1.00 49.58  ? 34  ILE A CG2 1 
ATOM   286  C  CD1 . ILE A 1 35  ? -2.534  1.933   6.734   1.00 48.18  ? 34  ILE A CD1 1 
ATOM   287  N  N   . ILE A 1 36  ? -1.190  -1.421  3.092   1.00 37.27  ? 35  ILE A N   1 
ATOM   288  C  CA  . ILE A 1 36  ? -1.120  -2.510  2.074   1.00 43.20  ? 35  ILE A CA  1 
ATOM   289  C  C   . ILE A 1 36  ? -1.856  -3.719  2.649   1.00 47.59  ? 35  ILE A C   1 
ATOM   290  O  O   . ILE A 1 36  ? -1.445  -4.203  3.716   1.00 45.87  ? 35  ILE A O   1 
ATOM   291  C  CB  . ILE A 1 36  ? 0.330   -2.862  1.685   1.00 42.83  ? 35  ILE A CB  1 
ATOM   292  C  CG1 . ILE A 1 36  ? 1.152   -1.604  1.369   1.00 44.62  ? 35  ILE A CG1 1 
ATOM   293  C  CG2 . ILE A 1 36  ? 0.338   -3.872  0.534   1.00 40.74  ? 35  ILE A CG2 1 
ATOM   294  C  CD1 . ILE A 1 36  ? 2.609   -1.878  1.011   1.00 44.19  ? 35  ILE A CD1 1 
ATOM   295  N  N   . GLU A 1 37  ? -2.907  -4.162  1.957   1.00 54.36  ? 36  GLU A N   1 
ATOM   296  C  CA  . GLU A 1 37  ? -3.843  -5.206  2.440   1.00 58.19  ? 36  GLU A CA  1 
ATOM   297  C  C   . GLU A 1 37  ? -3.995  -6.290  1.371   1.00 55.79  ? 36  GLU A C   1 
ATOM   298  O  O   . GLU A 1 37  ? -3.929  -5.972  0.187   1.00 47.44  ? 36  GLU A O   1 
ATOM   299  C  CB  . GLU A 1 37  ? -5.156  -4.526  2.828   1.00 56.37  ? 36  GLU A CB  1 
ATOM   300  C  CG  . GLU A 1 37  ? -4.990  -3.690  4.081   1.00 57.82  ? 36  GLU A CG  1 
ATOM   301  C  CD  . GLU A 1 37  ? -6.262  -3.266  4.782   1.00 59.93  ? 36  GLU A CD  1 
ATOM   302  O  OE1 . GLU A 1 37  ? -7.050  -2.493  4.175   1.00 57.66  ? 36  GLU A OE1 1 
ATOM   303  O  OE2 . GLU A 1 37  ? -6.445  -3.693  5.940   1.00 61.70  ? 36  GLU A OE2 1 
ATOM   304  N  N   . ARG A 1 38  ? -4.143  -7.545  1.792   1.00 58.97  ? 37  ARG A N   1 
ATOM   305  C  CA  . ARG A 1 38  ? -4.498  -8.643  0.867   1.00 58.81  ? 37  ARG A CA  1 
ATOM   306  C  C   . ARG A 1 38  ? -5.986  -8.522  0.534   1.00 60.67  ? 37  ARG A C   1 
ATOM   307  O  O   . ARG A 1 38  ? -6.797  -8.298  1.468   1.00 64.40  ? 37  ARG A O   1 
ATOM   308  C  CB  . ARG A 1 38  ? -4.199  -10.023 1.448   1.00 60.22  ? 37  ARG A CB  1 
ATOM   309  C  CG  . ARG A 1 38  ? -4.350  -11.105 0.391   1.00 67.86  ? 37  ARG A CG  1 
ATOM   310  C  CD  . ARG A 1 38  ? -3.859  -12.459 0.826   1.00 72.20  ? 37  ARG A CD  1 
ATOM   311  N  NE  . ARG A 1 38  ? -4.729  -13.039 1.831   1.00 79.04  ? 37  ARG A NE  1 
ATOM   312  C  CZ  . ARG A 1 38  ? -4.741  -14.327 2.161   1.00 84.27  ? 37  ARG A CZ  1 
ATOM   313  N  NH1 . ARG A 1 38  ? -3.942  -15.192 1.551   1.00 81.24  ? 37  ARG A NH1 1 
ATOM   314  N  NH2 . ARG A 1 38  ? -5.567  -14.747 3.102   1.00 86.87  ? 37  ARG A NH2 1 
ATOM   315  N  N   . TYR A 1 39  ? -6.307  -8.614  -0.755  1.00 66.52  ? 38  TYR A N   1 
ATOM   316  C  CA  . TYR A 1 39  ? -7.687  -8.706  -1.290  1.00 71.00  ? 38  TYR A CA  1 
ATOM   317  C  C   . TYR A 1 39  ? -8.437  -9.775  -0.485  1.00 75.28  ? 38  TYR A C   1 
ATOM   318  O  O   . TYR A 1 39  ? -7.855  -10.854 -0.246  1.00 65.83  ? 38  TYR A O   1 
ATOM   319  C  CB  . TYR A 1 39  ? -7.605  -9.020  -2.781  1.00 80.58  ? 38  TYR A CB  1 
ATOM   320  C  CG  . TYR A 1 39  ? -8.932  -9.306  -3.424  1.00 91.10  ? 38  TYR A CG  1 
ATOM   321  C  CD1 . TYR A 1 39  ? -9.921  -8.338  -3.469  1.00 90.69  ? 38  TYR A CD1 1 
ATOM   322  C  CD2 . TYR A 1 39  ? -9.189  -10.544 -3.989  1.00 90.57  ? 38  TYR A CD2 1 
ATOM   323  C  CE1 . TYR A 1 39  ? -11.142 -8.596  -4.058  1.00 95.24  ? 38  TYR A CE1 1 
ATOM   324  C  CE2 . TYR A 1 39  ? -10.402 -10.817 -4.589  1.00 95.45  ? 38  TYR A CE2 1 
ATOM   325  C  CZ  . TYR A 1 39  ? -11.381 -9.841  -4.614  1.00 101.14 ? 38  TYR A CZ  1 
ATOM   326  O  OH  . TYR A 1 39  ? -12.580 -10.107 -5.202  1.00 122.89 ? 38  TYR A OH  1 
ATOM   327  N  N   . LYS A 1 40  ? -9.658  -9.488  -0.022  1.00 80.54  ? 39  LYS A N   1 
ATOM   328  C  CA  . LYS A 1 40  ? -10.342 -10.362 0.972   1.00 81.09  ? 39  LYS A CA  1 
ATOM   329  C  C   . LYS A 1 40  ? -10.746 -11.675 0.287   1.00 75.37  ? 39  LYS A C   1 
ATOM   330  O  O   . LYS A 1 40  ? -10.888 -12.665 1.015   1.00 70.06  ? 39  LYS A O   1 
ATOM   331  C  CB  . LYS A 1 40  ? -11.480 -9.622  1.680   1.00 90.60  ? 39  LYS A CB  1 
ATOM   332  C  CG  . LYS A 1 40  ? -12.790 -9.480  0.917   1.00 100.66 ? 39  LYS A CG  1 
ATOM   333  C  CD  . LYS A 1 40  ? -13.706 -8.409  1.497   1.00 108.96 ? 39  LYS A CD  1 
ATOM   334  C  CE  . LYS A 1 40  ? -13.651 -8.261  3.010   1.00 117.70 ? 39  LYS A CE  1 
ATOM   335  N  NZ  . LYS A 1 40  ? -14.164 -9.461  3.716   1.00 121.85 ? 39  LYS A NZ  1 
ATOM   336  N  N   . GLY A 1 41  ? -10.805 -11.708 -1.053  1.00 71.46  ? 40  GLY A N   1 
ATOM   337  C  CA  . GLY A 1 41  ? -10.997 -12.934 -1.860  1.00 70.78  ? 40  GLY A CA  1 
ATOM   338  C  C   . GLY A 1 41  ? -9.751  -13.813 -2.032  1.00 79.01  ? 40  GLY A C   1 
ATOM   339  O  O   . GLY A 1 41  ? -9.918  -15.010 -2.374  1.00 84.84  ? 40  GLY A O   1 
ATOM   340  N  N   . GLU A 1 42  ? -8.541  -13.288 -1.806  1.00 78.71  ? 41  GLU A N   1 
ATOM   341  C  CA  . GLU A 1 42  ? -7.255  -13.891 -2.271  1.00 77.41  ? 41  GLU A CA  1 
ATOM   342  C  C   . GLU A 1 42  ? -7.002  -15.281 -1.657  1.00 76.72  ? 41  GLU A C   1 
ATOM   343  O  O   . GLU A 1 42  ? -7.113  -15.419 -0.425  1.00 76.94  ? 41  GLU A O   1 
ATOM   344  C  CB  . GLU A 1 42  ? -6.100  -12.950 -1.921  1.00 76.01  ? 41  GLU A CB  1 
ATOM   345  C  CG  . GLU A 1 42  ? -4.733  -13.483 -2.307  1.00 66.76  ? 41  GLU A CG  1 
ATOM   346  C  CD  . GLU A 1 42  ? -4.558  -13.746 -3.785  1.00 58.55  ? 41  GLU A CD  1 
ATOM   347  O  OE1 . GLU A 1 42  ? -5.175  -13.034 -4.594  1.00 58.51  ? 41  GLU A OE1 1 
ATOM   348  O  OE2 . GLU A 1 42  ? -3.774  -14.646 -4.117  1.00 65.52  ? 41  GLU A OE2 1 
ATOM   349  N  N   . LYS A 1 43  ? -6.593  -16.250 -2.485  1.00 78.12  ? 42  LYS A N   1 
ATOM   350  C  CA  . LYS A 1 43  ? -6.372  -17.667 -2.078  1.00 93.21  ? 42  LYS A CA  1 
ATOM   351  C  C   . LYS A 1 43  ? -4.882  -18.019 -2.086  1.00 90.31  ? 42  LYS A C   1 
ATOM   352  O  O   . LYS A 1 43  ? -4.433  -18.701 -1.140  1.00 91.78  ? 42  LYS A O   1 
ATOM   353  C  CB  . LYS A 1 43  ? -7.148  -18.610 -3.003  1.00 99.72  ? 42  LYS A CB  1 
ATOM   354  C  CG  . LYS A 1 43  ? -8.661  -18.459 -2.933  1.00 111.48 ? 42  LYS A CG  1 
ATOM   355  C  CD  . LYS A 1 43  ? -9.165  -18.143 -1.533  1.00 116.74 ? 42  LYS A CD  1 
ATOM   356  C  CE  . LYS A 1 43  ? -10.670 -18.197 -1.396  1.00 118.84 ? 42  LYS A CE  1 
ATOM   357  N  NZ  . LYS A 1 43  ? -11.076 -17.987 0.012   1.00 124.42 ? 42  LYS A NZ  1 
ATOM   358  N  N   . GLN A 1 44  ? -4.152  -17.567 -3.105  1.00 86.21  ? 43  GLN A N   1 
ATOM   359  C  CA  . GLN A 1 44  ? -2.763  -18.008 -3.402  1.00 84.22  ? 43  GLN A CA  1 
ATOM   360  C  C   . GLN A 1 44  ? -1.755  -17.277 -2.495  1.00 77.71  ? 43  GLN A C   1 
ATOM   361  O  O   . GLN A 1 44  ? -1.049  -17.964 -1.733  1.00 75.55  ? 43  GLN A O   1 
ATOM   362  C  CB  . GLN A 1 44  ? -2.465  -17.789 -4.889  1.00 97.74  ? 43  GLN A CB  1 
ATOM   363  C  CG  . GLN A 1 44  ? -3.550  -18.310 -5.824  1.00 109.79 ? 43  GLN A CG  1 
ATOM   364  C  CD  . GLN A 1 44  ? -4.007  -19.702 -5.453  1.00 126.65 ? 43  GLN A CD  1 
ATOM   365  O  OE1 . GLN A 1 44  ? -3.230  -20.524 -4.969  1.00 143.33 ? 43  GLN A OE1 1 
ATOM   366  N  NE2 . GLN A 1 44  ? -5.283  -19.978 -5.669  1.00 132.34 ? 43  GLN A NE2 1 
ATOM   367  N  N   . LEU A 1 45  ? -1.680  -15.941 -2.564  1.00 65.32  ? 44  LEU A N   1 
ATOM   368  C  CA  . LEU A 1 45  ? -0.589  -15.150 -1.936  1.00 59.88  ? 44  LEU A CA  1 
ATOM   369  C  C   . LEU A 1 45  ? -0.777  -15.184 -0.424  1.00 57.79  ? 44  LEU A C   1 
ATOM   370  O  O   . LEU A 1 45  ? -1.904  -15.225 0.057   1.00 58.89  ? 44  LEU A O   1 
ATOM   371  C  CB  . LEU A 1 45  ? -0.632  -13.706 -2.449  1.00 62.59  ? 44  LEU A CB  1 
ATOM   372  C  CG  . LEU A 1 45  ? -0.495  -13.516 -3.954  1.00 63.53  ? 44  LEU A CG  1 
ATOM   373  C  CD1 . LEU A 1 45  ? -0.822  -12.086 -4.352  1.00 66.09  ? 44  LEU A CD1 1 
ATOM   374  C  CD2 . LEU A 1 45  ? 0.899   -13.902 -4.427  1.00 65.07  ? 44  LEU A CD2 1 
ATOM   375  N  N   . PRO A 1 46  ? 0.315   -15.182 0.370   1.00 58.63  ? 45  PRO A N   1 
ATOM   376  C  CA  . PRO A 1 46  ? 0.206   -15.082 1.820   1.00 60.28  ? 45  PRO A CA  1 
ATOM   377  C  C   . PRO A 1 46  ? -0.248  -13.681 2.251   1.00 64.91  ? 45  PRO A C   1 
ATOM   378  O  O   . PRO A 1 46  ? -0.260  -12.806 1.413   1.00 61.75  ? 45  PRO A O   1 
ATOM   379  C  CB  . PRO A 1 46  ? 1.611   -15.391 2.366   1.00 59.61  ? 45  PRO A CB  1 
ATOM   380  C  CG  . PRO A 1 46  ? 2.539   -15.446 1.167   1.00 61.42  ? 45  PRO A CG  1 
ATOM   381  C  CD  . PRO A 1 46  ? 1.698   -15.344 -0.090  1.00 63.33  ? 45  PRO A CD  1 
ATOM   382  N  N   . VAL A 1 47  ? -0.619  -13.520 3.528   1.00 64.74  ? 46  VAL A N   1 
ATOM   383  C  CA  . VAL A 1 47  ? -0.830  -12.186 4.168   1.00 67.48  ? 46  VAL A CA  1 
ATOM   384  C  C   . VAL A 1 47  ? 0.533   -11.655 4.624   1.00 67.25  ? 46  VAL A C   1 
ATOM   385  O  O   . VAL A 1 47  ? 1.400   -12.472 4.987   1.00 64.76  ? 46  VAL A O   1 
ATOM   386  C  CB  . VAL A 1 47  ? -1.823  -12.198 5.350   1.00 67.96  ? 46  VAL A CB  1 
ATOM   387  C  CG1 . VAL A 1 47  ? -3.237  -12.530 4.905   1.00 69.06  ? 46  VAL A CG1 1 
ATOM   388  C  CG2 . VAL A 1 47  ? -1.377  -13.098 6.495   1.00 70.74  ? 46  VAL A CG2 1 
ATOM   389  N  N   . LEU A 1 48  ? 0.681   -10.330 4.621   1.00 65.01  ? 47  LEU A N   1 
ATOM   390  C  CA  . LEU A 1 48  ? 1.897   -9.615  5.080   1.00 62.52  ? 47  LEU A CA  1 
ATOM   391  C  C   . LEU A 1 48  ? 1.982   -9.710  6.603   1.00 62.76  ? 47  LEU A C   1 
ATOM   392  O  O   . LEU A 1 48  ? 0.940   -9.895  7.266   1.00 61.10  ? 47  LEU A O   1 
ATOM   393  C  CB  . LEU A 1 48  ? 1.832   -8.149  4.638   1.00 63.76  ? 47  LEU A CB  1 
ATOM   394  C  CG  . LEU A 1 48  ? 1.992   -7.893  3.139   1.00 61.06  ? 47  LEU A CG  1 
ATOM   395  C  CD1 . LEU A 1 48  ? 1.618   -6.467  2.802   1.00 61.71  ? 47  LEU A CD1 1 
ATOM   396  C  CD2 . LEU A 1 48  ? 3.409   -8.184  2.683   1.00 66.01  ? 47  LEU A CD2 1 
ATOM   397  N  N   . ASP A 1 49  ? 3.194   -9.546  7.124   1.00 61.82  ? 48  ASP A N   1 
ATOM   398  C  CA  . ASP A 1 49  ? 3.493   -9.543  8.576   1.00 60.77  ? 48  ASP A CA  1 
ATOM   399  C  C   . ASP A 1 49  ? 2.850   -8.319  9.251   1.00 61.39  ? 48  ASP A C   1 
ATOM   400  O  O   . ASP A 1 49  ? 2.555   -8.393  10.457  1.00 61.32  ? 48  ASP A O   1 
ATOM   401  C  CB  . ASP A 1 49  ? 4.998   -9.669  8.811   1.00 66.81  ? 48  ASP A CB  1 
ATOM   402  C  CG  . ASP A 1 49  ? 5.825   -8.673  8.010   1.00 83.07  ? 48  ASP A CG  1 
ATOM   403  O  OD1 . ASP A 1 49  ? 6.331   -7.724  8.643   1.00 84.38  ? 48  ASP A OD1 1 
ATOM   404  O  OD2 . ASP A 1 49  ? 5.963   -8.851  6.757   1.00 77.09  ? 48  ASP A OD2 1 
ATOM   405  N  N   . LYS A 1 50  ? 2.631   -7.229  8.504   0.62 58.96  ? 49  LYS A N   1 
ATOM   406  C  CA  . LYS A 1 50  ? 1.934   -6.018  9.018   0.62 56.32  ? 49  LYS A CA  1 
ATOM   407  C  C   . LYS A 1 50  ? 1.228   -5.304  7.861   0.62 53.08  ? 49  LYS A C   1 
ATOM   408  O  O   . LYS A 1 50  ? 1.282   -5.813  6.725   0.62 53.61  ? 49  LYS A O   1 
ATOM   409  C  CB  . LYS A 1 50  ? 2.917   -5.114  9.775   0.62 58.32  ? 49  LYS A CB  1 
ATOM   410  C  CG  . LYS A 1 50  ? 3.989   -4.426  8.938   0.62 60.62  ? 49  LYS A CG  1 
ATOM   411  C  CD  . LYS A 1 50  ? 5.048   -3.713  9.773   0.62 60.96  ? 49  LYS A CD  1 
ATOM   412  C  CE  . LYS A 1 50  ? 6.339   -3.469  9.020   0.62 61.70  ? 49  LYS A CE  1 
ATOM   413  N  NZ  . LYS A 1 50  ? 6.986   -2.199  9.427   0.62 61.38  ? 49  LYS A NZ  1 
ATOM   414  N  N   A THR A 1 51  ? 0.589   -4.168  8.150   0.28 50.74  ? 50  THR A N   1 
ATOM   415  N  N   B THR A 1 51  ? 0.560   -4.186  8.215   0.34 49.31  ? 50  THR A N   1 
ATOM   416  C  CA  A THR A 1 51  ? -0.338  -3.452  7.232   0.28 50.99  ? 50  THR A CA  1 
ATOM   417  C  CA  B THR A 1 51  ? -0.430  -3.431  7.397   0.34 49.53  ? 50  THR A CA  1 
ATOM   418  C  C   A THR A 1 51  ? 0.142   -2.016  6.982   0.28 48.10  ? 50  THR A C   1 
ATOM   419  C  C   B THR A 1 51  ? 0.124   -2.048  7.019   0.34 47.15  ? 50  THR A C   1 
ATOM   420  O  O   A THR A 1 51  ? -0.124  -1.497  5.875   0.28 45.16  ? 50  THR A O   1 
ATOM   421  O  O   B THR A 1 51  ? -0.110  -1.604  5.872   0.34 44.62  ? 50  THR A O   1 
ATOM   422  C  CB  A THR A 1 51  ? -1.766  -3.494  7.798   0.28 51.33  ? 50  THR A CB  1 
ATOM   423  C  CB  B THR A 1 51  ? -1.745  -3.285  8.182   0.34 47.76  ? 50  THR A CB  1 
ATOM   424  O  OG1 A THR A 1 51  ? -2.653  -2.882  6.862   0.28 51.36  ? 50  THR A OG1 1 
ATOM   425  O  OG1 B THR A 1 51  ? -2.247  -4.587  8.487   0.34 47.51  ? 50  THR A OG1 1 
ATOM   426  C  CG2 A THR A 1 51  ? -1.885  -2.814  9.145   0.28 51.00  ? 50  THR A CG2 1 
ATOM   427  C  CG2 B THR A 1 51  ? -2.813  -2.509  7.444   0.34 47.37  ? 50  THR A CG2 1 
ATOM   428  N  N   . LYS A 1 52  ? 0.795   -1.391  7.970   1.00 46.47  ? 51  LYS A N   1 
ATOM   429  C  CA  . LYS A 1 52  ? 1.270   0.011   7.867   1.00 48.77  ? 51  LYS A CA  1 
ATOM   430  C  C   . LYS A 1 52  ? 2.785   0.073   7.554   1.00 46.24  ? 51  LYS A C   1 
ATOM   431  O  O   . LYS A 1 52  ? 3.613   -0.438  8.373   1.00 41.21  ? 51  LYS A O   1 
ATOM   432  C  CB  . LYS A 1 52  ? 0.889   0.683   9.186   1.00 47.26  ? 51  LYS A CB  1 
ATOM   433  C  CG  . LYS A 1 52  ? 1.018   2.190   9.195   1.00 54.47  ? 51  LYS A CG  1 
ATOM   434  C  CD  . LYS A 1 52  ? 0.631   2.766   10.526  1.00 60.86  ? 51  LYS A CD  1 
ATOM   435  C  CE  . LYS A 1 52  ? 1.565   2.343   11.640  1.00 62.19  ? 51  LYS A CE  1 
ATOM   436  N  NZ  . LYS A 1 52  ? 1.576   3.340   12.731  1.00 64.09  ? 51  LYS A NZ  1 
ATOM   437  N  N   . PHE A 1 53  ? 3.122   0.722   6.431   1.00 40.77  ? 52  PHE A N   1 
ATOM   438  C  CA  . PHE A 1 53  ? 4.486   0.839   5.856   1.00 39.75  ? 52  PHE A CA  1 
ATOM   439  C  C   . PHE A 1 53  ? 4.859   2.306   5.694   1.00 38.60  ? 52  PHE A C   1 
ATOM   440  O  O   . PHE A 1 53  ? 4.022   3.100   5.210   1.00 41.01  ? 52  PHE A O   1 
ATOM   441  C  CB  . PHE A 1 53  ? 4.538   0.119   4.511   1.00 40.23  ? 52  PHE A CB  1 
ATOM   442  C  CG  . PHE A 1 53  ? 4.319   -1.362  4.657   1.00 43.53  ? 52  PHE A CG  1 
ATOM   443  C  CD1 . PHE A 1 53  ? 3.039   -1.897  4.603   1.00 47.27  ? 52  PHE A CD1 1 
ATOM   444  C  CD2 . PHE A 1 53  ? 5.382   -2.210  4.919   1.00 46.45  ? 52  PHE A CD2 1 
ATOM   445  C  CE1 . PHE A 1 53  ? 2.828   -3.257  4.787   1.00 48.19  ? 52  PHE A CE1 1 
ATOM   446  C  CE2 . PHE A 1 53  ? 5.168   -3.572  5.097   1.00 51.49  ? 52  PHE A CE2 1 
ATOM   447  C  CZ  . PHE A 1 53  ? 3.889   -4.093  5.036   1.00 46.47  ? 52  PHE A CZ  1 
ATOM   448  N  N   . LEU A 1 54  ? 6.088   2.653   6.071   1.00 36.85  ? 53  LEU A N   1 
ATOM   449  C  CA  . LEU A 1 54  ? 6.681   3.975   5.768   1.00 36.36  ? 53  LEU A CA  1 
ATOM   450  C  C   . LEU A 1 54  ? 7.610   3.815   4.555   1.00 33.97  ? 53  LEU A C   1 
ATOM   451  O  O   . LEU A 1 54  ? 8.766   3.357   4.712   1.00 36.94  ? 53  LEU A O   1 
ATOM   452  C  CB  . LEU A 1 54  ? 7.407   4.498   7.012   1.00 36.99  ? 53  LEU A CB  1 
ATOM   453  C  CG  . LEU A 1 54  ? 6.602   4.457   8.311   1.00 41.13  ? 53  LEU A CG  1 
ATOM   454  C  CD1 . LEU A 1 54  ? 7.345   5.164   9.425   1.00 41.91  ? 53  LEU A CD1 1 
ATOM   455  C  CD2 . LEU A 1 54  ? 5.226   5.064   8.117   1.00 40.74  ? 53  LEU A CD2 1 
ATOM   456  N  N   . VAL A 1 55  ? 7.161   4.272   3.393   1.00 34.39  ? 54  VAL A N   1 
ATOM   457  C  CA  . VAL A 1 55  ? 7.886   4.097   2.097   1.00 33.36  ? 54  VAL A CA  1 
ATOM   458  C  C   . VAL A 1 55  ? 8.672   5.365   1.772   1.00 33.00  ? 54  VAL A C   1 
ATOM   459  O  O   . VAL A 1 55  ? 8.112   6.451   1.749   1.00 35.57  ? 54  VAL A O   1 
ATOM   460  C  CB  . VAL A 1 55  ? 6.907   3.703   0.980   1.00 34.96  ? 54  VAL A CB  1 
ATOM   461  C  CG1 . VAL A 1 55  ? 7.632   3.288   -0.290  1.00 32.43  ? 54  VAL A CG1 1 
ATOM   462  C  CG2 . VAL A 1 55  ? 5.970   2.595   1.448   1.00 37.64  ? 54  VAL A CG2 1 
ATOM   463  N  N   . PRO A 1 56  ? 10.005  5.263   1.541   1.00 36.27  ? 55  PRO A N   1 
ATOM   464  C  CA  . PRO A 1 56  ? 10.819  6.383   1.066   1.00 34.82  ? 55  PRO A CA  1 
ATOM   465  C  C   . PRO A 1 56  ? 10.149  7.032   -0.141  1.00 33.55  ? 55  PRO A C   1 
ATOM   466  O  O   . PRO A 1 56  ? 9.838   6.319   -1.062  1.00 33.21  ? 55  PRO A O   1 
ATOM   467  C  CB  . PRO A 1 56  ? 12.169  5.770   0.664   1.00 34.32  ? 55  PRO A CB  1 
ATOM   468  C  CG  . PRO A 1 56  ? 12.232  4.471   1.460   1.00 36.83  ? 55  PRO A CG  1 
ATOM   469  C  CD  . PRO A 1 56  ? 10.796  4.030   1.667   1.00 38.21  ? 55  PRO A CD  1 
ATOM   470  N  N   . ASP A 1 57  ? 9.957   8.354   -0.085  1.00 36.04  ? 56  ASP A N   1 
ATOM   471  C  CA  . ASP A 1 57  ? 9.090   9.126   -1.008  1.00 36.49  ? 56  ASP A CA  1 
ATOM   472  C  C   . ASP A 1 57  ? 9.700   9.190   -2.430  1.00 36.09  ? 56  ASP A C   1 
ATOM   473  O  O   . ASP A 1 57  ? 8.985   9.627   -3.366  1.00 37.07  ? 56  ASP A O   1 
ATOM   474  C  CB  . ASP A 1 57  ? 8.762   10.483  -0.385  1.00 35.57  ? 56  ASP A CB  1 
ATOM   475  C  CG  . ASP A 1 57  ? 9.827   11.554  -0.567  1.00 38.65  ? 56  ASP A CG  1 
ATOM   476  O  OD1 . ASP A 1 57  ? 11.017  11.183  -0.668  1.00 37.15  ? 56  ASP A OD1 1 
ATOM   477  O  OD2 . ASP A 1 57  ? 9.443   12.767  -0.641  1.00 39.17  ? 56  ASP A OD2 1 
ATOM   478  N  N   . HIS A 1 58  ? 10.941  8.752   -2.617  1.00 35.17  ? 57  HIS A N   1 
ATOM   479  C  CA  . HIS A 1 58  ? 11.653  8.799   -3.924  1.00 37.33  ? 57  HIS A CA  1 
ATOM   480  C  C   . HIS A 1 58  ? 11.477  7.492   -4.692  1.00 38.07  ? 57  HIS A C   1 
ATOM   481  O  O   . HIS A 1 58  ? 11.819  7.505   -5.911  1.00 40.56  ? 57  HIS A O   1 
ATOM   482  C  CB  . HIS A 1 58  ? 13.170  9.034   -3.760  1.00 41.17  ? 57  HIS A CB  1 
ATOM   483  C  CG  . HIS A 1 58  ? 13.869  7.942   -3.014  1.00 45.41  ? 57  HIS A CG  1 
ATOM   484  N  ND1 . HIS A 1 58  ? 14.373  6.808   -3.648  1.00 50.13  ? 57  HIS A ND1 1 
ATOM   485  C  CD2 . HIS A 1 58  ? 14.140  7.795   -1.696  1.00 46.72  ? 57  HIS A CD2 1 
ATOM   486  C  CE1 . HIS A 1 58  ? 14.934  6.011   -2.751  1.00 51.18  ? 57  HIS A CE1 1 
ATOM   487  N  NE2 . HIS A 1 58  ? 14.809  6.600   -1.543  1.00 53.59  ? 57  HIS A NE2 1 
ATOM   488  N  N   . VAL A 1 59  ? 11.018  6.402   -4.056  1.00 34.96  ? 58  VAL A N   1 
ATOM   489  C  CA  . VAL A 1 59  ? 10.912  5.099   -4.789  1.00 39.39  ? 58  VAL A CA  1 
ATOM   490  C  C   . VAL A 1 59  ? 9.708   5.185   -5.752  1.00 39.07  ? 58  VAL A C   1 
ATOM   491  O  O   . VAL A 1 59  ? 8.690   5.765   -5.382  1.00 41.81  ? 58  VAL A O   1 
ATOM   492  C  CB  . VAL A 1 59  ? 10.856  3.859   -3.865  1.00 42.04  ? 58  VAL A CB  1 
ATOM   493  C  CG1 . VAL A 1 59  ? 11.885  3.902   -2.742  1.00 41.37  ? 58  VAL A CG1 1 
ATOM   494  C  CG2 . VAL A 1 59  ? 9.469   3.616   -3.320  1.00 45.90  ? 58  VAL A CG2 1 
ATOM   495  N  N   . ASN A 1 60  ? 9.809   4.616   -6.953  1.00 40.25  ? 59  ASN A N   1 
ATOM   496  C  CA  . ASN A 1 60  ? 8.678   4.583   -7.918  1.00 37.95  ? 59  ASN A CA  1 
ATOM   497  C  C   . ASN A 1 60  ? 7.858   3.304   -7.695  1.00 39.77  ? 59  ASN A C   1 
ATOM   498  O  O   . ASN A 1 60  ? 8.298   2.436   -6.897  1.00 33.80  ? 59  ASN A O   1 
ATOM   499  C  CB  . ASN A 1 60  ? 9.166   4.850   -9.340  1.00 39.99  ? 59  ASN A CB  1 
ATOM   500  C  CG  . ASN A 1 60  ? 9.909   3.690   -9.952  1.00 42.34  ? 59  ASN A CG  1 
ATOM   501  O  OD1 . ASN A 1 60  ? 9.728   2.543   -9.562  1.00 46.52  ? 59  ASN A OD1 1 
ATOM   502  N  ND2 . ASN A 1 60  ? 10.713  3.984   -10.951 1.00 47.08  ? 59  ASN A ND2 1 
ATOM   503  N  N   . MET A 1 61  ? 6.645   3.231   -8.267  1.00 39.75  ? 60  MET A N   1 
ATOM   504  C  CA  . MET A 1 61  ? 5.685   2.134   -7.964  1.00 38.80  ? 60  MET A CA  1 
ATOM   505  C  C   . MET A 1 61  ? 6.275   0.780   -8.373  1.00 38.09  ? 60  MET A C   1 
ATOM   506  O  O   . MET A 1 61  ? 5.985   -0.233  -7.718  1.00 39.05  ? 60  MET A O   1 
ATOM   507  C  CB  . MET A 1 61  ? 4.336   2.336   -8.661  1.00 42.99  ? 60  MET A CB  1 
ATOM   508  C  CG  . MET A 1 61  ? 3.590   3.561   -8.186  1.00 45.87  ? 60  MET A CG  1 
ATOM   509  S  SD  . MET A 1 61  ? 3.359   3.591   -6.395  1.00 50.71  ? 60  MET A SD  1 
ATOM   510  C  CE  . MET A 1 61  ? 2.569   2.017   -6.109  1.00 42.95  ? 60  MET A CE  1 
ATOM   511  N  N   A SER A 1 62  ? 7.071   0.766   -9.442  0.47 38.48  ? 61  SER A N   1 
ATOM   512  N  N   B SER A 1 62  ? 7.086   0.768   -9.438  0.04 38.27  ? 61  SER A N   1 
ATOM   513  C  CA  A SER A 1 62  ? 7.791   -0.430  -9.942  0.47 40.87  ? 61  SER A CA  1 
ATOM   514  C  CA  B SER A 1 62  ? 7.798   -0.435  -9.949  0.04 38.34  ? 61  SER A CA  1 
ATOM   515  C  C   A SER A 1 62  ? 8.691   -0.985  -8.828  0.47 40.74  ? 61  SER A C   1 
ATOM   516  C  C   B SER A 1 62  ? 8.727   -0.987  -8.861  0.04 38.64  ? 61  SER A C   1 
ATOM   517  O  O   A SER A 1 62  ? 8.684   -2.210  -8.611  0.47 39.58  ? 61  SER A O   1 
ATOM   518  O  O   B SER A 1 62  ? 8.789   -2.222  -8.718  0.04 38.71  ? 61  SER A O   1 
ATOM   519  C  CB  A SER A 1 62  ? 8.571   -0.088  -11.178 0.47 44.19  ? 61  SER A CB  1 
ATOM   520  C  CB  B SER A 1 62  ? 8.551   -0.135  -11.223 0.04 38.30  ? 61  SER A CB  1 
ATOM   521  O  OG  A SER A 1 62  ? 9.350   -1.190  -11.594 0.47 50.23  ? 61  SER A OG  1 
ATOM   522  O  OG  B SER A 1 62  ? 9.759   0.559   -10.953 0.04 37.91  ? 61  SER A OG  1 
ATOM   523  N  N   . GLU A 1 63  ? 9.410   -0.108  -8.114  1.00 38.86  ? 62  GLU A N   1 
ATOM   524  C  CA  . GLU A 1 63  ? 10.307  -0.538  -7.002  1.00 38.30  ? 62  GLU A CA  1 
ATOM   525  C  C   . GLU A 1 63  ? 9.445   -0.943  -5.803  1.00 35.87  ? 62  GLU A C   1 
ATOM   526  O  O   . GLU A 1 63  ? 9.792   -1.933  -5.176  1.00 34.63  ? 62  GLU A O   1 
ATOM   527  C  CB  . GLU A 1 63  ? 11.368  0.517   -6.678  1.00 38.33  ? 62  GLU A CB  1 
ATOM   528  C  CG  . GLU A 1 63  ? 12.199  0.188   -5.447  1.00 38.75  ? 62  GLU A CG  1 
ATOM   529  C  CD  . GLU A 1 63  ? 12.974  -1.121  -5.501  1.00 42.12  ? 62  GLU A CD  1 
ATOM   530  O  OE1 . GLU A 1 63  ? 13.300  -1.583  -6.631  1.00 43.78  ? 62  GLU A OE1 1 
ATOM   531  O  OE2 . GLU A 1 63  ? 13.257  -1.684  -4.421  1.00 40.77  ? 62  GLU A OE2 1 
ATOM   532  N  N   . LEU A 1 64  ? 8.323   -0.273  -5.509  1.00 38.02  ? 63  LEU A N   1 
ATOM   533  C  CA  . LEU A 1 64  ? 7.455   -0.734  -4.392  1.00 36.85  ? 63  LEU A CA  1 
ATOM   534  C  C   . LEU A 1 64  ? 6.923   -2.151  -4.652  1.00 38.14  ? 63  LEU A C   1 
ATOM   535  O  O   . LEU A 1 64  ? 6.827   -2.956  -3.689  1.00 39.32  ? 63  LEU A O   1 
ATOM   536  C  CB  . LEU A 1 64  ? 6.296   0.226   -4.133  1.00 37.14  ? 63  LEU A CB  1 
ATOM   537  C  CG  . LEU A 1 64  ? 5.489   -0.120  -2.882  1.00 36.97  ? 63  LEU A CG  1 
ATOM   538  C  CD1 . LEU A 1 64  ? 6.399   -0.357  -1.669  1.00 34.52  ? 63  LEU A CD1 1 
ATOM   539  C  CD2 . LEU A 1 64  ? 4.448   0.950   -2.589  1.00 40.02  ? 63  LEU A CD2 1 
ATOM   540  N  N   . ILE A 1 65  ? 6.557   -2.467  -5.887  1.00 43.88  ? 64  ILE A N   1 
ATOM   541  C  CA  . ILE A 1 65  ? 6.061   -3.835  -6.245  1.00 45.00  ? 64  ILE A CA  1 
ATOM   542  C  C   . ILE A 1 65  ? 7.158   -4.854  -5.929  1.00 41.06  ? 64  ILE A C   1 
ATOM   543  O  O   . ILE A 1 65  ? 6.845   -5.877  -5.303  1.00 43.63  ? 64  ILE A O   1 
ATOM   544  C  CB  . ILE A 1 65  ? 5.616   -3.907  -7.724  1.00 45.44  ? 64  ILE A CB  1 
ATOM   545  C  CG1 . ILE A 1 65  ? 4.321   -3.125  -7.967  1.00 46.63  ? 64  ILE A CG1 1 
ATOM   546  C  CG2 . ILE A 1 65  ? 5.480   -5.357  -8.191  1.00 46.03  ? 64  ILE A CG2 1 
ATOM   547  C  CD1 . ILE A 1 65  ? 4.117   -2.721  -9.415  1.00 50.59  ? 64  ILE A CD1 1 
ATOM   548  N  N   . LYS A 1 66  ? 8.401   -4.577  -6.340  1.00 41.76  ? 65  LYS A N   1 
ATOM   549  C  CA  . LYS A 1 66  ? 9.575   -5.457  -6.076  1.00 39.68  ? 65  LYS A CA  1 
ATOM   550  C  C   . LYS A 1 66  ? 9.774   -5.634  -4.572  1.00 39.80  ? 65  LYS A C   1 
ATOM   551  O  O   . LYS A 1 66  ? 9.975   -6.768  -4.130  1.00 35.72  ? 65  LYS A O   1 
ATOM   552  C  CB  . LYS A 1 66  ? 10.818  -4.884  -6.757  1.00 45.00  ? 65  LYS A CB  1 
ATOM   553  C  CG  . LYS A 1 66  ? 10.753  -5.065  -8.262  1.00 46.64  ? 65  LYS A CG  1 
ATOM   554  C  CD  . LYS A 1 66  ? 11.974  -4.668  -9.021  1.00 51.45  ? 65  LYS A CD  1 
ATOM   555  C  CE  . LYS A 1 66  ? 11.675  -4.599  -10.509 1.00 57.17  ? 65  LYS A CE  1 
ATOM   556  N  NZ  . LYS A 1 66  ? 12.575  -3.646  -11.194 1.00 63.46  ? 65  LYS A NZ  1 
ATOM   557  N  N   . ILE A 1 67  ? 9.702   -4.548  -3.820  1.00 36.08  ? 66  ILE A N   1 
ATOM   558  C  CA  . ILE A 1 67  ? 9.837   -4.578  -2.339  1.00 37.64  ? 66  ILE A CA  1 
ATOM   559  C  C   . ILE A 1 67  ? 8.830   -5.565  -1.733  1.00 38.82  ? 66  ILE A C   1 
ATOM   560  O  O   . ILE A 1 67  ? 9.235   -6.393  -0.928  1.00 35.66  ? 66  ILE A O   1 
ATOM   561  C  CB  . ILE A 1 67  ? 9.664   -3.161  -1.776  1.00 34.82  ? 66  ILE A CB  1 
ATOM   562  C  CG1 . ILE A 1 67  ? 10.825  -2.245  -2.179  1.00 39.36  ? 66  ILE A CG1 1 
ATOM   563  C  CG2 . ILE A 1 67  ? 9.459   -3.201  -0.281  1.00 36.49  ? 66  ILE A CG2 1 
ATOM   564  C  CD1 . ILE A 1 67  ? 10.622  -0.770  -1.814  1.00 40.26  ? 66  ILE A CD1 1 
ATOM   565  N  N   A ILE A 1 68  ? 7.549   -5.459  -2.102  0.17 40.34  ? 67  ILE A N   1 
ATOM   566  N  N   B ILE A 1 68  ? 7.548   -5.446  -2.103  0.34 41.68  ? 67  ILE A N   1 
ATOM   567  C  CA  A ILE A 1 68  ? 6.447   -6.268  -1.495  0.17 41.33  ? 67  ILE A CA  1 
ATOM   568  C  CA  B ILE A 1 68  ? 6.429   -6.256  -1.526  0.34 42.97  ? 67  ILE A CA  1 
ATOM   569  C  C   A ILE A 1 68  ? 6.541   -7.720  -1.986  0.17 42.05  ? 67  ILE A C   1 
ATOM   570  C  C   B ILE A 1 68  ? 6.574   -7.717  -1.978  0.34 43.66  ? 67  ILE A C   1 
ATOM   571  O  O   A ILE A 1 68  ? 6.215   -8.622  -1.188  0.17 41.06  ? 67  ILE A O   1 
ATOM   572  O  O   B ILE A 1 68  ? 6.322   -8.616  -1.147  0.34 41.55  ? 67  ILE A O   1 
ATOM   573  C  CB  A ILE A 1 68  ? 5.065   -5.648  -1.775  0.17 42.58  ? 67  ILE A CB  1 
ATOM   574  C  CB  B ILE A 1 68  ? 5.053   -5.685  -1.914  0.34 45.71  ? 67  ILE A CB  1 
ATOM   575  C  CG1 A ILE A 1 68  ? 4.919   -4.276  -1.111  0.17 42.67  ? 67  ILE A CG1 1 
ATOM   576  C  CG1 B ILE A 1 68  ? 4.886   -4.233  -1.458  0.34 46.00  ? 67  ILE A CG1 1 
ATOM   577  C  CG2 A ILE A 1 68  ? 3.957   -6.598  -1.344  0.17 43.47  ? 67  ILE A CG2 1 
ATOM   578  C  CG2 B ILE A 1 68  ? 3.942   -6.573  -1.370  0.34 47.60  ? 67  ILE A CG2 1 
ATOM   579  C  CD1 A ILE A 1 68  ? 5.364   -4.237  0.334   0.17 41.77  ? 67  ILE A CD1 1 
ATOM   580  C  CD1 B ILE A 1 68  ? 3.831   -3.467  -2.223  0.34 44.43  ? 67  ILE A CD1 1 
ATOM   581  N  N   . ARG A 1 69  ? 6.972   -7.943  -3.235  1.00 41.77  ? 68  ARG A N   1 
ATOM   582  C  CA  . ARG A 1 69  ? 7.244   -9.317  -3.753  1.00 41.10  ? 68  ARG A CA  1 
ATOM   583  C  C   . ARG A 1 69  ? 8.383   -9.922  -2.927  1.00 44.49  ? 68  ARG A C   1 
ATOM   584  O  O   . ARG A 1 69  ? 8.297   -11.115 -2.587  1.00 48.69  ? 68  ARG A O   1 
ATOM   585  C  CB  . ARG A 1 69  ? 7.621   -9.340  -5.238  1.00 37.38  ? 68  ARG A CB  1 
ATOM   586  C  CG  . ARG A 1 69  ? 6.474   -9.111  -6.218  1.00 38.77  ? 68  ARG A CG  1 
ATOM   587  C  CD  . ARG A 1 69  ? 6.964   -9.087  -7.676  1.00 44.53  ? 68  ARG A CD  1 
ATOM   588  N  NE  . ARG A 1 69  ? 7.391   -10.424 -8.090  1.00 47.77  ? 68  ARG A NE  1 
ATOM   589  C  CZ  . ARG A 1 69  ? 6.567   -11.408 -8.487  1.00 52.84  ? 68  ARG A CZ  1 
ATOM   590  N  NH1 . ARG A 1 69  ? 5.261   -11.207 -8.609  1.00 51.90  ? 68  ARG A NH1 1 
ATOM   591  N  NH2 . ARG A 1 69  ? 7.064   -12.595 -8.783  1.00 51.19  ? 68  ARG A NH2 1 
ATOM   592  N  N   . ARG A 1 70  ? 9.402   -9.132  -2.579  1.00 40.58  ? 69  ARG A N   1 
ATOM   593  C  CA  . ARG A 1 70  ? 10.505  -9.619  -1.706  1.00 40.29  ? 69  ARG A CA  1 
ATOM   594  C  C   . ARG A 1 70  ? 9.955   -9.871  -0.303  1.00 41.34  ? 69  ARG A C   1 
ATOM   595  O  O   . ARG A 1 70  ? 10.357  -10.858 0.309   1.00 44.66  ? 69  ARG A O   1 
ATOM   596  C  CB  . ARG A 1 70  ? 11.701  -8.664  -1.681  1.00 37.68  ? 69  ARG A CB  1 
ATOM   597  C  CG  . ARG A 1 70  ? 12.571  -8.764  -2.930  1.00 37.60  ? 69  ARG A CG  1 
ATOM   598  C  CD  . ARG A 1 70  ? 13.938  -8.115  -2.821  1.00 38.56  ? 69  ARG A CD  1 
ATOM   599  N  NE  . ARG A 1 70  ? 13.936  -6.659  -2.677  1.00 37.31  ? 69  ARG A NE  1 
ATOM   600  C  CZ  . ARG A 1 70  ? 13.938  -5.777  -3.668  1.00 39.22  ? 69  ARG A CZ  1 
ATOM   601  N  NH1 . ARG A 1 70  ? 13.914  -6.185  -4.924  1.00 42.03  ? 69  ARG A NH1 1 
ATOM   602  N  NH2 . ARG A 1 70  ? 13.941  -4.475  -3.404  1.00 35.54  ? 69  ARG A NH2 1 
ATOM   603  N  N   . ARG A 1 71  ? 9.065   -9.014  0.183   1.00 43.66  ? 70  ARG A N   1 
ATOM   604  C  CA  . ARG A 1 71  ? 8.499   -9.149  1.544   1.00 47.77  ? 70  ARG A CA  1 
ATOM   605  C  C   . ARG A 1 71  ? 7.649   -10.428 1.625   1.00 54.44  ? 70  ARG A C   1 
ATOM   606  O  O   . ARG A 1 71  ? 7.745   -11.132 2.654   1.00 53.20  ? 70  ARG A O   1 
ATOM   607  C  CB  . ARG A 1 71  ? 7.709   -7.901  1.911   1.00 50.40  ? 70  ARG A CB  1 
ATOM   608  C  CG  . ARG A 1 71  ? 7.331   -7.859  3.379   1.00 58.94  ? 70  ARG A CG  1 
ATOM   609  C  CD  . ARG A 1 71  ? 7.153   -6.451  3.899   1.00 64.80  ? 70  ARG A CD  1 
ATOM   610  N  NE  . ARG A 1 71  ? 7.192   -6.491  5.356   1.00 69.97  ? 70  ARG A NE  1 
ATOM   611  C  CZ  . ARG A 1 71  ? 8.000   -5.769  6.129   1.00 69.53  ? 70  ARG A CZ  1 
ATOM   612  N  NH1 . ARG A 1 71  ? 8.833   -4.880  5.606   1.00 68.96  ? 70  ARG A NH1 1 
ATOM   613  N  NH2 . ARG A 1 71  ? 7.950   -5.926  7.442   1.00 70.90  ? 70  ARG A NH2 1 
ATOM   614  N  N   . LEU A 1 72  ? 6.869   -10.723 0.581   1.00 53.03  ? 71  LEU A N   1 
ATOM   615  C  CA  . LEU A 1 72  ? 6.050   -11.962 0.474   1.00 51.94  ? 71  LEU A CA  1 
ATOM   616  C  C   . LEU A 1 72  ? 6.938   -13.167 0.124   1.00 52.45  ? 71  LEU A C   1 
ATOM   617  O  O   . LEU A 1 72  ? 6.425   -14.292 0.183   1.00 53.66  ? 71  LEU A O   1 
ATOM   618  C  CB  . LEU A 1 72  ? 4.968   -11.760 -0.590  1.00 48.42  ? 71  LEU A CB  1 
ATOM   619  C  CG  . LEU A 1 72  ? 3.866   -10.759 -0.247  1.00 48.47  ? 71  LEU A CG  1 
ATOM   620  C  CD1 . LEU A 1 72  ? 3.061   -10.381 -1.484  1.00 50.78  ? 71  LEU A CD1 1 
ATOM   621  C  CD2 . LEU A 1 72  ? 2.959   -11.301 0.829   1.00 52.02  ? 71  LEU A CD2 1 
ATOM   622  N  N   . GLN A 1 73  ? 8.205   -12.937 -0.243  1.00 54.40  ? 72  GLN A N   1 
ATOM   623  C  CA  . GLN A 1 73  ? 9.198   -13.978 -0.638  1.00 55.52  ? 72  GLN A CA  1 
ATOM   624  C  C   . GLN A 1 73  ? 8.680   -14.799 -1.839  1.00 59.54  ? 72  GLN A C   1 
ATOM   625  O  O   . GLN A 1 73  ? 9.021   -15.988 -1.957  1.00 59.20  ? 72  GLN A O   1 
ATOM   626  C  CB  . GLN A 1 73  ? 9.569   -14.827 0.583   1.00 58.80  ? 72  GLN A CB  1 
ATOM   627  C  CG  . GLN A 1 73  ? 10.603  -14.169 1.496   1.00 63.33  ? 72  GLN A CG  1 
ATOM   628  C  CD  . GLN A 1 73  ? 12.003  -14.108 0.906   1.00 69.62  ? 72  GLN A CD  1 
ATOM   629  O  OE1 . GLN A 1 73  ? 12.777  -15.067 0.994   1.00 60.27  ? 72  GLN A OE1 1 
ATOM   630  N  NE2 . GLN A 1 73  ? 12.361  -12.969 0.312   1.00 64.28  ? 72  GLN A NE2 1 
ATOM   631  N  N   . LEU A 1 74  ? 7.981   -14.152 -2.773  1.00 61.07  ? 73  LEU A N   1 
ATOM   632  C  CA  . LEU A 1 74  ? 7.461   -14.779 -4.025  1.00 60.16  ? 73  LEU A CA  1 
ATOM   633  C  C   . LEU A 1 74  ? 8.620   -15.245 -4.914  1.00 58.43  ? 73  LEU A C   1 
ATOM   634  O  O   . LEU A 1 74  ? 9.770   -14.879 -4.630  1.00 63.38  ? 73  LEU A O   1 
ATOM   635  C  CB  . LEU A 1 74  ? 6.580   -13.774 -4.780  1.00 53.51  ? 73  LEU A CB  1 
ATOM   636  C  CG  . LEU A 1 74  ? 5.421   -13.161 -3.987  1.00 51.50  ? 73  LEU A CG  1 
ATOM   637  C  CD1 . LEU A 1 74  ? 4.445   -12.471 -4.919  1.00 49.85  ? 73  LEU A CD1 1 
ATOM   638  C  CD2 . LEU A 1 74  ? 4.698   -14.205 -3.143  1.00 53.53  ? 73  LEU A CD2 1 
ATOM   639  N  N   . ASN A 1 75  ? 8.306   -16.036 -5.952  1.00 66.38  ? 74  ASN A N   1 
ATOM   640  C  CA  . ASN A 1 75  ? 9.249   -16.495 -7.014  1.00 69.04  ? 74  ASN A CA  1 
ATOM   641  C  C   . ASN A 1 75  ? 8.777   -15.979 -8.383  1.00 66.34  ? 74  ASN A C   1 
ATOM   642  O  O   . ASN A 1 75  ? 7.655   -15.423 -8.462  1.00 60.99  ? 74  ASN A O   1 
ATOM   643  C  CB  . ASN A 1 75  ? 9.444   -18.019 -7.007  1.00 79.11  ? 74  ASN A CB  1 
ATOM   644  C  CG  . ASN A 1 75  ? 8.150   -18.805 -7.132  1.00 81.65  ? 74  ASN A CG  1 
ATOM   645  O  OD1 . ASN A 1 75  ? 7.404   -18.659 -8.105  1.00 72.17  ? 74  ASN A OD1 1 
ATOM   646  N  ND2 . ASN A 1 75  ? 7.877   -19.651 -6.149  1.00 84.94  ? 74  ASN A ND2 1 
ATOM   647  N  N   . ALA A 1 76  ? 9.595   -16.192 -9.418  1.00 68.84  ? 75  ALA A N   1 
ATOM   648  C  CA  . ALA A 1 76  ? 9.541   -15.512 -10.734 1.00 78.15  ? 75  ALA A CA  1 
ATOM   649  C  C   . ALA A 1 76  ? 8.151   -15.616 -11.384 1.00 85.69  ? 75  ALA A C   1 
ATOM   650  O  O   . ALA A 1 76  ? 7.752   -14.622 -12.006 1.00 92.85  ? 75  ALA A O   1 
ATOM   651  C  CB  . ALA A 1 76  ? 10.607  -16.077 -11.644 1.00 83.01  ? 75  ALA A CB  1 
ATOM   652  N  N   . ASN A 1 77  ? 7.442   -16.750 -11.290 1.00 88.50  ? 76  ASN A N   1 
ATOM   653  C  CA  . ASN A 1 77  ? 6.208   -16.959 -12.101 1.00 95.90  ? 76  ASN A CA  1 
ATOM   654  C  C   . ASN A 1 77  ? 4.955   -17.039 -11.210 1.00 91.01  ? 76  ASN A C   1 
ATOM   655  O  O   . ASN A 1 77  ? 3.908   -17.460 -11.748 1.00 102.53 ? 76  ASN A O   1 
ATOM   656  C  CB  . ASN A 1 77  ? 6.349   -18.139 -13.075 1.00 102.94 ? 76  ASN A CB  1 
ATOM   657  C  CG  . ASN A 1 77  ? 6.535   -19.475 -12.391 1.00 105.55 ? 76  ASN A CG  1 
ATOM   658  O  OD1 . ASN A 1 77  ? 6.797   -19.520 -11.192 1.00 105.64 ? 76  ASN A OD1 1 
ATOM   659  N  ND2 . ASN A 1 77  ? 6.403   -20.561 -13.141 1.00 107.08 ? 76  ASN A ND2 1 
ATOM   660  N  N   . GLN A 1 78  ? 5.034   -16.615 -9.933  1.00 74.92  ? 77  GLN A N   1 
ATOM   661  C  CA  . GLN A 1 78  ? 3.849   -16.203 -9.122  1.00 67.30  ? 77  GLN A CA  1 
ATOM   662  C  C   . GLN A 1 78  ? 3.410   -14.820 -9.609  1.00 67.34  ? 77  GLN A C   1 
ATOM   663  O  O   . GLN A 1 78  ? 4.291   -13.986 -9.859  1.00 64.35  ? 77  GLN A O   1 
ATOM   664  C  CB  . GLN A 1 78  ? 4.139   -16.153 -7.620  1.00 64.41  ? 77  GLN A CB  1 
ATOM   665  C  CG  . GLN A 1 78  ? 4.154   -17.521 -6.960  1.00 67.12  ? 77  GLN A CG  1 
ATOM   666  C  CD  . GLN A 1 78  ? 4.819   -17.521 -5.603  1.00 72.03  ? 77  GLN A CD  1 
ATOM   667  O  OE1 . GLN A 1 78  ? 6.033   -17.686 -5.483  1.00 73.48  ? 77  GLN A OE1 1 
ATOM   668  N  NE2 . GLN A 1 78  ? 4.026   -17.354 -4.557  1.00 72.77  ? 77  GLN A NE2 1 
ATOM   669  N  N   . ALA A 1 79  ? 2.107   -14.601 -9.793  1.00 64.43  ? 78  ALA A N   1 
ATOM   670  C  CA  . ALA A 1 79  ? 1.555   -13.318 -10.287 1.00 64.04  ? 78  ALA A CA  1 
ATOM   671  C  C   . ALA A 1 79  ? 1.301   -12.420 -9.079  1.00 58.30  ? 78  ALA A C   1 
ATOM   672  O  O   . ALA A 1 79  ? 1.076   -12.955 -7.980  1.00 59.29  ? 78  ALA A O   1 
ATOM   673  C  CB  . ALA A 1 79  ? 0.290   -13.525 -11.093 1.00 64.66  ? 78  ALA A CB  1 
ATOM   674  N  N   . PHE A 1 80  ? 1.349   -11.107 -9.293  1.00 54.64  ? 79  PHE A N   1 
ATOM   675  C  CA  . PHE A 1 80  ? 1.100   -10.086 -8.251  1.00 53.33  ? 79  PHE A CA  1 
ATOM   676  C  C   . PHE A 1 80  ? 0.574   -8.834  -8.954  1.00 53.35  ? 79  PHE A C   1 
ATOM   677  O  O   . PHE A 1 80  ? 1.205   -8.351  -9.920  1.00 53.68  ? 79  PHE A O   1 
ATOM   678  C  CB  . PHE A 1 80  ? 2.379   -9.895  -7.430  1.00 51.33  ? 79  PHE A CB  1 
ATOM   679  C  CG  . PHE A 1 80  ? 2.296   -8.865  -6.341  1.00 47.92  ? 79  PHE A CG  1 
ATOM   680  C  CD1 . PHE A 1 80  ? 1.936   -9.221  -5.052  1.00 47.82  ? 79  PHE A CD1 1 
ATOM   681  C  CD2 . PHE A 1 80  ? 2.599   -7.537  -6.609  1.00 48.58  ? 79  PHE A CD2 1 
ATOM   682  C  CE1 . PHE A 1 80  ? 1.876   -8.267  -4.051  1.00 47.62  ? 79  PHE A CE1 1 
ATOM   683  C  CE2 . PHE A 1 80  ? 2.546   -6.586  -5.602  1.00 47.35  ? 79  PHE A CE2 1 
ATOM   684  C  CZ  . PHE A 1 80  ? 2.182   -6.952  -4.328  1.00 47.68  ? 79  PHE A CZ  1 
ATOM   685  N  N   . PHE A 1 81  ? -0.609  -8.396  -8.531  1.00 53.48  ? 80  PHE A N   1 
ATOM   686  C  CA  . PHE A 1 81  ? -1.269  -7.144  -8.970  1.00 56.40  ? 80  PHE A CA  1 
ATOM   687  C  C   . PHE A 1 81  ? -1.445  -6.296  -7.711  1.00 49.52  ? 80  PHE A C   1 
ATOM   688  O  O   . PHE A 1 81  ? -1.636  -6.861  -6.617  1.00 47.99  ? 80  PHE A O   1 
ATOM   689  C  CB  . PHE A 1 81  ? -2.547  -7.474  -9.753  1.00 55.72  ? 80  PHE A CB  1 
ATOM   690  C  CG  . PHE A 1 81  ? -2.276  -8.385  -10.922 1.00 57.41  ? 80  PHE A CG  1 
ATOM   691  C  CD1 . PHE A 1 81  ? -2.379  -9.767  -10.791 1.00 64.25  ? 80  PHE A CD1 1 
ATOM   692  C  CD2 . PHE A 1 81  ? -1.834  -7.864  -12.133 1.00 57.06  ? 80  PHE A CD2 1 
ATOM   693  C  CE1 . PHE A 1 81  ? -2.082  -10.603 -11.862 1.00 64.81  ? 80  PHE A CE1 1 
ATOM   694  C  CE2 . PHE A 1 81  ? -1.535  -8.699  -13.198 1.00 55.09  ? 80  PHE A CE2 1 
ATOM   695  C  CZ  . PHE A 1 81  ? -1.664  -10.065 -13.062 1.00 61.91  ? 80  PHE A CZ  1 
ATOM   696  N  N   . LEU A 1 82  ? -1.283  -4.987  -7.865  1.00 50.70  ? 81  LEU A N   1 
ATOM   697  C  CA  . LEU A 1 82  ? -1.333  -4.001  -6.761  1.00 52.53  ? 81  LEU A CA  1 
ATOM   698  C  C   . LEU A 1 82  ? -2.258  -2.873  -7.195  1.00 52.71  ? 81  LEU A C   1 
ATOM   699  O  O   . LEU A 1 82  ? -1.923  -2.164  -8.170  1.00 56.51  ? 81  LEU A O   1 
ATOM   700  C  CB  . LEU A 1 82  ? 0.077   -3.484  -6.455  1.00 56.23  ? 81  LEU A CB  1 
ATOM   701  C  CG  . LEU A 1 82  ? 0.212   -2.591  -5.222  1.00 56.22  ? 81  LEU A CG  1 
ATOM   702  C  CD1 . LEU A 1 82  ? 0.021   -3.387  -3.934  1.00 53.35  ? 81  LEU A CD1 1 
ATOM   703  C  CD2 . LEU A 1 82  ? 1.565   -1.892  -5.226  1.00 58.60  ? 81  LEU A CD2 1 
ATOM   704  N  N   . LEU A 1 83  ? -3.412  -2.784  -6.536  1.00 51.86  ? 82  LEU A N   1 
ATOM   705  C  CA  . LEU A 1 83  ? -4.358  -1.663  -6.696  1.00 52.23  ? 82  LEU A CA  1 
ATOM   706  C  C   . LEU A 1 83  ? -3.963  -0.555  -5.734  1.00 47.74  ? 82  LEU A C   1 
ATOM   707  O  O   . LEU A 1 83  ? -3.540  -0.856  -4.607  1.00 48.66  ? 82  LEU A O   1 
ATOM   708  C  CB  . LEU A 1 83  ? -5.773  -2.145  -6.390  1.00 60.01  ? 82  LEU A CB  1 
ATOM   709  C  CG  . LEU A 1 83  ? -6.293  -3.237  -7.319  1.00 65.51  ? 82  LEU A CG  1 
ATOM   710  C  CD1 . LEU A 1 83  ? -7.790  -3.411  -7.129  1.00 68.37  ? 82  LEU A CD1 1 
ATOM   711  C  CD2 . LEU A 1 83  ? -5.961  -2.930  -8.774  1.00 66.84  ? 82  LEU A CD2 1 
ATOM   712  N  N   . VAL A 1 84  ? -4.115  0.675   -6.188  1.00 43.04  ? 83  VAL A N   1 
ATOM   713  C  CA  . VAL A 1 84  ? -3.831  1.898   -5.399  1.00 50.25  ? 83  VAL A CA  1 
ATOM   714  C  C   . VAL A 1 84  ? -5.126  2.697   -5.418  1.00 49.78  ? 83  VAL A C   1 
ATOM   715  O  O   . VAL A 1 84  ? -5.583  3.019   -6.541  1.00 41.88  ? 83  VAL A O   1 
ATOM   716  C  CB  . VAL A 1 84  ? -2.671  2.721   -5.991  1.00 48.91  ? 83  VAL A CB  1 
ATOM   717  C  CG1 . VAL A 1 84  ? -2.402  3.954   -5.155  1.00 53.62  ? 83  VAL A CG1 1 
ATOM   718  C  CG2 . VAL A 1 84  ? -1.410  1.897   -6.159  1.00 52.62  ? 83  VAL A CG2 1 
ATOM   719  N  N   . ASN A 1 85  ? -5.651  3.013   -4.232  1.00 44.85  ? 84  ASN A N   1 
ATOM   720  C  CA  . ASN A 1 85  ? -6.857  3.853   -4.057  1.00 47.63  ? 84  ASN A CA  1 
ATOM   721  C  C   . ASN A 1 85  ? -8.003  3.192   -4.843  1.00 46.16  ? 84  ASN A C   1 
ATOM   722  O  O   . ASN A 1 85  ? -8.720  3.895   -5.554  1.00 47.35  ? 84  ASN A O   1 
ATOM   723  C  CB  . ASN A 1 85  ? -6.522  5.284   -4.479  1.00 49.25  ? 84  ASN A CB  1 
ATOM   724  C  CG  . ASN A 1 85  ? -7.681  6.241   -4.307  1.00 50.05  ? 84  ASN A CG  1 
ATOM   725  O  OD1 . ASN A 1 85  ? -8.407  6.160   -3.329  1.00 52.41  ? 84  ASN A OD1 1 
ATOM   726  N  ND2 . ASN A 1 85  ? -7.848  7.155   -5.245  1.00 52.14  ? 84  ASN A ND2 1 
ATOM   727  N  N   . GLY A 1 86  ? -8.093  1.863   -4.783  1.00 45.57  ? 85  GLY A N   1 
ATOM   728  C  CA  . GLY A 1 86  ? -9.188  1.075   -5.372  1.00 52.17  ? 85  GLY A CA  1 
ATOM   729  C  C   . GLY A 1 86  ? -8.988  0.684   -6.836  1.00 56.36  ? 85  GLY A C   1 
ATOM   730  O  O   . GLY A 1 86  ? -9.769  -0.155  -7.297  1.00 63.77  ? 85  GLY A O   1 
ATOM   731  N  N   . HIS A 1 87  ? -8.038  1.258   -7.582  1.00 50.17  ? 86  HIS A N   1 
ATOM   732  C  CA  . HIS A 1 87  ? -7.941  1.034   -9.051  1.00 46.91  ? 86  HIS A CA  1 
ATOM   733  C  C   . HIS A 1 87  ? -6.528  0.617   -9.481  1.00 50.54  ? 86  HIS A C   1 
ATOM   734  O  O   . HIS A 1 87  ? -5.571  0.718   -8.672  1.00 44.00  ? 86  HIS A O   1 
ATOM   735  C  CB  . HIS A 1 87  ? -8.366  2.293   -9.802  1.00 47.40  ? 86  HIS A CB  1 
ATOM   736  C  CG  . HIS A 1 87  ? -7.629  3.504   -9.376  1.00 47.07  ? 86  HIS A CG  1 
ATOM   737  N  ND1 . HIS A 1 87  ? -6.349  3.783   -9.831  1.00 56.98  ? 86  HIS A ND1 1 
ATOM   738  C  CD2 . HIS A 1 87  ? -7.962  4.487   -8.519  1.00 52.44  ? 86  HIS A CD2 1 
ATOM   739  C  CE1 . HIS A 1 87  ? -5.935  4.904   -9.284  1.00 58.42  ? 86  HIS A CE1 1 
ATOM   740  N  NE2 . HIS A 1 87  ? -6.916  5.362   -8.476  1.00 54.84  ? 86  HIS A NE2 1 
ATOM   741  N  N   A SER A 1 88  ? -6.397  0.145   -10.723 0.06 49.35  ? 87  SER A N   1 
ATOM   742  N  N   B SER A 1 88  ? -6.411  0.157   -10.734 0.44 48.39  ? 87  SER A N   1 
ATOM   743  C  CA  A SER A 1 88  ? -5.106  -0.265  -11.333 0.06 50.67  ? 87  SER A CA  1 
ATOM   744  C  CA  B SER A 1 88  ? -5.137  -0.180  -11.419 0.44 52.55  ? 87  SER A CA  1 
ATOM   745  C  C   A SER A 1 88  ? -4.217  0.972   -11.503 0.06 51.66  ? 87  SER A C   1 
ATOM   746  C  C   B SER A 1 88  ? -4.211  1.034   -11.401 0.44 49.48  ? 87  SER A C   1 
ATOM   747  O  O   A SER A 1 88  ? -4.762  2.064   -11.754 0.06 51.78  ? 87  SER A O   1 
ATOM   748  O  O   B SER A 1 88  ? -4.723  2.168   -11.464 0.44 51.43  ? 87  SER A O   1 
ATOM   749  C  CB  A SER A 1 88  ? -5.317  -0.984  -12.642 0.06 50.36  ? 87  SER A CB  1 
ATOM   750  C  CB  B SER A 1 88  ? -5.367  -0.609  -12.846 0.44 54.92  ? 87  SER A CB  1 
ATOM   751  O  OG  A SER A 1 88  ? -5.641  -0.071  -13.680 0.06 49.42  ? 87  SER A OG  1 
ATOM   752  O  OG  B SER A 1 88  ? -5.732  -1.974  -12.910 0.44 59.51  ? 87  SER A OG  1 
ATOM   753  N  N   . MET A 1 89  ? -2.904  0.795   -11.352 1.00 53.13  ? 88  MET A N   1 
ATOM   754  C  CA  . MET A 1 89  ? -1.903  1.867   -11.540 1.00 59.75  ? 88  MET A CA  1 
ATOM   755  C  C   . MET A 1 89  ? -1.824  2.182   -13.037 1.00 62.66  ? 88  MET A C   1 
ATOM   756  O  O   . MET A 1 89  ? -1.749  1.240   -13.853 1.00 59.21  ? 88  MET A O   1 
ATOM   757  C  CB  . MET A 1 89  ? -0.553  1.391   -11.015 1.00 70.82  ? 88  MET A CB  1 
ATOM   758  C  CG  . MET A 1 89  ? -0.528  1.331   -9.499  1.00 78.46  ? 88  MET A CG  1 
ATOM   759  S  SD  . MET A 1 89  ? 0.833   0.321   -8.900  1.00 83.99  ? 88  MET A SD  1 
ATOM   760  C  CE  . MET A 1 89  ? 2.027   0.561   -10.214 1.00 80.27  ? 88  MET A CE  1 
ATOM   761  N  N   . VAL A 1 90  ? -1.913  3.457   -13.392 1.00 63.73  ? 89  VAL A N   1 
ATOM   762  C  CA  . VAL A 1 90  ? -1.812  3.900   -14.805 1.00 66.35  ? 89  VAL A CA  1 
ATOM   763  C  C   . VAL A 1 90  ? -0.347  3.791   -15.238 1.00 65.04  ? 89  VAL A C   1 
ATOM   764  O  O   . VAL A 1 90  ? -0.142  3.546   -16.443 1.00 49.83  ? 89  VAL A O   1 
ATOM   765  C  CB  . VAL A 1 90  ? -2.375  5.320   -14.982 1.00 75.16  ? 89  VAL A CB  1 
ATOM   766  C  CG1 . VAL A 1 90  ? -2.139  5.842   -16.389 1.00 76.74  ? 89  VAL A CG1 1 
ATOM   767  C  CG2 . VAL A 1 90  ? -3.853  5.363   -14.627 1.00 82.19  ? 89  VAL A CG2 1 
ATOM   768  N  N   . SER A 1 91  ? 0.606   3.965   -14.299 1.00 64.78  ? 90  SER A N   1 
ATOM   769  C  CA  . SER A 1 91  ? 2.076   3.806   -14.512 1.00 68.78  ? 90  SER A CA  1 
ATOM   770  C  C   . SER A 1 91  ? 2.827   3.422   -13.222 1.00 63.56  ? 90  SER A C   1 
ATOM   771  O  O   . SER A 1 91  ? 2.559   3.996   -12.146 1.00 64.99  ? 90  SER A O   1 
ATOM   772  C  CB  . SER A 1 91  ? 2.697   5.048   -15.109 1.00 72.85  ? 90  SER A CB  1 
ATOM   773  O  OG  . SER A 1 91  ? 4.058   4.813   -15.456 1.00 80.00  ? 90  SER A OG  1 
ATOM   774  N  N   . VAL A 1 92  ? 3.827   2.558   -13.391 1.00 59.93  ? 91  VAL A N   1 
ATOM   775  C  CA  . VAL A 1 92  ? 4.736   2.036   -12.332 1.00 62.85  ? 91  VAL A CA  1 
ATOM   776  C  C   . VAL A 1 92  ? 5.991   2.922   -12.226 1.00 53.07  ? 91  VAL A C   1 
ATOM   777  O  O   . VAL A 1 92  ? 6.781   2.699   -11.317 1.00 55.71  ? 91  VAL A O   1 
ATOM   778  C  CB  . VAL A 1 92  ? 5.096   0.565   -12.619 1.00 62.29  ? 91  VAL A CB  1 
ATOM   779  C  CG1 . VAL A 1 92  ? 3.855   -0.313  -12.689 1.00 61.30  ? 91  VAL A CG1 1 
ATOM   780  C  CG2 . VAL A 1 92  ? 5.934   0.409   -13.886 1.00 67.98  ? 91  VAL A CG2 1 
ATOM   781  N  N   . SER A 1 93  ? 6.171   3.888   -13.117 1.00 46.13  ? 92  SER A N   1 
ATOM   782  C  CA  . SER A 1 93  ? 7.384   4.731   -13.174 1.00 51.11  ? 92  SER A CA  1 
ATOM   783  C  C   . SER A 1 93  ? 7.183   6.006   -12.352 1.00 48.03  ? 92  SER A C   1 
ATOM   784  O  O   . SER A 1 93  ? 8.146   6.751   -12.167 1.00 51.32  ? 92  SER A O   1 
ATOM   785  C  CB  . SER A 1 93  ? 7.726   5.066   -14.595 1.00 61.40  ? 92  SER A CB  1 
ATOM   786  O  OG  . SER A 1 93  ? 6.902   6.125   -15.066 1.00 68.24  ? 92  SER A OG  1 
ATOM   787  N  N   . THR A 1 94  ? 5.965   6.285   -11.910 1.00 47.32  ? 93  THR A N   1 
ATOM   788  C  CA  . THR A 1 94  ? 5.662   7.510   -11.129 1.00 48.65  ? 93  THR A CA  1 
ATOM   789  C  C   . THR A 1 94  ? 6.346   7.383   -9.770  1.00 47.39  ? 93  THR A C   1 
ATOM   790  O  O   . THR A 1 94  ? 6.246   6.343   -9.120  1.00 42.75  ? 93  THR A O   1 
ATOM   791  C  CB  . THR A 1 94  ? 4.146   7.701   -10.976 1.00 51.40  ? 93  THR A CB  1 
ATOM   792  O  OG1 . THR A 1 94  ? 3.496   7.152   -12.130 1.00 59.62  ? 93  THR A OG1 1 
ATOM   793  C  CG2 . THR A 1 94  ? 3.768   9.152   -10.779 1.00 50.46  ? 93  THR A CG2 1 
ATOM   794  N  N   . PRO A 1 95  ? 7.056   8.426   -9.298  1.00 44.61  ? 94  PRO A N   1 
ATOM   795  C  CA  . PRO A 1 95  ? 7.535   8.475   -7.921  1.00 43.11  ? 94  PRO A CA  1 
ATOM   796  C  C   . PRO A 1 95  ? 6.358   8.473   -6.944  1.00 44.19  ? 94  PRO A C   1 
ATOM   797  O  O   . PRO A 1 95  ? 5.336   9.080   -7.245  1.00 44.58  ? 94  PRO A O   1 
ATOM   798  C  CB  . PRO A 1 95  ? 8.303   9.785   -7.788  1.00 43.76  ? 94  PRO A CB  1 
ATOM   799  C  CG  . PRO A 1 95  ? 8.559   10.215  -9.224  1.00 47.42  ? 94  PRO A CG  1 
ATOM   800  C  CD  . PRO A 1 95  ? 7.458   9.605   -10.071 1.00 46.88  ? 94  PRO A CD  1 
ATOM   801  N  N   . ILE A 1 96  ? 6.515   7.763   -5.822  1.00 38.47  ? 95  ILE A N   1 
ATOM   802  C  CA  . ILE A 1 96  ? 5.416   7.536   -4.849  1.00 38.58  ? 95  ILE A CA  1 
ATOM   803  C  C   . ILE A 1 96  ? 5.048   8.893   -4.236  1.00 37.82  ? 95  ILE A C   1 
ATOM   804  O  O   . ILE A 1 96  ? 3.889   9.058   -3.858  1.00 39.71  ? 95  ILE A O   1 
ATOM   805  C  CB  . ILE A 1 96  ? 5.733   6.419   -3.827  1.00 37.32  ? 95  ILE A CB  1 
ATOM   806  C  CG1 . ILE A 1 96  ? 4.431   5.905   -3.205  1.00 40.92  ? 95  ILE A CG1 1 
ATOM   807  C  CG2 . ILE A 1 96  ? 6.740   6.862   -2.780  1.00 38.67  ? 95  ILE A CG2 1 
ATOM   808  C  CD1 . ILE A 1 96  ? 4.605   5.027   -1.996  1.00 42.55  ? 95  ILE A CD1 1 
ATOM   809  N  N   . SER A 1 97  ? 5.969   9.859   -4.181  1.00 38.07  ? 96  SER A N   1 
ATOM   810  C  CA  . SER A 1 97  ? 5.634   11.239  -3.740  1.00 38.84  ? 96  SER A CA  1 
ATOM   811  C  C   . SER A 1 97  ? 4.499   11.814  -4.609  1.00 43.54  ? 96  SER A C   1 
ATOM   812  O  O   . SER A 1 97  ? 3.579   12.446  -4.022  1.00 38.67  ? 96  SER A O   1 
ATOM   813  C  CB  . SER A 1 97  ? 6.829   12.130  -3.774  1.00 36.92  ? 96  SER A CB  1 
ATOM   814  O  OG  . SER A 1 97  ? 7.491   12.021  -5.023  1.00 38.35  ? 96  SER A OG  1 
ATOM   815  N  N   . GLU A 1 98  ? 4.574   11.633  -5.942  1.00 45.44  ? 97  GLU A N   1 
ATOM   816  C  CA  . GLU A 1 98  ? 3.576   12.119  -6.943  1.00 45.48  ? 97  GLU A CA  1 
ATOM   817  C  C   . GLU A 1 98  ? 2.273   11.336  -6.780  1.00 44.18  ? 97  GLU A C   1 
ATOM   818  O  O   . GLU A 1 98  ? 1.188   11.968  -6.772  1.00 45.12  ? 97  GLU A O   1 
ATOM   819  C  CB  . GLU A 1 98  ? 4.039   11.890  -8.388  1.00 51.23  ? 97  GLU A CB  1 
ATOM   820  C  CG  . GLU A 1 98  ? 4.730   13.083  -9.036  1.00 65.31  ? 97  GLU A CG  1 
ATOM   821  C  CD  . GLU A 1 98  ? 5.401   12.793  -10.383 1.00 69.69  ? 97  GLU A CD  1 
ATOM   822  O  OE1 . GLU A 1 98  ? 6.630   13.056  -10.525 1.00 71.67  ? 97  GLU A OE1 1 
ATOM   823  O  OE2 . GLU A 1 98  ? 4.702   12.303  -11.294 1.00 66.27  ? 97  GLU A OE2 1 
ATOM   824  N  N   . VAL A 1 99  ? 2.381   10.002  -6.723  1.00 38.64  ? 98  VAL A N   1 
ATOM   825  C  CA  . VAL A 1 99  ? 1.222   9.086   -6.551  1.00 40.26  ? 98  VAL A CA  1 
ATOM   826  C  C   . VAL A 1 99  ? 0.483   9.463   -5.261  1.00 42.64  ? 98  VAL A C   1 
ATOM   827  O  O   . VAL A 1 99  ? -0.768  9.496   -5.273  1.00 43.95  ? 98  VAL A O   1 
ATOM   828  C  CB  . VAL A 1 99  ? 1.638   7.606   -6.559  1.00 39.27  ? 98  VAL A CB  1 
ATOM   829  C  CG1 . VAL A 1 99  ? 0.471   6.690   -6.233  1.00 40.19  ? 98  VAL A CG1 1 
ATOM   830  C  CG2 . VAL A 1 99  ? 2.248   7.229   -7.892  1.00 41.86  ? 98  VAL A CG2 1 
ATOM   831  N  N   . TYR A 1 100 ? 1.203   9.749   -4.181  1.00 37.12  ? 99  TYR A N   1 
ATOM   832  C  CA  . TYR A 1 100 ? 0.568   10.067  -2.875  1.00 37.47  ? 99  TYR A CA  1 
ATOM   833  C  C   . TYR A 1 100 ? -0.355  11.276  -3.047  1.00 41.14  ? 99  TYR A C   1 
ATOM   834  O  O   . TYR A 1 100 ? -1.495  11.237  -2.575  1.00 44.29  ? 99  TYR A O   1 
ATOM   835  C  CB  . TYR A 1 100 ? 1.610   10.322  -1.793  1.00 32.87  ? 99  TYR A CB  1 
ATOM   836  C  CG  . TYR A 1 100 ? 1.028   10.736  -0.463  1.00 31.09  ? 99  TYR A CG  1 
ATOM   837  C  CD1 . TYR A 1 100 ? 0.474   9.808   0.406   1.00 30.99  ? 99  TYR A CD1 1 
ATOM   838  C  CD2 . TYR A 1 100 ? 1.063   12.054  -0.054  1.00 30.84  ? 99  TYR A CD2 1 
ATOM   839  C  CE1 . TYR A 1 100 ? -0.019  10.183  1.645   1.00 31.58  ? 99  TYR A CE1 1 
ATOM   840  C  CE2 . TYR A 1 100 ? 0.539   12.451  1.166   1.00 30.62  ? 99  TYR A CE2 1 
ATOM   841  C  CZ  . TYR A 1 100 ? 0.002   11.510  2.024   1.00 32.25  ? 99  TYR A CZ  1 
ATOM   842  O  OH  . TYR A 1 100 ? -0.515  11.930  3.221   1.00 36.56  ? 99  TYR A OH  1 
ATOM   843  N  N   . GLU A 1 101 ? 0.148   12.320  -3.700  1.00 42.11  ? 100 GLU A N   1 
ATOM   844  C  CA  . GLU A 1 101 ? -0.506  13.651  -3.795  1.00 47.99  ? 100 GLU A CA  1 
ATOM   845  C  C   . GLU A 1 101 ? -1.843  13.564  -4.541  1.00 45.31  ? 100 GLU A C   1 
ATOM   846  O  O   . GLU A 1 101 ? -2.747  14.365  -4.235  1.00 46.14  ? 100 GLU A O   1 
ATOM   847  C  CB  . GLU A 1 101 ? 0.399   14.647  -4.514  1.00 51.93  ? 100 GLU A CB  1 
ATOM   848  C  CG  . GLU A 1 101 ? 1.515   15.162  -3.636  1.00 62.79  ? 100 GLU A CG  1 
ATOM   849  C  CD  . GLU A 1 101 ? 1.695   16.667  -3.661  1.00 68.01  ? 100 GLU A CD  1 
ATOM   850  O  OE1 . GLU A 1 101 ? 1.381   17.297  -4.706  1.00 58.20  ? 100 GLU A OE1 1 
ATOM   851  O  OE2 . GLU A 1 101 ? 2.128   17.197  -2.615  1.00 75.90  ? 100 GLU A OE2 1 
ATOM   852  N  N   . SER A 1 102 ? -1.956  12.659  -5.501  1.00 39.07  ? 101 SER A N   1 
ATOM   853  C  CA  . SER A 1 102 ? -3.194  12.495  -6.287  1.00 42.17  ? 101 SER A CA  1 
ATOM   854  C  C   . SER A 1 102 ? -4.042  11.323  -5.759  1.00 47.52  ? 101 SER A C   1 
ATOM   855  O  O   . SER A 1 102 ? -5.258  11.432  -5.908  1.00 59.27  ? 101 SER A O   1 
ATOM   856  C  CB  . SER A 1 102 ? -2.867  12.409  -7.736  1.00 38.37  ? 101 SER A CB  1 
ATOM   857  O  OG  . SER A 1 102 ? -2.384  11.137  -8.033  1.00 48.86  ? 101 SER A OG  1 
ATOM   858  N  N   . GLU A 1 103 ? -3.483  10.286  -5.110  1.00 44.19  ? 102 GLU A N   1 
ATOM   859  C  CA  . GLU A 1 103 ? -4.253  9.059   -4.759  1.00 41.14  ? 102 GLU A CA  1 
ATOM   860  C  C   . GLU A 1 103 ? -4.472  8.915   -3.257  1.00 40.35  ? 102 GLU A C   1 
ATOM   861  O  O   . GLU A 1 103 ? -5.071  7.899   -2.850  1.00 45.88  ? 102 GLU A O   1 
ATOM   862  C  CB  . GLU A 1 103 ? -3.582  7.793   -5.287  1.00 42.06  ? 102 GLU A CB  1 
ATOM   863  C  CG  . GLU A 1 103 ? -3.426  7.770   -6.800  1.00 48.26  ? 102 GLU A CG  1 
ATOM   864  C  CD  . GLU A 1 103 ? -4.707  7.893   -7.609  1.00 55.51  ? 102 GLU A CD  1 
ATOM   865  O  OE1 . GLU A 1 103 ? -5.788  7.478   -7.118  1.00 51.74  ? 102 GLU A OE1 1 
ATOM   866  O  OE2 . GLU A 1 103 ? -4.623  8.418   -8.734  1.00 62.91  ? 102 GLU A OE2 1 
ATOM   867  N  N   . LYS A 1 104 ? -4.012  9.852   -2.441  1.00 41.82  ? 103 LYS A N   1 
ATOM   868  C  CA  . LYS A 1 104 ? -4.096  9.682   -0.966  1.00 42.54  ? 103 LYS A CA  1 
ATOM   869  C  C   . LYS A 1 104 ? -5.570  9.675   -0.537  1.00 46.82  ? 103 LYS A C   1 
ATOM   870  O  O   . LYS A 1 104 ? -6.354  10.365  -1.171  1.00 45.38  ? 103 LYS A O   1 
ATOM   871  C  CB  . LYS A 1 104 ? -3.372  10.828  -0.263  1.00 44.75  ? 103 LYS A CB  1 
ATOM   872  C  CG  . LYS A 1 104 ? -3.927  12.204  -0.565  1.00 43.11  ? 103 LYS A CG  1 
ATOM   873  C  CD  . LYS A 1 104 ? -3.130  13.322  -0.006  1.00 45.97  ? 103 LYS A CD  1 
ATOM   874  C  CE  . LYS A 1 104 ? -3.819  14.651  -0.211  1.00 49.15  ? 103 LYS A CE  1 
ATOM   875  N  NZ  . LYS A 1 104 ? -3.538  15.231  -1.544  1.00 59.65  ? 103 LYS A NZ  1 
ATOM   876  N  N   . ASP A 1 105 ? -5.922  8.943   0.517   1.00 45.77  ? 104 ASP A N   1 
ATOM   877  C  CA  . ASP A 1 105 ? -7.236  9.047   1.208   1.00 48.33  ? 104 ASP A CA  1 
ATOM   878  C  C   . ASP A 1 105 ? -7.378  10.397  1.943   1.00 50.55  ? 104 ASP A C   1 
ATOM   879  O  O   . ASP A 1 105 ? -6.346  11.080  2.233   1.00 44.61  ? 104 ASP A O   1 
ATOM   880  C  CB  . ASP A 1 105 ? -7.373  7.884   2.183   1.00 53.46  ? 104 ASP A CB  1 
ATOM   881  C  CG  . ASP A 1 105 ? -8.798  7.540   2.551   1.00 53.30  ? 104 ASP A CG  1 
ATOM   882  O  OD1 . ASP A 1 105 ? -9.422  6.794   1.772   1.00 53.03  ? 104 ASP A OD1 1 
ATOM   883  O  OD2 . ASP A 1 105 ? -9.239  7.994   3.627   1.00 51.04  ? 104 ASP A OD2 1 
ATOM   884  N  N   . GLU A 1 106 ? -8.608  10.780  2.291   1.00 50.59  ? 105 GLU A N   1 
ATOM   885  C  CA  . GLU A 1 106 ? -8.868  11.991  3.123   1.00 50.08  ? 105 GLU A CA  1 
ATOM   886  C  C   . GLU A 1 106 ? -8.254  11.826  4.523   1.00 45.70  ? 105 GLU A C   1 
ATOM   887  O  O   . GLU A 1 106 ? -8.019  12.855  5.165   1.00 46.97  ? 105 GLU A O   1 
ATOM   888  C  CB  . GLU A 1 106 ? -10.364 12.284  3.299   1.00 57.50  ? 105 GLU A CB  1 
ATOM   889  C  CG  . GLU A 1 106 ? -11.046 12.917  2.097   1.00 67.92  ? 105 GLU A CG  1 
ATOM   890  C  CD  . GLU A 1 106 ? -12.252 13.825  2.375   1.00 75.47  ? 105 GLU A CD  1 
ATOM   891  O  OE1 . GLU A 1 106 ? -12.739 13.894  3.542   1.00 61.24  ? 105 GLU A OE1 1 
ATOM   892  O  OE2 . GLU A 1 106 ? -12.704 14.499  1.417   1.00 76.54  ? 105 GLU A OE2 1 
ATOM   893  N  N   . ASP A 1 107 ? -8.045  10.596  5.018   1.00 48.80  ? 106 ASP A N   1 
ATOM   894  C  CA  . ASP A 1 107 ? -7.374  10.347  6.337   1.00 49.13  ? 106 ASP A CA  1 
ATOM   895  C  C   . ASP A 1 107 ? -5.850  10.590  6.259   1.00 49.93  ? 106 ASP A C   1 
ATOM   896  O  O   . ASP A 1 107 ? -5.236  10.753  7.349   1.00 46.50  ? 106 ASP A O   1 
ATOM   897  C  CB  . ASP A 1 107 ? -7.663  8.950   6.902   1.00 46.51  ? 106 ASP A CB  1 
ATOM   898  C  CG  . ASP A 1 107 ? -7.053  7.777   6.155   1.00 49.79  ? 106 ASP A CG  1 
ATOM   899  O  OD1 . ASP A 1 107 ? -6.238  8.004   5.233   1.00 50.56  ? 106 ASP A OD1 1 
ATOM   900  O  OD2 . ASP A 1 107 ? -7.389  6.627   6.523   1.00 48.72  ? 106 ASP A OD2 1 
ATOM   901  N  N   . GLY A 1 108 ? -5.271  10.621  5.045   1.00 46.31  ? 107 GLY A N   1 
ATOM   902  C  CA  . GLY A 1 108 ? -3.845  10.943  4.783   1.00 45.81  ? 107 GLY A CA  1 
ATOM   903  C  C   . GLY A 1 108 ? -3.001  9.726   4.404   1.00 41.68  ? 107 GLY A C   1 
ATOM   904  O  O   . GLY A 1 108 ? -1.846  9.921   3.957   1.00 43.54  ? 107 GLY A O   1 
ATOM   905  N  N   . PHE A 1 109 ? -3.534  8.513   4.564   1.00 38.20  ? 108 PHE A N   1 
ATOM   906  C  CA  . PHE A 1 109 ? -2.879  7.254   4.136   1.00 40.10  ? 108 PHE A CA  1 
ATOM   907  C  C   . PHE A 1 109 ? -3.042  7.094   2.621   1.00 42.55  ? 108 PHE A C   1 
ATOM   908  O  O   . PHE A 1 109 ? -3.958  7.709   2.016   1.00 41.36  ? 108 PHE A O   1 
ATOM   909  C  CB  . PHE A 1 109 ? -3.433  6.053   4.912   1.00 42.54  ? 108 PHE A CB  1 
ATOM   910  C  CG  . PHE A 1 109 ? -2.859  5.853   6.296   1.00 46.61  ? 108 PHE A CG  1 
ATOM   911  C  CD1 . PHE A 1 109 ? -1.545  5.445   6.470   1.00 40.95  ? 108 PHE A CD1 1 
ATOM   912  C  CD2 . PHE A 1 109 ? -3.636  6.057   7.431   1.00 46.20  ? 108 PHE A CD2 1 
ATOM   913  C  CE1 . PHE A 1 109 ? -1.022  5.260   7.743   1.00 44.45  ? 108 PHE A CE1 1 
ATOM   914  C  CE2 . PHE A 1 109 ? -3.106  5.870   8.703   1.00 46.66  ? 108 PHE A CE2 1 
ATOM   915  C  CZ  . PHE A 1 109 ? -1.799  5.474   8.856   1.00 42.76  ? 108 PHE A CZ  1 
ATOM   916  N  N   . LEU A 1 110 ? -2.140  6.316   2.030   1.00 39.72  ? 109 LEU A N   1 
ATOM   917  C  CA  . LEU A 1 110 ? -2.237  5.788   0.646   1.00 43.10  ? 109 LEU A CA  1 
ATOM   918  C  C   . LEU A 1 110 ? -2.589  4.298   0.740   1.00 40.26  ? 109 LEU A C   1 
ATOM   919  O  O   . LEU A 1 110 ? -1.784  3.535   1.310   1.00 39.59  ? 109 LEU A O   1 
ATOM   920  C  CB  . LEU A 1 110 ? -0.891  6.004   -0.059  1.00 42.14  ? 109 LEU A CB  1 
ATOM   921  C  CG  . LEU A 1 110 ? -0.844  5.650   -1.540  1.00 45.40  ? 109 LEU A CG  1 
ATOM   922  C  CD1 . LEU A 1 110 ? -1.916  6.421   -2.327  1.00 41.32  ? 109 LEU A CD1 1 
ATOM   923  C  CD2 . LEU A 1 110 ? 0.561   5.903   -2.098  1.00 42.02  ? 109 LEU A CD2 1 
ATOM   924  N  N   . TYR A 1 111 ? -3.740  3.909   0.196   1.00 39.85  ? 110 TYR A N   1 
ATOM   925  C  CA  . TYR A 1 111 ? -4.338  2.560   0.351   1.00 43.97  ? 110 TYR A CA  1 
ATOM   926  C  C   . TYR A 1 111 ? -4.033  1.729   -0.890  1.00 43.51  ? 110 TYR A C   1 
ATOM   927  O  O   . TYR A 1 111 ? -4.183  2.206   -2.031  1.00 43.63  ? 110 TYR A O   1 
ATOM   928  C  CB  . TYR A 1 111 ? -5.844  2.633   0.634   1.00 45.19  ? 110 TYR A CB  1 
ATOM   929  C  CG  . TYR A 1 111 ? -6.166  3.114   2.029   1.00 40.28  ? 110 TYR A CG  1 
ATOM   930  C  CD1 . TYR A 1 111 ? -6.277  4.461   2.319   1.00 39.69  ? 110 TYR A CD1 1 
ATOM   931  C  CD2 . TYR A 1 111 ? -6.331  2.215   3.071   1.00 40.86  ? 110 TYR A CD2 1 
ATOM   932  C  CE1 . TYR A 1 111 ? -6.541  4.906   3.612   1.00 37.18  ? 110 TYR A CE1 1 
ATOM   933  C  CE2 . TYR A 1 111 ? -6.595  2.641   4.364   1.00 37.98  ? 110 TYR A CE2 1 
ATOM   934  C  CZ  . TYR A 1 111 ? -6.721  3.993   4.635   1.00 37.36  ? 110 TYR A CZ  1 
ATOM   935  O  OH  . TYR A 1 111 ? -6.982  4.399   5.922   1.00 38.19  ? 110 TYR A OH  1 
ATOM   936  N  N   . MET A 1 112 ? -3.579  0.512   -0.626  1.00 40.47  ? 111 MET A N   1 
ATOM   937  C  CA  . MET A 1 112 ? -3.186  -0.474  -1.649  1.00 43.58  ? 111 MET A CA  1 
ATOM   938  C  C   . MET A 1 112 ? -3.703  -1.848  -1.240  1.00 43.93  ? 111 MET A C   1 
ATOM   939  O  O   . MET A 1 112 ? -3.792  -2.160  -0.026  1.00 42.09  ? 111 MET A O   1 
ATOM   940  C  CB  . MET A 1 112 ? -1.670  -0.540  -1.815  1.00 41.98  ? 111 MET A CB  1 
ATOM   941  C  CG  . MET A 1 112 ? -1.087  0.804   -2.106  1.00 44.80  ? 111 MET A CG  1 
ATOM   942  S  SD  . MET A 1 112 ? 0.612   0.670   -2.635  1.00 46.83  ? 111 MET A SD  1 
ATOM   943  C  CE  . MET A 1 112 ? 0.955   2.412   -2.880  1.00 49.86  ? 111 MET A CE  1 
ATOM   944  N  N   A VAL A 1 113 ? -4.003  -2.656  -2.254  0.41 44.77  ? 112 VAL A N   1 
ATOM   945  N  N   B VAL A 1 113 ? -4.101  -2.645  -2.235  0.10 43.87  ? 112 VAL A N   1 
ATOM   946  C  CA  A VAL A 1 113 ? -4.557  -4.033  -2.144  0.41 45.86  ? 112 VAL A CA  1 
ATOM   947  C  CA  B VAL A 1 113 ? -4.520  -4.066  -2.057  0.10 44.17  ? 112 VAL A CA  1 
ATOM   948  C  C   A VAL A 1 113 ? -3.855  -4.874  -3.207  0.41 45.36  ? 112 VAL A C   1 
ATOM   949  C  C   B VAL A 1 113 ? -3.905  -4.886  -3.192  0.10 44.96  ? 112 VAL A C   1 
ATOM   950  O  O   A VAL A 1 113 ? -3.661  -4.346  -4.312  0.41 43.20  ? 112 VAL A O   1 
ATOM   951  O  O   B VAL A 1 113 ? -3.824  -4.365  -4.322  0.10 44.41  ? 112 VAL A O   1 
ATOM   952  C  CB  A VAL A 1 113 ? -6.085  -4.030  -2.349  0.41 49.58  ? 112 VAL A CB  1 
ATOM   953  C  CB  B VAL A 1 113 ? -6.052  -4.226  -1.999  0.10 44.36  ? 112 VAL A CB  1 
ATOM   954  C  CG1 A VAL A 1 113 ? -6.671  -5.427  -2.212  0.41 51.25  ? 112 VAL A CG1 1 
ATOM   955  C  CG1 B VAL A 1 113 ? -6.646  -3.546  -0.774  0.10 43.94  ? 112 VAL A CG1 1 
ATOM   956  C  CG2 A VAL A 1 113 ? -6.778  -3.052  -1.408  0.41 49.87  ? 112 VAL A CG2 1 
ATOM   957  C  CG2 B VAL A 1 113 ? -6.730  -3.735  -3.268  0.10 43.75  ? 112 VAL A CG2 1 
ATOM   958  N  N   . TYR A 1 114 ? -3.491  -6.117  -2.882  1.00 45.82  ? 113 TYR A N   1 
ATOM   959  C  CA  . TYR A 1 114 ? -2.776  -7.019  -3.814  1.00 48.71  ? 113 TYR A CA  1 
ATOM   960  C  C   . TYR A 1 114 ? -3.533  -8.340  -3.962  1.00 50.90  ? 113 TYR A C   1 
ATOM   961  O  O   . TYR A 1 114 ? -4.149  -8.837  -2.980  1.00 56.34  ? 113 TYR A O   1 
ATOM   962  C  CB  . TYR A 1 114 ? -1.345  -7.257  -3.321  1.00 48.84  ? 113 TYR A CB  1 
ATOM   963  C  CG  . TYR A 1 114 ? -1.202  -7.989  -2.010  1.00 45.29  ? 113 TYR A CG  1 
ATOM   964  C  CD1 . TYR A 1 114 ? -1.070  -7.311  -0.812  1.00 43.26  ? 113 TYR A CD1 1 
ATOM   965  C  CD2 . TYR A 1 114 ? -1.186  -9.371  -1.972  1.00 45.86  ? 113 TYR A CD2 1 
ATOM   966  C  CE1 . TYR A 1 114 ? -0.905  -7.993  0.383   1.00 46.89  ? 113 TYR A CE1 1 
ATOM   967  C  CE2 . TYR A 1 114 ? -1.016  -10.069 -0.787  1.00 42.03  ? 113 TYR A CE2 1 
ATOM   968  C  CZ  . TYR A 1 114 ? -0.879  -9.381  0.397   1.00 48.00  ? 113 TYR A CZ  1 
ATOM   969  O  OH  . TYR A 1 114 ? -0.714  -10.091 1.551   1.00 51.02  ? 113 TYR A OH  1 
ATOM   970  N  N   . ALA A 1 115 ? -3.394  -8.921  -5.150  1.00 53.22  ? 114 ALA A N   1 
ATOM   971  C  CA  . ALA A 1 115 ? -4.004  -10.205 -5.542  1.00 62.81  ? 114 ALA A CA  1 
ATOM   972  C  C   . ALA A 1 115 ? -3.187  -10.856 -6.662  1.00 61.77  ? 114 ALA A C   1 
ATOM   973  O  O   . ALA A 1 115 ? -2.435  -10.137 -7.358  1.00 61.90  ? 114 ALA A O   1 
ATOM   974  C  CB  . ALA A 1 115 ? -5.432  -9.952  -5.963  1.00 66.47  ? 114 ALA A CB  1 
ATOM   975  N  N   . SER A 1 116 ? -3.375  -12.166 -6.843  1.00 68.57  ? 115 SER A N   1 
ATOM   976  C  CA  . SER A 1 116 ? -2.786  -12.975 -7.944  1.00 70.26  ? 115 SER A CA  1 
ATOM   977  C  C   . SER A 1 116 ? -3.599  -12.768 -9.224  1.00 72.81  ? 115 SER A C   1 
ATOM   978  O  O   . SER A 1 116 ? -3.014  -12.956 -10.311 1.00 79.76  ? 115 SER A O   1 
ATOM   979  C  CB  . SER A 1 116 ? -2.687  -14.435 -7.574  1.00 66.68  ? 115 SER A CB  1 
ATOM   980  O  OG  . SER A 1 116 ? -3.578  -14.748 -6.521  1.00 70.27  ? 115 SER A OG  1 
ATOM   981  N  N   . GLN A 1 117 ? -4.874  -12.371 -9.097  1.00 68.42  ? 116 GLN A N   1 
ATOM   982  C  CA  . GLN A 1 117 ? -5.792  -12.102 -10.238 1.00 74.40  ? 116 GLN A CA  1 
ATOM   983  C  C   . GLN A 1 117 ? -5.844  -10.590 -10.482 1.00 80.89  ? 116 GLN A C   1 
ATOM   984  O  O   . GLN A 1 117 ? -5.969  -9.846  -9.500  1.00 85.84  ? 116 GLN A O   1 
ATOM   985  C  CB  . GLN A 1 117 ? -7.195  -12.634 -9.938  1.00 68.68  ? 116 GLN A CB  1 
ATOM   986  N  N   . GLU A 1 118 ? -5.770  -10.158 -11.742 1.00 88.25  ? 117 GLU A N   1 
ATOM   987  C  CA  . GLU A 1 118 ? -6.057  -8.759  -12.162 1.00 97.92  ? 117 GLU A CA  1 
ATOM   988  C  C   . GLU A 1 118 ? -7.550  -8.464  -11.955 1.00 106.45 ? 117 GLU A C   1 
ATOM   989  O  O   . GLU A 1 118 ? -7.889  -7.298  -11.669 1.00 105.57 ? 117 GLU A O   1 
ATOM   990  C  CB  . GLU A 1 118 ? -5.679  -8.558  -13.628 1.00 101.99 ? 117 GLU A CB  1 
ATOM   991  C  CG  . GLU A 1 118 ? -5.106  -7.187  -13.916 1.00 108.40 ? 117 GLU A CG  1 
ATOM   992  C  CD  . GLU A 1 118 ? -4.582  -7.040  -15.333 1.00 117.89 ? 117 GLU A CD  1 
ATOM   993  O  OE1 . GLU A 1 118 ? -4.961  -7.864  -16.192 1.00 127.18 ? 117 GLU A OE1 1 
ATOM   994  O  OE2 . GLU A 1 118 ? -3.790  -6.110  -15.571 1.00 116.50 ? 117 GLU A OE2 1 
ATOM   995  N  N   . THR A 1 119 ? -8.405  -9.479  -12.144 1.00 118.55 ? 118 THR A N   1 
ATOM   996  C  CA  . THR A 1 119 ? -9.830  -9.493  -11.718 1.00 121.21 ? 118 THR A CA  1 
ATOM   997  C  C   . THR A 1 119 ? -9.859  -9.682  -10.194 1.00 123.59 ? 118 THR A C   1 
ATOM   998  O  O   . THR A 1 119 ? -9.863  -10.849 -9.744  1.00 134.43 ? 118 THR A O   1 
ATOM   999  C  CB  . THR A 1 119 ? -10.623 -10.570 -12.474 1.00 112.62 ? 118 THR A CB  1 
ATOM   1000 N  N   . PHE A 1 120 ? -9.815  -8.573  -9.445  1.00 122.06 ? 119 PHE A N   1 
ATOM   1001 C  CA  . PHE A 1 120 ? -9.911  -8.524  -7.960  1.00 117.24 ? 119 PHE A CA  1 
ATOM   1002 C  C   . PHE A 1 120 ? -11.361 -8.792  -7.564  1.00 119.29 ? 119 PHE A C   1 
ATOM   1003 O  O   . PHE A 1 120 ? -12.209 -7.995  -7.953  1.00 125.00 ? 119 PHE A O   1 
ATOM   1004 C  CB  . PHE A 1 120 ? -9.464  -7.165  -7.409  1.00 118.59 ? 119 PHE A CB  1 
ATOM   1005 C  CG  . PHE A 1 120 ? -7.969  -6.985  -7.320  1.00 123.26 ? 119 PHE A CG  1 
ATOM   1006 C  CD1 . PHE A 1 120 ? -7.190  -6.967  -8.467  1.00 124.08 ? 119 PHE A CD1 1 
ATOM   1007 C  CD2 . PHE A 1 120 ? -7.339  -6.833  -6.093  1.00 122.38 ? 119 PHE A CD2 1 
ATOM   1008 C  CE1 . PHE A 1 120 ? -5.814  -6.804  -8.391  1.00 123.20 ? 119 PHE A CE1 1 
ATOM   1009 C  CE2 . PHE A 1 120 ? -5.962  -6.673  -6.017  1.00 117.96 ? 119 PHE A CE2 1 
ATOM   1010 C  CZ  . PHE A 1 120 ? -5.202  -6.661  -7.165  1.00 120.48 ? 119 PHE A CZ  1 
HETATM 1011 N  N1  . LV4 B 2 .   ? 10.594  -0.266  7.352   0.62 35.22  ? 201 LV4 A N1  1 
HETATM 1012 C  C4  . LV4 B 2 .   ? 11.410  2.237   6.276   0.62 34.01  ? 201 LV4 A C4  1 
HETATM 1013 C  C5  . LV4 B 2 .   ? 11.961  2.278   5.007   0.62 33.64  ? 201 LV4 A C5  1 
HETATM 1014 C  C6  . LV4 B 2 .   ? 9.682   0.668   7.118   0.62 35.50  ? 201 LV4 A C6  1 
HETATM 1015 C  C7  . LV4 B 2 .   ? 11.242  3.702   9.221   0.62 38.27  ? 201 LV4 A C7  1 
HETATM 1016 N  N   . LV4 B 2 .   ? 10.090  1.824   6.566   0.62 33.91  ? 201 LV4 A N   1 
HETATM 1017 C  C   . LV4 B 2 .   ? 13.270  2.702   4.832   0.62 33.40  ? 201 LV4 A C   1 
HETATM 1018 O  O   . LV4 B 2 .   ? 11.611  2.573   8.628   0.62 36.60  ? 201 LV4 A O   1 
HETATM 1019 C  C1  . LV4 B 2 .   ? 14.030  3.085   5.913   0.62 33.17  ? 201 LV4 A C1  1 
HETATM 1020 C  C2  . LV4 B 2 .   ? 13.504  3.041   7.191   0.62 33.42  ? 201 LV4 A C2  1 
HETATM 1021 C  C3  . LV4 B 2 .   ? 12.185  2.634   7.382   0.62 34.65  ? 201 LV4 A C3  1 
HETATM 1022 F  F   . LV4 B 2 .   ? 10.693  3.439   10.384  0.62 40.04  ? 201 LV4 A F   1 
HETATM 1023 F  F1  . LV4 B 2 .   ? 12.239  4.525   9.460   0.62 40.46  ? 201 LV4 A F1  1 
HETATM 1024 F  F2  . LV4 B 2 .   ? 10.359  4.372   8.512   0.62 39.03  ? 201 LV4 A F2  1 
HETATM 1025 S  S   . LV4 B 2 .   ? 8.044   0.412   7.497   0.62 34.67  ? 201 LV4 A S   1 
HETATM 1026 C  C1  . EDO C 3 .   ? -6.348  2.932   -14.534 1.00 101.82 ? 202 EDO A C1  1 
HETATM 1027 O  O1  . EDO C 3 .   ? -7.471  2.581   -13.722 1.00 102.30 ? 202 EDO A O1  1 
HETATM 1028 C  C2  . EDO C 3 .   ? -6.469  2.502   -15.954 1.00 96.67  ? 202 EDO A C2  1 
HETATM 1029 O  O2  . EDO C 3 .   ? -6.647  3.569   -16.873 1.00 84.99  ? 202 EDO A O2  1 
HETATM 1030 C  C1  . EDO D 3 .   ? 8.890   0.452   2.569   0.62 72.57  ? 203 EDO A C1  1 
HETATM 1031 O  O1  . EDO D 3 .   ? 10.201  0.759   2.154   0.62 73.22  ? 203 EDO A O1  1 
HETATM 1032 C  C2  . EDO D 3 .   ? 8.686   -0.994  2.787   0.62 73.95  ? 203 EDO A C2  1 
HETATM 1033 O  O2  . EDO D 3 .   ? 9.513   -1.514  3.809   0.62 79.06  ? 203 EDO A O2  1 
HETATM 1034 C  C1  . EDO E 3 .   ? -13.014 7.996   3.289   1.00 88.83  ? 204 EDO A C1  1 
HETATM 1035 O  O1  . EDO E 3 .   ? -13.430 6.645   3.417   1.00 83.02  ? 204 EDO A O1  1 
HETATM 1036 C  C2  . EDO E 3 .   ? -12.411 8.582   4.517   1.00 89.45  ? 204 EDO A C2  1 
HETATM 1037 O  O2  . EDO E 3 .   ? -11.589 7.673   5.231   1.00 85.12  ? 204 EDO A O2  1 
HETATM 1038 C  C1  . EDO F 3 .   ? 11.852  -9.251  -10.669 1.00 82.11  ? 205 EDO A C1  1 
HETATM 1039 O  O1  . EDO F 3 .   ? 12.688  -8.264  -11.247 1.00 75.20  ? 205 EDO A O1  1 
HETATM 1040 C  C2  . EDO F 3 .   ? 11.221  -8.807  -9.395  1.00 78.73  ? 205 EDO A C2  1 
HETATM 1041 O  O2  . EDO F 3 .   ? 9.877   -8.397  -9.517  1.00 79.66  ? 205 EDO A O2  1 
HETATM 1042 C  C1  . EDO G 3 .   ? 7.134   -4.044  -12.389 1.00 82.54  ? 206 EDO A C1  1 
HETATM 1043 O  O1  . EDO G 3 .   ? 5.729   -3.966  -12.211 1.00 79.39  ? 206 EDO A O1  1 
HETATM 1044 C  C2  . EDO G 3 .   ? 7.878   -3.942  -11.103 1.00 77.50  ? 206 EDO A C2  1 
HETATM 1045 O  O2  . EDO G 3 .   ? 8.218   -5.180  -10.506 1.00 78.30  ? 206 EDO A O2  1 
HETATM 1046 C  C1  . EDO H 3 .   ? -9.553  -5.204  2.133   1.00 111.02 ? 207 EDO A C1  1 
HETATM 1047 O  O1  . EDO H 3 .   ? -9.633  -3.907  1.581   1.00 96.27  ? 207 EDO A O1  1 
HETATM 1048 C  C2  . EDO H 3 .   ? -9.209  -6.227  1.114   1.00 117.83 ? 207 EDO A C2  1 
HETATM 1049 O  O2  . EDO H 3 .   ? -10.103 -6.259  0.008   1.00 120.98 ? 207 EDO A O2  1 
HETATM 1050 C  C1  . EDO I 3 .   ? -3.158  4.112   13.074  1.00 94.45  ? 208 EDO A C1  1 
HETATM 1051 O  O1  . EDO I 3 .   ? -3.539  5.377   13.577  1.00 85.96  ? 208 EDO A O1  1 
HETATM 1052 C  C2  . EDO I 3 .   ? -2.414  3.266   14.063  1.00 97.54  ? 208 EDO A C2  1 
HETATM 1053 O  O2  . EDO I 3 .   ? -1.847  2.081   13.515  1.00 97.17  ? 208 EDO A O2  1 
HETATM 1054 C  C1  . EDO J 3 .   ? -13.347 1.987   -1.286  1.00 96.25  ? 209 EDO A C1  1 
HETATM 1055 O  O1  . EDO J 3 .   ? -13.983 1.013   -0.476  1.00 82.26  ? 209 EDO A O1  1 
HETATM 1056 C  C2  . EDO J 3 .   ? -12.837 1.446   -2.581  1.00 99.17  ? 209 EDO A C2  1 
HETATM 1057 O  O2  . EDO J 3 .   ? -13.243 2.189   -3.730  1.00 93.17  ? 209 EDO A O2  1 
HETATM 1058 C  C1  . EDO K 3 .   ? -1.151  5.343   -9.437  1.00 93.14  ? 210 EDO A C1  1 
HETATM 1059 O  O1  . EDO K 3 .   ? -2.379  5.024   -10.050 1.00 94.71  ? 210 EDO A O1  1 
HETATM 1060 C  C2  . EDO K 3 .   ? 0.018   4.669   -10.067 1.00 95.37  ? 210 EDO A C2  1 
HETATM 1061 O  O2  . EDO K 3 .   ? 0.934   5.536   -10.720 1.00 94.89  ? 210 EDO A O2  1 
HETATM 1062 CL CL  . CL  L 4 .   ? 12.402  11.416  7.802   0.62 47.58  ? 211 CL  A CL  1 
HETATM 1063 O  O   . HOH M 5 .   ? -11.798 -1.740  5.414   1.00 65.50  ? 301 HOH A O   1 
HETATM 1064 O  O   . HOH M 5 .   ? 2.529   12.148  -11.790 1.00 75.98  ? 302 HOH A O   1 
HETATM 1065 O  O   . HOH M 5 .   ? -14.078 10.358  17.124  1.00 79.23  ? 303 HOH A O   1 
HETATM 1066 O  O   . HOH M 5 .   ? -3.447  -4.046  -14.359 1.00 69.56  ? 304 HOH A O   1 
HETATM 1067 O  O   . HOH M 5 .   ? -14.193 0.605   -5.304  1.00 92.76  ? 305 HOH A O   1 
HETATM 1068 O  O   . HOH M 5 .   ? -7.367  -11.358 2.078   1.00 93.72  ? 306 HOH A O   1 
HETATM 1069 O  O   . HOH M 5 .   ? 5.345   -10.584 5.168   1.00 63.59  ? 307 HOH A O   1 
HETATM 1070 O  O   . HOH M 5 .   ? -4.847  -11.626 -13.447 1.00 86.30  ? 308 HOH A O   1 
HETATM 1071 O  O   . HOH M 5 .   ? -10.643 2.933   1.173   1.00 56.82  ? 309 HOH A O   1 
HETATM 1072 O  O   . HOH M 5 .   ? 11.608  -7.823  -13.387 1.00 83.70  ? 310 HOH A O   1 
HETATM 1073 O  O   . HOH M 5 .   ? -1.178  -6.288  4.958   1.00 54.16  ? 311 HOH A O   1 
HETATM 1074 O  O   . HOH M 5 .   ? 0.023   -15.628 4.667   1.00 83.55  ? 312 HOH A O   1 
HETATM 1075 O  O   . HOH M 5 .   ? 13.455  -17.406 0.459   1.00 63.55  ? 313 HOH A O   1 
HETATM 1076 O  O   . HOH M 5 .   ? -10.839 6.773   -3.208  1.00 53.16  ? 314 HOH A O   1 
HETATM 1077 O  O   . HOH M 5 .   ? -13.113 2.318   1.496   1.00 63.99  ? 315 HOH A O   1 
HETATM 1078 O  O   . HOH M 5 .   ? 4.678   2.666   -16.631 1.00 73.94  ? 316 HOH A O   1 
HETATM 1079 O  O   . HOH M 5 .   ? 10.016  11.941  -4.773  1.00 59.23  ? 317 HOH A O   1 
HETATM 1080 O  O   . HOH M 5 .   ? -3.676  7.949   16.040  1.00 67.44  ? 318 HOH A O   1 
HETATM 1081 O  O   . HOH M 5 .   ? -8.558  -0.678  5.118   1.00 47.71  ? 319 HOH A O   1 
HETATM 1082 O  O   . HOH M 5 .   ? -2.189  -2.054  -10.727 1.00 57.78  ? 320 HOH A O   1 
HETATM 1083 O  O   . HOH M 5 .   ? -8.154  -13.344 0.758   1.00 86.72  ? 321 HOH A O   1 
HETATM 1084 O  O   . HOH M 5 .   ? -5.377  -2.554  -15.424 1.00 80.95  ? 322 HOH A O   1 
HETATM 1085 O  O   . HOH M 5 .   ? -5.657  -1.252  1.551   1.00 50.53  ? 323 HOH A O   1 
HETATM 1086 O  O   . HOH M 5 .   ? -4.001  -1.252  13.153  1.00 79.60  ? 324 HOH A O   1 
HETATM 1087 O  O   . HOH M 5 .   ? -6.537  11.803  -3.357  1.00 59.60  ? 325 HOH A O   1 
HETATM 1088 O  O   . HOH M 5 .   ? -3.556  -5.635  6.449   1.00 112.36 ? 326 HOH A O   1 
HETATM 1089 O  O   . HOH M 5 .   ? -8.276  5.494   -0.714  1.00 48.16  ? 327 HOH A O   1 
HETATM 1090 O  O   . HOH M 5 .   ? 5.465   11.361  6.637   1.00 36.99  ? 328 HOH A O   1 
HETATM 1091 O  O   . HOH M 5 .   ? -3.902  14.826  6.769   1.00 66.99  ? 329 HOH A O   1 
HETATM 1092 O  O   . HOH M 5 .   ? 12.001  -0.866  -10.411 1.00 51.10  ? 330 HOH A O   1 
HETATM 1093 O  O   . HOH M 5 .   ? 11.016  -6.051  1.096   1.00 41.17  ? 331 HOH A O   1 
HETATM 1094 O  O   . HOH M 5 .   ? 5.593   13.904  5.189   1.00 35.83  ? 332 HOH A O   1 
HETATM 1095 O  O   . HOH M 5 .   ? -1.530  -8.764  4.339   1.00 58.34  ? 333 HOH A O   1 
HETATM 1096 O  O   . HOH M 5 .   ? -5.602  5.888   -1.090  1.00 41.77  ? 334 HOH A O   1 
HETATM 1097 O  O   . HOH M 5 .   ? 13.569  11.532  0.239   1.00 51.87  ? 335 HOH A O   1 
HETATM 1098 O  O   . HOH M 5 .   ? 11.918  12.659  -2.814  1.00 48.08  ? 336 HOH A O   1 
HETATM 1099 O  O   . HOH M 5 .   ? 1.934   -10.175 -11.873 1.00 60.08  ? 337 HOH A O   1 
HETATM 1100 O  O   . HOH M 5 .   ? 4.564   16.121  -1.837  1.00 51.23  ? 338 HOH A O   1 
HETATM 1101 O  O   . HOH M 5 .   ? 8.695   -9.213  6.337   1.00 69.39  ? 339 HOH A O   1 
HETATM 1102 O  O   . HOH M 5 .   ? 4.130   -12.526 4.426   1.00 63.13  ? 340 HOH A O   1 
HETATM 1103 O  O   . HOH M 5 .   ? 13.559  -8.728  -6.010  1.00 36.22  ? 341 HOH A O   1 
HETATM 1104 O  O   . HOH M 5 .   ? 0.168   -0.350  -15.144 1.00 62.83  ? 342 HOH A O   1 
HETATM 1105 O  O   . HOH M 5 .   ? 1.573   12.697  5.009   1.00 44.99  ? 343 HOH A O   1 
HETATM 1106 O  O   . HOH M 5 .   ? 10.169  -4.875  3.037   0.62 42.82  ? 344 HOH A O   1 
HETATM 1107 O  O   . HOH M 5 .   ? -6.459  -0.082  -3.388  1.00 48.54  ? 345 HOH A O   1 
HETATM 1108 O  O   . HOH M 5 .   ? 13.075  9.512   0.538   1.00 54.94  ? 346 HOH A O   1 
HETATM 1109 O  O   . HOH M 5 .   ? -10.680 9.887   0.389   1.00 66.50  ? 347 HOH A O   1 
HETATM 1110 O  O   . HOH M 5 .   ? -11.484 15.961  5.235   1.00 66.09  ? 348 HOH A O   1 
HETATM 1111 O  O   . HOH M 5 .   ? 11.248  -12.529 -3.572  1.00 61.20  ? 349 HOH A O   1 
HETATM 1112 O  O   . HOH M 5 .   ? -4.230  -7.872  4.749   1.00 67.44  ? 350 HOH A O   1 
HETATM 1113 O  O   . HOH M 5 .   ? 2.574   11.115  7.032   1.00 39.77  ? 351 HOH A O   1 
HETATM 1114 O  O   . HOH M 5 .   ? 0.952   14.560  -8.235  1.00 73.05  ? 352 HOH A O   1 
HETATM 1115 O  O   . HOH M 5 .   ? -7.886  -8.271  -16.760 1.00 85.60  ? 353 HOH A O   1 
HETATM 1116 O  O   . HOH M 5 .   ? 4.637   -8.654  -10.085 1.00 50.01  ? 354 HOH A O   1 
HETATM 1117 O  O   . HOH M 5 .   ? 12.659  3.741   -7.452  1.00 42.43  ? 355 HOH A O   1 
HETATM 1118 O  O   . HOH M 5 .   ? 1.683   16.357  10.754  1.00 62.16  ? 356 HOH A O   1 
HETATM 1119 O  O   . HOH M 5 .   ? 0.725   -15.878 -7.206  1.00 81.90  ? 357 HOH A O   1 
HETATM 1120 O  O   . HOH M 5 .   ? -10.830 3.900   -2.926  1.00 65.60  ? 358 HOH A O   1 
HETATM 1121 O  O   . HOH M 5 .   ? 2.436   16.211  -7.409  1.00 81.47  ? 359 HOH A O   1 
HETATM 1122 O  O   . HOH M 5 .   ? 15.513  4.260   0.373   1.00 56.25  ? 360 HOH A O   1 
HETATM 1123 O  O   . HOH M 5 .   ? -3.852  13.470  7.984   1.00 60.03  ? 361 HOH A O   1 
HETATM 1124 O  O   . HOH M 5 .   ? -6.436  14.196  -2.186  1.00 66.27  ? 362 HOH A O   1 
HETATM 1125 O  O   . HOH M 5 .   ? -6.659  -14.494 -7.568  1.00 78.47  ? 363 HOH A O   1 
HETATM 1126 O  O   . HOH M 5 .   ? -9.187  9.803   -2.556  1.00 66.77  ? 364 HOH A O   1 
HETATM 1127 O  O   . HOH M 5 .   ? 10.129  -18.990 -1.595  1.00 81.91  ? 365 HOH A O   1 
HETATM 1128 O  O   . HOH M 5 .   ? -9.385  10.002  -5.026  1.00 57.85  ? 366 HOH A O   1 
HETATM 1129 O  O   . HOH M 5 .   ? 17.432  4.695   -1.734  1.00 68.41  ? 367 HOH A O   1 
HETATM 1130 O  O   . HOH M 5 .   ? 13.141  7.867   2.990   0.62 36.52  ? 368 HOH A O   1 
HETATM 1131 O  O   . HOH M 5 .   ? 0.490   -2.436  11.072  1.00 45.25  ? 369 HOH A O   1 
HETATM 1132 O  O   . HOH M 5 .   ? -0.328  -16.849 -9.695  1.00 77.44  ? 370 HOH A O   1 
HETATM 1133 O  O   . HOH M 5 .   ? 1.004   -5.011  -10.339 1.00 72.58  ? 371 HOH A O   1 
HETATM 1134 O  O   . HOH M 5 .   ? -6.763  -15.818 -5.834  1.00 72.59  ? 372 HOH A O   1 
HETATM 1135 O  O   . HOH M 5 .   ? -1.150  -8.323  9.600   1.00 70.50  ? 373 HOH A O   1 
HETATM 1136 O  O   . HOH M 5 .   ? 5.672   7.916   20.270  1.00 59.10  ? 374 HOH A O   1 
HETATM 1137 O  O   . HOH M 5 .   ? -3.123  1.990   20.103  1.00 93.24  ? 375 HOH A O   1 
HETATM 1138 O  O   . HOH M 5 .   ? 13.783  11.685  11.161  1.00 84.26  ? 376 HOH A O   1 
HETATM 1139 O  O   . HOH M 5 .   ? -2.460  4.509   19.393  1.00 79.83  ? 377 HOH A O   1 
HETATM 1140 O  O   . HOH M 5 .   ? -8.499  0.629   -1.475  1.00 53.39  ? 378 HOH A O   1 
HETATM 1141 O  O   . HOH M 5 .   ? 0.493   -3.615  -10.759 1.00 55.33  ? 379 HOH A O   1 
HETATM 1142 O  O   . HOH M 5 .   ? 8.641   2.071   -15.128 1.00 96.79  ? 380 HOH A O   1 
HETATM 1143 O  O   . HOH M 5 .   ? -7.885  -0.846  0.396   1.00 64.60  ? 381 HOH A O   1 
HETATM 1144 O  O   . HOH M 5 .   ? 7.462   1.277   10.884  0.62 63.30  ? 382 HOH A O   1 
HETATM 1145 O  O   . HOH M 5 .   ? -11.122 -1.139  -2.327  1.00 67.29  ? 383 HOH A O   1 
HETATM 1146 O  O   . HOH M 5 .   ? -9.153  3.023   -0.906  1.00 61.11  ? 384 HOH A O   1 
HETATM 1147 O  O   . HOH M 5 .   ? -9.719  0.376   2.924   1.00 68.61  ? 385 HOH A O   1 
HETATM 1148 O  O   . HOH M 5 .   ? -8.504  16.021  8.672   1.00 71.04  ? 386 HOH A O   1 
HETATM 1149 O  O   . HOH M 5 .   ? -0.074  2.627   17.912  1.00 82.30  ? 387 HOH A O   1 
# 
